data_8KBB
#
_entry.id   8KBB
#
_cell.length_a   138.848
_cell.length_b   144.516
_cell.length_c   150.073
_cell.angle_alpha   90.00
_cell.angle_beta   90.00
_cell.angle_gamma   90.00
#
_symmetry.space_group_name_H-M   'P 21 21 21'
#
loop_
_entity.id
_entity.type
_entity.pdbx_description
1 polymer 'Thoeris anti-defense 1'
2 non-polymer 'ZINC ION'
3 water water
#
_entity_poly.entity_id   1
_entity_poly.type   'polypeptide(L)'
_entity_poly.pdbx_seq_one_letter_code
;SSGLVPRGSHMEIKNGLCTQKYTKVYAEDKEKWKFNAPHHFIVGKADCEDEYIEPIEYVNFQEGPIKEYGINGVNNEDLI
LMVITRLQAFQDSPYKCRENAMAITKLQECLMWLGKRTLDREVKGIEGTSEI
;
_entity_poly.pdbx_strand_id   A,B,G,H,I,J,K,L,C,D,E,F
#
# COMPACT_ATOMS: atom_id res chain seq x y z
N GLY A 3 0.47 -30.28 -43.10
CA GLY A 3 -0.34 -30.51 -41.92
C GLY A 3 -1.64 -29.72 -41.86
N LEU A 4 -2.46 -29.83 -42.91
CA LEU A 4 -3.73 -29.15 -42.89
C LEU A 4 -4.84 -30.20 -42.81
N VAL A 5 -6.08 -29.72 -42.86
CA VAL A 5 -7.24 -30.59 -42.74
C VAL A 5 -8.30 -29.83 -43.53
N PRO A 6 -9.33 -30.47 -44.08
CA PRO A 6 -10.37 -29.70 -44.75
C PRO A 6 -11.26 -29.01 -43.74
N ARG A 7 -11.62 -27.76 -44.04
CA ARG A 7 -12.50 -27.04 -43.12
C ARG A 7 -13.87 -27.71 -43.04
N GLY A 8 -14.39 -28.13 -44.19
CA GLY A 8 -15.65 -28.86 -44.20
C GLY A 8 -16.81 -27.99 -43.74
N SER A 9 -17.63 -28.57 -42.87
CA SER A 9 -18.79 -27.88 -42.31
C SER A 9 -18.46 -27.05 -41.07
N HIS A 10 -17.19 -27.01 -40.66
CA HIS A 10 -16.82 -26.27 -39.47
C HIS A 10 -17.10 -24.78 -39.64
N MET A 11 -17.68 -24.18 -38.60
CA MET A 11 -17.90 -22.74 -38.56
C MET A 11 -16.72 -22.06 -37.88
N GLU A 12 -16.35 -20.91 -38.41
CA GLU A 12 -15.30 -20.08 -37.83
C GLU A 12 -15.98 -19.09 -36.89
N ILE A 13 -15.47 -19.00 -35.66
CA ILE A 13 -16.03 -18.09 -34.67
C ILE A 13 -15.44 -16.71 -34.91
N LYS A 14 -16.24 -15.83 -35.48
CA LYS A 14 -15.83 -14.47 -35.82
C LYS A 14 -16.41 -13.55 -34.76
N ASN A 15 -15.55 -12.92 -33.97
CA ASN A 15 -15.99 -12.11 -32.83
C ASN A 15 -15.29 -10.76 -32.88
N GLY A 16 -16.07 -9.68 -32.74
CA GLY A 16 -15.49 -8.34 -32.73
C GLY A 16 -14.41 -8.16 -31.68
N LEU A 17 -14.55 -8.82 -30.53
CA LEU A 17 -13.55 -8.71 -29.49
C LEU A 17 -12.32 -9.56 -29.76
N CYS A 18 -12.27 -10.29 -30.88
CA CYS A 18 -11.13 -11.14 -31.19
C CYS A 18 -10.55 -10.72 -32.53
N THR A 19 -9.23 -10.51 -32.56
CA THR A 19 -8.58 -9.93 -33.73
C THR A 19 -8.20 -10.96 -34.78
N GLN A 20 -8.16 -12.24 -34.43
CA GLN A 20 -7.70 -13.31 -35.34
C GLN A 20 -6.33 -13.00 -35.93
N LYS A 21 -5.51 -12.26 -35.19
CA LYS A 21 -4.21 -11.86 -35.71
C LYS A 21 -3.34 -13.08 -35.98
N TYR A 22 -3.25 -13.99 -35.01
CA TYR A 22 -2.43 -15.19 -35.14
C TYR A 22 -3.24 -16.47 -35.25
N THR A 23 -4.39 -16.54 -34.59
CA THR A 23 -5.14 -17.78 -34.47
C THR A 23 -6.59 -17.54 -34.83
N LYS A 24 -7.22 -18.55 -35.42
CA LYS A 24 -8.64 -18.60 -35.66
C LYS A 24 -9.24 -19.74 -34.85
N VAL A 25 -10.44 -19.54 -34.38
CA VAL A 25 -11.13 -20.53 -33.58
C VAL A 25 -12.29 -21.04 -34.37
N TYR A 26 -12.44 -22.34 -34.37
CA TYR A 26 -13.50 -22.97 -35.11
C TYR A 26 -14.29 -23.90 -34.28
N ALA A 27 -15.57 -23.98 -34.54
CA ALA A 27 -16.36 -25.00 -33.92
C ALA A 27 -17.04 -25.80 -34.97
N GLU A 28 -17.79 -26.78 -34.54
CA GLU A 28 -18.57 -27.58 -35.41
C GLU A 28 -19.78 -26.90 -35.95
N ASP A 29 -20.35 -27.42 -37.02
CA ASP A 29 -21.49 -26.86 -37.69
C ASP A 29 -22.62 -26.74 -36.73
N LYS A 30 -23.40 -25.70 -36.89
CA LYS A 30 -24.52 -25.46 -36.01
C LYS A 30 -25.45 -26.61 -36.07
N GLU A 31 -25.59 -27.24 -37.22
CA GLU A 31 -26.42 -28.41 -37.40
C GLU A 31 -25.99 -29.57 -36.59
N LYS A 32 -24.73 -29.61 -36.21
CA LYS A 32 -24.24 -30.62 -35.34
C LYS A 32 -24.16 -30.25 -33.88
N TRP A 33 -24.72 -29.17 -33.46
CA TRP A 33 -24.69 -28.84 -32.06
C TRP A 33 -25.58 -29.71 -31.25
N LYS A 34 -25.05 -30.21 -30.17
CA LYS A 34 -25.85 -31.04 -29.29
C LYS A 34 -26.25 -30.23 -28.06
N PHE A 35 -27.51 -30.38 -27.66
CA PHE A 35 -27.99 -29.80 -26.41
C PHE A 35 -27.77 -28.28 -26.37
N ASN A 36 -28.01 -27.64 -27.52
CA ASN A 36 -28.03 -26.19 -27.71
C ASN A 36 -26.65 -25.51 -27.75
N ALA A 37 -25.53 -26.24 -27.90
CA ALA A 37 -24.24 -25.58 -27.79
C ALA A 37 -23.16 -26.33 -28.55
N PRO A 38 -22.12 -25.63 -29.01
CA PRO A 38 -20.95 -26.33 -29.58
C PRO A 38 -20.09 -26.96 -28.50
N HIS A 39 -19.49 -28.10 -28.84
CA HIS A 39 -18.66 -28.86 -27.92
C HIS A 39 -17.29 -29.22 -28.45
N HIS A 40 -17.00 -28.97 -29.74
CA HIS A 40 -15.80 -29.47 -30.40
C HIS A 40 -15.15 -28.32 -31.14
N PHE A 41 -14.17 -27.69 -30.51
CA PHE A 41 -13.50 -26.51 -31.00
C PHE A 41 -12.11 -26.86 -31.51
N ILE A 42 -11.65 -26.10 -32.49
CA ILE A 42 -10.30 -26.19 -33.03
C ILE A 42 -9.71 -24.79 -33.02
N VAL A 43 -8.47 -24.67 -32.55
CA VAL A 43 -7.68 -23.47 -32.74
C VAL A 43 -6.69 -23.79 -33.85
N GLY A 44 -6.79 -23.03 -34.94
CA GLY A 44 -5.90 -23.20 -36.08
C GLY A 44 -5.18 -21.91 -36.40
N LYS A 45 -4.14 -22.05 -37.23
CA LYS A 45 -3.38 -20.88 -37.66
C LYS A 45 -4.23 -20.01 -38.58
N ALA A 46 -4.26 -18.71 -38.30
CA ALA A 46 -5.16 -17.82 -39.03
C ALA A 46 -4.75 -17.67 -40.49
N ASP A 47 -3.46 -17.81 -40.80
CA ASP A 47 -2.94 -17.65 -42.16
C ASP A 47 -3.21 -18.93 -42.94
N CYS A 48 -4.49 -19.10 -43.26
CA CYS A 48 -5.00 -20.32 -43.88
C CYS A 48 -6.18 -19.89 -44.75
N GLU A 49 -6.28 -20.47 -45.93
CA GLU A 49 -7.45 -20.19 -46.75
C GLU A 49 -8.70 -20.75 -46.07
N ASP A 50 -9.85 -20.16 -46.38
CA ASP A 50 -11.12 -20.52 -45.74
C ASP A 50 -11.46 -21.99 -45.94
N GLU A 51 -10.69 -22.65 -46.78
CA GLU A 51 -10.97 -23.95 -47.33
C GLU A 51 -10.29 -25.05 -46.54
N TYR A 52 -9.47 -24.66 -45.57
CA TYR A 52 -8.69 -25.56 -44.74
C TYR A 52 -8.69 -24.99 -43.33
N ILE A 53 -8.34 -25.86 -42.38
CA ILE A 53 -8.00 -25.45 -41.04
C ILE A 53 -6.57 -25.90 -40.79
N GLU A 54 -5.77 -25.05 -40.15
CA GLU A 54 -4.41 -25.41 -39.80
C GLU A 54 -4.33 -25.72 -38.30
N PRO A 55 -4.74 -26.92 -37.89
CA PRO A 55 -4.95 -27.17 -36.46
C PRO A 55 -3.71 -26.88 -35.61
N ILE A 56 -3.92 -26.12 -34.55
CA ILE A 56 -2.93 -25.94 -33.49
C ILE A 56 -3.36 -26.79 -32.32
N GLU A 57 -4.68 -26.90 -32.13
CA GLU A 57 -5.15 -27.51 -30.89
C GLU A 57 -6.61 -27.85 -31.02
N TYR A 58 -7.02 -28.95 -30.37
CA TYR A 58 -8.41 -29.36 -30.30
C TYR A 58 -8.88 -29.27 -28.85
N VAL A 59 -10.11 -28.81 -28.66
CA VAL A 59 -10.69 -28.67 -27.33
C VAL A 59 -12.11 -29.21 -27.37
N ASN A 60 -12.38 -30.22 -26.56
CA ASN A 60 -13.68 -30.85 -26.56
C ASN A 60 -14.32 -30.71 -25.18
N PHE A 61 -15.56 -30.21 -25.17
CA PHE A 61 -16.30 -29.94 -23.94
C PHE A 61 -17.21 -31.13 -23.61
N GLN A 62 -17.39 -31.37 -22.31
CA GLN A 62 -18.33 -32.39 -21.86
C GLN A 62 -19.62 -32.32 -22.66
N GLU A 63 -19.92 -33.39 -23.38
CA GLU A 63 -21.07 -33.47 -24.27
C GLU A 63 -22.01 -34.56 -23.80
N GLY A 64 -23.24 -34.18 -23.48
CA GLY A 64 -24.24 -35.15 -23.07
C GLY A 64 -24.12 -35.50 -21.61
N PRO A 65 -25.15 -36.15 -21.07
CA PRO A 65 -25.15 -36.46 -19.63
C PRO A 65 -24.06 -37.45 -19.27
N ILE A 66 -23.45 -37.23 -18.11
CA ILE A 66 -22.13 -37.77 -17.84
C ILE A 66 -22.18 -39.29 -17.67
N LYS A 67 -23.23 -39.83 -17.03
CA LYS A 67 -23.31 -41.28 -16.84
C LYS A 67 -23.78 -42.00 -18.12
N GLU A 68 -24.40 -41.27 -19.05
CA GLU A 68 -24.76 -41.96 -20.30
C GLU A 68 -23.58 -42.06 -21.25
N TYR A 69 -22.72 -41.04 -21.29
CA TYR A 69 -21.63 -40.98 -22.25
C TYR A 69 -20.25 -40.87 -21.64
N GLY A 70 -20.11 -40.87 -20.32
CA GLY A 70 -18.82 -40.76 -19.68
C GLY A 70 -18.32 -39.32 -19.64
N ILE A 71 -17.26 -39.10 -18.86
CA ILE A 71 -16.61 -37.80 -18.89
C ILE A 71 -15.83 -37.72 -20.20
N ASN A 72 -16.37 -36.99 -21.18
CA ASN A 72 -15.85 -36.96 -22.55
C ASN A 72 -15.38 -35.57 -22.96
N GLY A 73 -15.08 -34.69 -22.01
CA GLY A 73 -14.57 -33.38 -22.36
C GLY A 73 -14.46 -32.49 -21.15
N VAL A 74 -14.00 -31.26 -21.43
CA VAL A 74 -13.67 -30.30 -20.38
C VAL A 74 -14.91 -29.49 -20.02
N ASN A 75 -14.78 -28.66 -18.99
CA ASN A 75 -15.80 -27.67 -18.65
C ASN A 75 -15.29 -26.26 -18.90
N ASN A 76 -16.23 -25.33 -19.08
CA ASN A 76 -15.91 -23.91 -19.15
C ASN A 76 -15.01 -23.49 -18.00
N GLU A 77 -15.34 -23.93 -16.79
CA GLU A 77 -14.57 -23.58 -15.61
C GLU A 77 -13.12 -24.01 -15.74
N ASP A 78 -12.83 -25.12 -16.42
CA ASP A 78 -11.46 -25.59 -16.50
C ASP A 78 -10.60 -24.64 -17.32
N LEU A 79 -11.09 -24.24 -18.51
CA LEU A 79 -10.35 -23.32 -19.35
C LEU A 79 -10.19 -21.97 -18.66
N ILE A 80 -11.23 -21.51 -17.97
CA ILE A 80 -11.08 -20.24 -17.26
C ILE A 80 -10.02 -20.38 -16.17
N LEU A 81 -9.94 -21.55 -15.54
CA LEU A 81 -8.94 -21.75 -14.50
C LEU A 81 -7.52 -21.74 -15.07
N MET A 82 -7.35 -22.29 -16.27
CA MET A 82 -6.04 -22.24 -16.90
C MET A 82 -5.64 -20.80 -17.17
N VAL A 83 -6.58 -20.01 -17.72
CA VAL A 83 -6.22 -18.64 -18.07
C VAL A 83 -5.93 -17.83 -16.81
N ILE A 84 -6.70 -18.05 -15.74
CA ILE A 84 -6.42 -17.34 -14.50
C ILE A 84 -5.02 -17.69 -13.99
N THR A 85 -4.68 -18.99 -14.02
CA THR A 85 -3.37 -19.42 -13.53
C THR A 85 -2.25 -18.77 -14.34
N ARG A 86 -2.39 -18.75 -15.66
CA ARG A 86 -1.36 -18.13 -16.48
C ARG A 86 -1.26 -16.63 -16.22
N LEU A 87 -2.40 -15.95 -16.14
CA LEU A 87 -2.34 -14.50 -15.94
C LEU A 87 -1.77 -14.16 -14.58
N GLN A 88 -2.06 -14.97 -13.56
CA GLN A 88 -1.45 -14.76 -12.25
C GLN A 88 0.06 -14.99 -12.31
N ALA A 89 0.51 -16.01 -13.03
CA ALA A 89 1.94 -16.19 -13.27
C ALA A 89 2.53 -14.93 -13.89
N PHE A 90 1.91 -14.43 -14.95
CA PHE A 90 2.37 -13.19 -15.58
C PHE A 90 2.42 -12.04 -14.57
N GLN A 91 1.45 -12.00 -13.65
CA GLN A 91 1.45 -10.95 -12.63
C GLN A 91 2.64 -11.09 -11.68
N ASP A 92 3.14 -12.32 -11.52
CA ASP A 92 4.38 -12.55 -10.80
C ASP A 92 5.56 -12.63 -11.78
N SER A 93 5.77 -11.55 -12.52
CA SER A 93 6.80 -11.55 -13.57
C SER A 93 7.12 -10.10 -13.97
N PRO A 94 8.11 -9.87 -14.83
CA PRO A 94 8.33 -8.51 -15.35
C PRO A 94 7.16 -7.95 -16.16
N TYR A 95 6.19 -8.79 -16.56
CA TYR A 95 5.08 -8.35 -17.39
C TYR A 95 3.87 -7.95 -16.58
N LYS A 96 4.00 -7.89 -15.25
CA LYS A 96 2.92 -7.43 -14.39
C LYS A 96 2.33 -6.12 -14.89
N CYS A 97 1.00 -6.01 -14.85
CA CYS A 97 0.33 -4.80 -15.31
C CYS A 97 -1.12 -4.80 -14.88
N ARG A 98 -1.68 -3.59 -14.84
CA ARG A 98 -3.05 -3.40 -14.37
C ARG A 98 -4.07 -4.10 -15.29
N GLU A 99 -3.81 -4.15 -16.60
CA GLU A 99 -4.72 -4.83 -17.52
C GLU A 99 -4.87 -6.31 -17.13
N ASN A 100 -3.75 -6.96 -16.78
CA ASN A 100 -3.81 -8.34 -16.33
C ASN A 100 -4.61 -8.47 -15.04
N ALA A 101 -4.38 -7.55 -14.09
CA ALA A 101 -5.09 -7.63 -12.83
C ALA A 101 -6.60 -7.48 -13.02
N MET A 102 -6.99 -6.57 -13.91
CA MET A 102 -8.41 -6.43 -14.21
C MET A 102 -8.95 -7.71 -14.83
N ALA A 103 -8.22 -8.26 -15.82
CA ALA A 103 -8.64 -9.50 -16.47
C ALA A 103 -8.87 -10.59 -15.45
N ILE A 104 -7.90 -10.78 -14.54
CA ILE A 104 -8.01 -11.80 -13.49
C ILE A 104 -9.27 -11.56 -12.66
N THR A 105 -9.50 -10.31 -12.25
CA THR A 105 -10.69 -10.01 -11.46
C THR A 105 -11.96 -10.42 -12.21
N LYS A 106 -12.02 -10.10 -13.50
CA LYS A 106 -13.19 -10.46 -14.30
C LYS A 106 -13.35 -11.97 -14.35
N LEU A 107 -12.25 -12.70 -14.55
CA LEU A 107 -12.34 -14.16 -14.68
C LEU A 107 -12.80 -14.79 -13.37
N GLN A 108 -12.28 -14.29 -12.24
CA GLN A 108 -12.75 -14.76 -10.95
C GLN A 108 -14.24 -14.46 -10.75
N GLU A 109 -14.71 -13.27 -11.14
CA GLU A 109 -16.14 -12.99 -10.99
C GLU A 109 -16.97 -13.85 -11.94
N CYS A 110 -16.46 -14.14 -13.13
CA CYS A 110 -17.14 -15.08 -14.03
C CYS A 110 -17.32 -16.43 -13.36
N LEU A 111 -16.23 -16.96 -12.80
CA LEU A 111 -16.34 -18.22 -12.06
C LEU A 111 -17.37 -18.12 -10.94
N MET A 112 -17.41 -16.98 -10.25
CA MET A 112 -18.40 -16.86 -9.17
C MET A 112 -19.81 -16.93 -9.71
N TRP A 113 -20.08 -16.32 -10.87
CA TRP A 113 -21.45 -16.30 -11.37
C TRP A 113 -21.88 -17.68 -11.90
N LEU A 114 -20.98 -18.37 -12.61
CA LEU A 114 -21.29 -19.73 -13.04
C LEU A 114 -21.53 -20.64 -11.82
N GLY A 115 -20.68 -20.49 -10.81
CA GLY A 115 -20.84 -21.29 -9.61
C GLY A 115 -22.13 -20.98 -8.90
N LYS A 116 -22.56 -19.72 -8.93
CA LYS A 116 -23.83 -19.37 -8.31
C LYS A 116 -24.97 -20.11 -8.96
N ARG A 117 -24.95 -20.20 -10.29
CA ARG A 117 -25.99 -21.00 -10.93
C ARG A 117 -25.98 -22.42 -10.38
N THR A 118 -24.79 -23.02 -10.28
CA THR A 118 -24.71 -24.38 -9.73
C THR A 118 -25.30 -24.45 -8.32
N LEU A 119 -24.89 -23.53 -7.43
CA LEU A 119 -25.32 -23.58 -6.03
C LEU A 119 -26.82 -23.36 -5.89
N ASP A 120 -27.36 -22.41 -6.66
CA ASP A 120 -28.80 -22.20 -6.69
C ASP A 120 -29.52 -23.48 -7.09
N ARG A 121 -29.00 -24.17 -8.10
CA ARG A 121 -29.63 -25.42 -8.52
C ARG A 121 -29.55 -26.47 -7.42
N GLU A 122 -28.43 -26.49 -6.67
CA GLU A 122 -28.29 -27.49 -5.61
C GLU A 122 -29.25 -27.24 -4.46
N VAL A 123 -29.49 -25.98 -4.11
CA VAL A 123 -30.51 -25.68 -3.11
C VAL A 123 -31.88 -26.16 -3.58
N LYS A 124 -32.13 -26.12 -4.89
CA LYS A 124 -33.39 -26.56 -5.48
C LYS A 124 -33.35 -28.01 -5.95
N GLY A 125 -32.25 -28.73 -5.74
CA GLY A 125 -32.25 -30.17 -5.83
C GLY A 125 -31.89 -30.81 -7.15
N ILE A 126 -31.24 -30.08 -8.06
CA ILE A 126 -30.81 -30.69 -9.32
C ILE A 126 -29.59 -30.00 -9.87
N GLU A 127 -28.47 -30.72 -9.98
CA GLU A 127 -27.44 -30.19 -10.84
C GLU A 127 -26.58 -31.36 -11.30
N GLY A 128 -26.25 -31.37 -12.58
CA GLY A 128 -25.45 -32.44 -13.14
C GLY A 128 -26.26 -33.48 -13.89
N SER B 1 -5.58 -47.64 -17.69
CA SER B 1 -4.31 -48.30 -17.92
C SER B 1 -3.68 -47.64 -19.08
N SER B 2 -4.28 -47.81 -20.24
CA SER B 2 -3.81 -47.15 -21.40
C SER B 2 -4.09 -45.66 -21.15
N GLY B 3 -5.19 -45.33 -20.51
CA GLY B 3 -5.46 -43.95 -20.15
C GLY B 3 -4.56 -43.28 -19.14
N LEU B 4 -4.22 -43.98 -18.07
CA LEU B 4 -3.44 -43.39 -17.03
C LEU B 4 -2.03 -43.02 -17.42
N VAL B 5 -1.57 -41.86 -16.96
CA VAL B 5 -0.21 -41.44 -17.20
C VAL B 5 0.29 -40.97 -15.84
N PRO B 6 1.59 -41.06 -15.63
CA PRO B 6 2.10 -40.70 -14.31
C PRO B 6 2.06 -39.22 -14.02
N ARG B 7 1.69 -38.86 -12.80
CA ARG B 7 1.63 -37.48 -12.45
C ARG B 7 2.97 -36.88 -12.52
N GLY B 8 3.91 -37.50 -11.85
CA GLY B 8 5.25 -37.03 -11.94
C GLY B 8 5.46 -35.59 -11.64
N SER B 9 6.07 -34.94 -12.58
CA SER B 9 6.28 -33.55 -12.44
C SER B 9 5.07 -32.82 -13.00
N HIS B 10 3.94 -32.90 -12.31
CA HIS B 10 2.79 -32.16 -12.72
C HIS B 10 2.24 -31.60 -11.48
N MET B 11 1.84 -30.35 -11.55
CA MET B 11 1.24 -29.72 -10.42
C MET B 11 -0.27 -29.71 -10.61
N GLU B 12 -0.99 -29.87 -9.52
CA GLU B 12 -2.44 -29.85 -9.59
C GLU B 12 -2.92 -28.45 -9.29
N ILE B 13 -3.74 -27.90 -10.17
CA ILE B 13 -4.19 -26.51 -10.08
C ILE B 13 -5.43 -26.51 -9.21
N LYS B 14 -5.27 -26.25 -7.91
CA LYS B 14 -6.39 -26.18 -7.00
C LYS B 14 -6.81 -24.72 -6.82
N ASN B 15 -8.09 -24.45 -7.06
CA ASN B 15 -8.66 -23.11 -6.90
C ASN B 15 -9.99 -23.26 -6.20
N GLY B 16 -10.17 -22.54 -5.08
CA GLY B 16 -11.39 -22.66 -4.30
C GLY B 16 -12.65 -22.35 -5.10
N LEU B 17 -12.54 -21.57 -6.17
CA LEU B 17 -13.69 -21.23 -6.99
C LEU B 17 -14.07 -22.34 -7.96
N CYS B 18 -13.23 -23.36 -8.14
CA CYS B 18 -13.52 -24.46 -9.02
C CYS B 18 -13.91 -25.69 -8.21
N THR B 19 -14.94 -26.40 -8.67
CA THR B 19 -15.58 -27.44 -7.87
C THR B 19 -14.80 -28.76 -7.83
N GLN B 20 -13.93 -29.03 -8.81
CA GLN B 20 -13.18 -30.28 -8.94
C GLN B 20 -14.05 -31.54 -8.91
N LYS B 21 -15.36 -31.44 -9.12
CA LYS B 21 -16.22 -32.61 -8.90
C LYS B 21 -15.87 -33.75 -9.85
N TYR B 22 -15.88 -33.49 -11.15
CA TYR B 22 -15.59 -34.54 -12.12
C TYR B 22 -14.19 -34.45 -12.72
N THR B 23 -13.59 -33.26 -12.77
CA THR B 23 -12.30 -33.09 -13.41
C THR B 23 -11.34 -32.37 -12.47
N LYS B 24 -10.06 -32.55 -12.77
CA LYS B 24 -8.97 -31.84 -12.14
C LYS B 24 -8.09 -31.24 -13.22
N VAL B 25 -7.46 -30.11 -12.90
CA VAL B 25 -6.56 -29.41 -13.81
C VAL B 25 -5.13 -29.56 -13.32
N TYR B 26 -4.24 -29.99 -14.21
CA TYR B 26 -2.83 -30.13 -13.94
C TYR B 26 -2.06 -29.27 -14.92
N ALA B 27 -0.84 -28.91 -14.55
CA ALA B 27 0.08 -28.24 -15.44
C ALA B 27 1.48 -28.76 -15.18
N GLU B 28 2.41 -28.40 -16.07
CA GLU B 28 3.81 -28.75 -15.76
C GLU B 28 4.27 -28.05 -14.48
N ASP B 29 5.29 -28.61 -13.83
CA ASP B 29 5.75 -28.05 -12.58
C ASP B 29 6.25 -26.64 -12.76
N LYS B 30 6.06 -25.83 -11.72
CA LYS B 30 6.58 -24.47 -11.72
C LYS B 30 8.04 -24.41 -12.10
N GLU B 31 8.80 -25.43 -11.72
CA GLU B 31 10.23 -25.38 -12.03
C GLU B 31 10.46 -25.39 -13.54
N LYS B 32 9.55 -26.00 -14.30
CA LYS B 32 9.75 -26.13 -15.74
C LYS B 32 9.05 -25.04 -16.53
N TRP B 33 8.38 -24.11 -15.86
CA TRP B 33 7.72 -23.03 -16.57
C TRP B 33 8.73 -22.24 -17.40
N LYS B 34 8.48 -22.15 -18.68
CA LYS B 34 9.22 -21.26 -19.54
C LYS B 34 8.49 -19.93 -19.63
N PHE B 35 9.24 -18.86 -19.84
CA PHE B 35 8.66 -17.52 -20.12
C PHE B 35 7.65 -17.08 -19.05
N ASN B 36 7.88 -17.51 -17.81
CA ASN B 36 7.24 -17.05 -16.57
C ASN B 36 5.87 -17.64 -16.31
N ALA B 37 5.37 -18.55 -17.14
CA ALA B 37 4.01 -19.08 -17.00
C ALA B 37 3.97 -20.48 -17.32
N PRO B 38 3.00 -21.30 -16.82
CA PRO B 38 2.74 -22.63 -17.29
C PRO B 38 2.14 -22.60 -18.68
N HIS B 39 2.56 -23.54 -19.53
CA HIS B 39 2.03 -23.64 -20.89
C HIS B 39 1.45 -24.99 -21.25
N HIS B 40 1.56 -26.00 -20.39
CA HIS B 40 1.22 -27.38 -20.74
C HIS B 40 0.27 -27.90 -19.67
N PHE B 41 -1.03 -27.78 -19.98
CA PHE B 41 -2.13 -28.09 -19.08
C PHE B 41 -2.79 -29.39 -19.51
N ILE B 42 -3.28 -30.11 -18.52
CA ILE B 42 -3.98 -31.37 -18.72
C ILE B 42 -5.25 -31.32 -17.89
N VAL B 43 -6.39 -31.52 -18.52
CA VAL B 43 -7.62 -31.81 -17.79
C VAL B 43 -7.73 -33.32 -17.69
N GLY B 44 -7.87 -33.81 -16.47
CA GLY B 44 -7.99 -35.23 -16.22
C GLY B 44 -9.15 -35.53 -15.30
N LYS B 45 -9.51 -36.82 -15.22
CA LYS B 45 -10.59 -37.23 -14.35
C LYS B 45 -10.18 -37.12 -12.89
N ALA B 46 -11.07 -36.53 -12.07
CA ALA B 46 -10.75 -36.34 -10.66
C ALA B 46 -10.68 -37.66 -9.92
N ASP B 47 -11.47 -38.64 -10.33
CA ASP B 47 -11.60 -39.91 -9.62
C ASP B 47 -10.46 -40.85 -9.99
N CYS B 48 -9.26 -40.39 -9.64
CA CYS B 48 -8.01 -41.04 -9.98
C CYS B 48 -7.16 -41.06 -8.71
N GLU B 49 -6.19 -41.97 -8.65
CA GLU B 49 -5.26 -41.89 -7.53
C GLU B 49 -4.30 -40.73 -7.77
N ASP B 50 -3.91 -40.06 -6.68
CA ASP B 50 -3.07 -38.88 -6.82
C ASP B 50 -1.73 -39.19 -7.49
N GLU B 51 -1.38 -40.48 -7.58
CA GLU B 51 -0.14 -40.88 -8.26
C GLU B 51 -0.20 -40.67 -9.76
N TYR B 52 -1.40 -40.75 -10.35
CA TYR B 52 -1.55 -40.69 -11.79
C TYR B 52 -2.49 -39.56 -12.18
N ILE B 53 -2.47 -39.26 -13.47
CA ILE B 53 -3.44 -38.42 -14.13
C ILE B 53 -4.17 -39.28 -15.16
N GLU B 54 -5.48 -39.10 -15.29
CA GLU B 54 -6.25 -39.73 -16.36
C GLU B 54 -6.63 -38.65 -17.36
N PRO B 55 -5.77 -38.36 -18.34
CA PRO B 55 -6.02 -37.23 -19.24
C PRO B 55 -7.35 -37.34 -19.99
N ILE B 56 -8.15 -36.29 -19.84
CA ILE B 56 -9.29 -36.06 -20.73
C ILE B 56 -8.88 -35.22 -21.91
N GLU B 57 -8.02 -34.21 -21.67
CA GLU B 57 -7.72 -33.22 -22.69
C GLU B 57 -6.37 -32.58 -22.39
N TYR B 58 -5.64 -32.25 -23.44
CA TYR B 58 -4.39 -31.51 -23.35
C TYR B 58 -4.61 -30.14 -23.96
N VAL B 59 -4.19 -29.10 -23.25
CA VAL B 59 -4.22 -27.75 -23.79
C VAL B 59 -2.81 -27.17 -23.67
N ASN B 60 -2.25 -26.76 -24.80
CA ASN B 60 -0.90 -26.22 -24.84
C ASN B 60 -0.95 -24.79 -25.33
N PHE B 61 -0.43 -23.89 -24.50
CA PHE B 61 -0.49 -22.47 -24.79
C PHE B 61 0.74 -22.04 -25.57
N GLN B 62 0.55 -21.00 -26.38
CA GLN B 62 1.63 -20.37 -27.12
C GLN B 62 2.81 -20.13 -26.18
N GLU B 63 3.93 -20.82 -26.44
CA GLU B 63 5.09 -20.83 -25.55
C GLU B 63 6.22 -20.04 -26.19
N GLY B 64 6.58 -18.91 -25.59
CA GLY B 64 7.56 -18.04 -26.16
C GLY B 64 6.93 -17.10 -27.17
N PRO B 65 7.40 -15.85 -27.19
CA PRO B 65 6.81 -14.84 -28.08
C PRO B 65 6.71 -15.30 -29.52
N ILE B 66 5.56 -15.01 -30.14
CA ILE B 66 5.23 -15.54 -31.47
C ILE B 66 6.22 -15.02 -32.50
N LYS B 67 6.48 -13.71 -32.47
CA LYS B 67 7.46 -13.10 -33.36
C LYS B 67 8.77 -13.87 -33.38
N GLU B 68 9.16 -14.43 -32.23
CA GLU B 68 10.48 -15.01 -32.05
C GLU B 68 10.46 -16.51 -32.31
N TYR B 69 9.41 -17.18 -31.84
CA TYR B 69 9.29 -18.63 -31.82
C TYR B 69 8.20 -19.17 -32.73
N GLY B 70 7.43 -18.32 -33.40
CA GLY B 70 6.32 -18.79 -34.21
C GLY B 70 5.17 -19.38 -33.40
N ILE B 71 4.11 -19.74 -34.12
CA ILE B 71 2.88 -20.20 -33.48
C ILE B 71 3.02 -21.66 -33.10
N ASN B 72 2.87 -21.96 -31.80
CA ASN B 72 3.02 -23.32 -31.29
C ASN B 72 1.96 -23.69 -30.25
N GLY B 73 0.92 -22.88 -30.07
CA GLY B 73 -0.05 -23.15 -29.02
C GLY B 73 -1.15 -22.11 -29.06
N VAL B 74 -2.13 -22.29 -28.19
CA VAL B 74 -3.29 -21.40 -28.16
C VAL B 74 -3.02 -20.23 -27.23
N ASN B 75 -3.83 -19.19 -27.35
CA ASN B 75 -3.78 -18.02 -26.49
C ASN B 75 -4.98 -17.98 -25.57
N ASN B 76 -4.80 -17.33 -24.42
CA ASN B 76 -5.88 -17.11 -23.46
C ASN B 76 -7.17 -16.67 -24.15
N GLU B 77 -7.03 -15.73 -25.09
CA GLU B 77 -8.19 -15.19 -25.79
C GLU B 77 -8.96 -16.28 -26.54
N ASP B 78 -8.25 -17.29 -27.06
CA ASP B 78 -8.93 -18.37 -27.79
C ASP B 78 -9.87 -19.13 -26.87
N LEU B 79 -9.37 -19.52 -25.70
CA LEU B 79 -10.20 -20.30 -24.79
C LEU B 79 -11.35 -19.48 -24.25
N ILE B 80 -11.10 -18.19 -23.97
CA ILE B 80 -12.18 -17.34 -23.51
C ILE B 80 -13.23 -17.19 -24.59
N LEU B 81 -12.82 -17.12 -25.85
CA LEU B 81 -13.79 -17.01 -26.94
C LEU B 81 -14.67 -18.25 -26.99
N MET B 82 -14.03 -19.43 -26.89
CA MET B 82 -14.77 -20.69 -26.82
C MET B 82 -15.85 -20.63 -25.76
N VAL B 83 -15.46 -20.19 -24.55
CA VAL B 83 -16.40 -20.21 -23.44
C VAL B 83 -17.53 -19.21 -23.66
N ILE B 84 -17.20 -18.00 -24.12
CA ILE B 84 -18.23 -17.02 -24.45
C ILE B 84 -19.20 -17.62 -25.46
N THR B 85 -18.68 -18.26 -26.51
CA THR B 85 -19.53 -18.78 -27.57
C THR B 85 -20.49 -19.83 -27.03
N ARG B 86 -20.00 -20.73 -26.18
CA ARG B 86 -20.90 -21.73 -25.58
C ARG B 86 -21.94 -21.07 -24.70
N LEU B 87 -21.53 -20.11 -23.87
CA LEU B 87 -22.47 -19.48 -22.95
C LEU B 87 -23.53 -18.68 -23.71
N GLN B 88 -23.13 -18.03 -24.80
CA GLN B 88 -24.09 -17.34 -25.64
C GLN B 88 -25.06 -18.33 -26.26
N ALA B 89 -24.56 -19.50 -26.68
CA ALA B 89 -25.47 -20.54 -27.18
C ALA B 89 -26.47 -20.94 -26.10
N PHE B 90 -26.01 -21.11 -24.86
CA PHE B 90 -26.95 -21.44 -23.78
C PHE B 90 -27.95 -20.33 -23.55
N GLN B 91 -27.53 -19.08 -23.71
CA GLN B 91 -28.47 -17.97 -23.56
C GLN B 91 -29.52 -18.01 -24.64
N ASP B 92 -29.15 -18.44 -25.84
CA ASP B 92 -30.05 -18.59 -26.98
C ASP B 92 -30.67 -19.99 -26.96
N SER B 93 -31.30 -20.35 -25.86
CA SER B 93 -31.80 -21.71 -25.67
C SER B 93 -32.84 -21.67 -24.57
N PRO B 94 -33.59 -22.77 -24.38
CA PRO B 94 -34.52 -22.83 -23.24
C PRO B 94 -33.87 -22.56 -21.88
N TYR B 95 -32.54 -22.58 -21.81
CA TYR B 95 -31.82 -22.52 -20.55
C TYR B 95 -31.26 -21.13 -20.25
N LYS B 96 -31.77 -20.11 -20.93
CA LYS B 96 -31.36 -18.73 -20.68
C LYS B 96 -31.47 -18.41 -19.20
N CYS B 97 -30.40 -17.84 -18.64
CA CYS B 97 -30.48 -17.41 -17.25
C CYS B 97 -29.52 -16.25 -17.01
N ARG B 98 -29.77 -15.56 -15.91
CA ARG B 98 -29.04 -14.34 -15.57
C ARG B 98 -27.58 -14.61 -15.20
N GLU B 99 -27.29 -15.75 -14.58
CA GLU B 99 -25.92 -16.10 -14.21
C GLU B 99 -25.03 -16.22 -15.45
N ASN B 100 -25.51 -16.92 -16.49
CA ASN B 100 -24.78 -16.97 -17.74
C ASN B 100 -24.62 -15.57 -18.34
N ALA B 101 -25.64 -14.72 -18.21
CA ALA B 101 -25.53 -13.37 -18.74
C ALA B 101 -24.41 -12.60 -18.05
N MET B 102 -24.33 -12.74 -16.73
CA MET B 102 -23.25 -12.09 -15.99
C MET B 102 -21.90 -12.66 -16.40
N ALA B 103 -21.81 -13.98 -16.53
CA ALA B 103 -20.54 -14.58 -16.88
C ALA B 103 -20.09 -14.14 -18.27
N ILE B 104 -21.04 -13.99 -19.20
CA ILE B 104 -20.68 -13.51 -20.52
C ILE B 104 -20.14 -12.09 -20.42
N THR B 105 -20.84 -11.22 -19.68
CA THR B 105 -20.36 -9.87 -19.47
C THR B 105 -18.94 -9.86 -18.90
N LYS B 106 -18.67 -10.70 -17.89
CA LYS B 106 -17.35 -10.73 -17.26
C LYS B 106 -16.29 -11.21 -18.24
N LEU B 107 -16.58 -12.24 -19.03
CA LEU B 107 -15.60 -12.76 -19.97
C LEU B 107 -15.34 -11.76 -21.09
N GLN B 108 -16.39 -11.06 -21.52
CA GLN B 108 -16.23 -10.02 -22.52
C GLN B 108 -15.36 -8.88 -21.99
N GLU B 109 -15.61 -8.45 -20.74
CA GLU B 109 -14.78 -7.39 -20.16
C GLU B 109 -13.34 -7.87 -19.94
N CYS B 110 -13.16 -9.16 -19.67
CA CYS B 110 -11.82 -9.72 -19.62
C CYS B 110 -11.12 -9.58 -20.97
N LEU B 111 -11.83 -9.96 -22.05
CA LEU B 111 -11.25 -9.79 -23.38
C LEU B 111 -10.92 -8.34 -23.64
N MET B 112 -11.76 -7.42 -23.16
CA MET B 112 -11.54 -6.00 -23.38
C MET B 112 -10.31 -5.49 -22.62
N TRP B 113 -10.08 -5.98 -21.40
CA TRP B 113 -8.88 -5.54 -20.66
C TRP B 113 -7.60 -6.14 -21.26
N LEU B 114 -7.62 -7.44 -21.58
CA LEU B 114 -6.47 -8.01 -22.28
C LEU B 114 -6.24 -7.29 -23.60
N GLY B 115 -7.32 -6.85 -24.26
CA GLY B 115 -7.19 -6.16 -25.53
C GLY B 115 -6.66 -4.76 -25.38
N LYS B 116 -7.00 -4.07 -24.28
CA LYS B 116 -6.36 -2.80 -24.03
C LYS B 116 -4.86 -2.99 -23.90
N ARG B 117 -4.45 -4.04 -23.21
CA ARG B 117 -3.02 -4.33 -23.15
C ARG B 117 -2.44 -4.54 -24.55
N THR B 118 -3.11 -5.36 -25.35
CA THR B 118 -2.60 -5.69 -26.68
C THR B 118 -2.55 -4.47 -27.59
N LEU B 119 -3.62 -3.67 -27.62
CA LEU B 119 -3.62 -2.36 -28.26
C LEU B 119 -2.40 -1.54 -27.89
N ASP B 120 -2.26 -1.27 -26.58
CA ASP B 120 -1.14 -0.47 -26.10
C ASP B 120 0.19 -1.01 -26.59
N ARG B 121 0.30 -2.35 -26.67
CA ARG B 121 1.55 -2.95 -27.11
C ARG B 121 1.75 -2.86 -28.61
N GLU B 122 0.66 -2.88 -29.38
CA GLU B 122 0.75 -2.61 -30.81
C GLU B 122 1.32 -1.22 -31.04
N VAL B 123 0.70 -0.21 -30.42
CA VAL B 123 1.14 1.18 -30.56
C VAL B 123 2.65 1.32 -30.31
N LYS B 124 3.16 0.62 -29.29
CA LYS B 124 4.60 0.63 -29.04
C LYS B 124 5.40 -0.25 -29.99
N GLY B 125 4.74 -0.96 -30.89
CA GLY B 125 5.45 -1.91 -31.73
C GLY B 125 6.09 -3.06 -30.99
N ILE B 126 5.55 -3.43 -29.83
CA ILE B 126 6.13 -4.50 -29.03
C ILE B 126 5.21 -5.70 -28.91
N GLU B 127 4.09 -5.72 -29.63
CA GLU B 127 3.18 -6.85 -29.56
C GLU B 127 3.84 -8.11 -30.11
N GLY B 128 3.60 -9.23 -29.45
CA GLY B 128 4.19 -10.48 -29.85
C GLY B 128 5.65 -10.64 -29.48
N THR B 129 6.26 -9.62 -28.89
CA THR B 129 7.66 -9.63 -28.51
C THR B 129 7.79 -9.90 -27.01
N SER B 130 9.03 -10.16 -26.58
CA SER B 130 9.31 -10.35 -25.16
C SER B 130 9.57 -9.03 -24.44
N GLU B 131 9.37 -7.90 -25.10
CA GLU B 131 9.65 -6.62 -24.47
C GLU B 131 8.57 -6.24 -23.47
N ILE B 132 9.00 -5.59 -22.40
CA ILE B 132 8.13 -5.11 -21.35
C ILE B 132 7.64 -3.71 -21.68
N SER C 2 -36.47 5.10 30.04
CA SER C 2 -36.95 5.94 28.95
C SER C 2 -36.47 5.44 27.59
N GLY C 3 -36.91 6.11 26.52
CA GLY C 3 -36.46 5.76 25.18
C GLY C 3 -34.99 6.04 24.93
N LEU C 4 -34.43 7.00 25.67
CA LEU C 4 -33.02 7.33 25.53
C LEU C 4 -32.16 6.44 26.43
N VAL C 5 -30.94 6.18 25.98
CA VAL C 5 -29.91 5.54 26.79
C VAL C 5 -28.67 6.42 26.69
N PRO C 6 -27.78 6.41 27.68
CA PRO C 6 -26.60 7.29 27.60
C PRO C 6 -25.68 6.83 26.48
N ARG C 7 -25.24 7.80 25.66
CA ARG C 7 -24.36 7.45 24.55
C ARG C 7 -23.08 6.78 25.05
N GLY C 8 -22.41 7.40 26.02
CA GLY C 8 -21.21 6.80 26.57
C GLY C 8 -20.08 6.77 25.57
N SER C 9 -19.38 5.65 25.53
CA SER C 9 -18.25 5.45 24.63
C SER C 9 -18.67 5.13 23.19
N HIS C 10 -19.97 5.00 22.92
CA HIS C 10 -20.41 4.63 21.58
C HIS C 10 -20.02 5.69 20.57
N MET C 11 -19.53 5.23 19.43
CA MET C 11 -19.08 6.10 18.37
C MET C 11 -20.11 6.06 17.25
N GLU C 12 -20.45 7.23 16.74
CA GLU C 12 -21.36 7.29 15.61
C GLU C 12 -20.61 6.90 14.35
N ILE C 13 -21.24 6.05 13.54
CA ILE C 13 -20.69 5.58 12.29
C ILE C 13 -21.22 6.44 11.17
N LYS C 14 -20.38 7.13 10.46
CA LYS C 14 -20.87 8.05 9.46
C LYS C 14 -20.33 7.86 8.07
N ASN C 15 -21.18 7.56 7.10
CA ASN C 15 -20.73 7.48 5.73
C ASN C 15 -21.45 8.47 4.89
N GLY C 16 -20.74 9.14 4.01
CA GLY C 16 -21.36 10.06 3.09
C GLY C 16 -22.31 9.41 2.15
N LEU C 17 -22.08 8.16 1.83
CA LEU C 17 -22.97 7.38 0.97
C LEU C 17 -24.28 7.06 1.65
N CYS C 18 -24.34 7.21 2.96
CA CYS C 18 -25.56 6.98 3.72
C CYS C 18 -26.21 8.28 4.17
N THR C 19 -27.52 8.42 3.95
CA THR C 19 -28.26 9.66 4.28
C THR C 19 -28.43 10.23 5.68
N GLN C 20 -28.72 9.40 6.68
CA GLN C 20 -28.92 9.86 8.07
C GLN C 20 -30.16 10.67 8.47
N LYS C 21 -31.21 10.68 7.67
CA LYS C 21 -32.35 11.49 8.08
C LYS C 21 -33.11 11.04 9.30
N TYR C 22 -33.37 9.76 9.41
CA TYR C 22 -34.18 9.31 10.50
C TYR C 22 -33.46 8.34 11.42
N THR C 23 -32.34 7.81 10.97
CA THR C 23 -31.63 6.80 11.73
C THR C 23 -30.20 7.14 11.94
N LYS C 24 -29.60 6.63 12.99
CA LYS C 24 -28.19 6.80 13.20
C LYS C 24 -27.60 5.49 13.58
N VAL C 25 -26.35 5.27 13.23
CA VAL C 25 -25.69 4.02 13.48
C VAL C 25 -24.55 4.23 14.43
N TYR C 26 -24.47 3.40 15.42
CA TYR C 26 -23.43 3.49 16.39
C TYR C 26 -22.74 2.18 16.64
N ALA C 27 -21.45 2.19 16.97
CA ALA C 27 -20.74 1.00 17.37
C ALA C 27 -20.08 1.27 18.72
N GLU C 28 -19.64 0.20 19.37
CA GLU C 28 -18.83 0.38 20.56
C GLU C 28 -17.55 1.14 20.23
N ASP C 29 -16.95 1.72 21.26
CA ASP C 29 -15.79 2.58 21.09
C ASP C 29 -14.63 1.81 20.47
N LYS C 30 -13.88 2.48 19.61
CA LYS C 30 -12.83 1.78 18.87
C LYS C 30 -11.81 1.16 19.82
N GLU C 31 -11.51 1.83 20.93
CA GLU C 31 -10.60 1.25 21.92
C GLU C 31 -11.18 -0.01 22.56
N LYS C 32 -12.50 -0.16 22.54
CA LYS C 32 -13.14 -1.33 23.10
C LYS C 32 -13.37 -2.44 22.07
N TRP C 33 -13.04 -2.21 20.79
CA TRP C 33 -13.18 -3.28 19.82
C TRP C 33 -12.35 -4.48 20.24
N LYS C 34 -12.91 -5.66 20.02
CA LYS C 34 -12.19 -6.91 20.18
C LYS C 34 -12.11 -7.58 18.81
N PHE C 35 -11.08 -8.41 18.63
CA PHE C 35 -10.85 -9.16 17.39
C PHE C 35 -10.78 -8.26 16.15
N ASN C 36 -10.41 -7.00 16.34
CA ASN C 36 -10.06 -6.01 15.32
C ASN C 36 -11.24 -5.29 14.69
N ALA C 37 -12.47 -5.49 15.15
CA ALA C 37 -13.61 -4.84 14.51
C ALA C 37 -14.64 -4.47 15.59
N PRO C 38 -15.54 -3.55 15.23
CA PRO C 38 -16.74 -3.38 16.09
C PRO C 38 -17.65 -4.59 15.95
N HIS C 39 -18.31 -4.96 17.06
CA HIS C 39 -19.26 -6.07 17.02
C HIS C 39 -20.61 -5.75 17.66
N HIS C 40 -20.81 -4.53 18.18
CA HIS C 40 -22.03 -4.22 18.94
C HIS C 40 -22.56 -2.89 18.45
N PHE C 41 -23.38 -2.96 17.40
CA PHE C 41 -23.94 -1.79 16.76
C PHE C 41 -25.33 -1.51 17.33
N ILE C 42 -25.75 -0.27 17.14
CA ILE C 42 -27.08 0.18 17.51
C ILE C 42 -27.53 1.11 16.40
N VAL C 43 -28.73 0.90 15.90
CA VAL C 43 -29.40 1.93 15.12
C VAL C 43 -30.30 2.65 16.10
N GLY C 44 -30.20 3.97 16.14
CA GLY C 44 -31.05 4.78 16.99
C GLY C 44 -31.68 5.88 16.17
N LYS C 45 -32.59 6.60 16.79
CA LYS C 45 -33.22 7.68 16.11
C LYS C 45 -32.32 8.86 16.03
N ALA C 46 -32.27 9.46 14.87
CA ALA C 46 -31.46 10.61 14.67
C ALA C 46 -31.85 11.84 15.45
N ASP C 47 -33.14 12.07 15.63
CA ASP C 47 -33.58 13.25 16.36
C ASP C 47 -33.49 12.91 17.77
N CYS C 48 -32.26 12.85 18.26
CA CYS C 48 -32.03 12.54 19.62
C CYS C 48 -30.95 13.50 19.89
N GLU C 49 -30.80 13.90 21.13
CA GLU C 49 -29.67 14.74 21.46
C GLU C 49 -28.39 13.90 21.39
N ASP C 50 -27.26 14.52 21.08
CA ASP C 50 -25.99 13.79 20.94
C ASP C 50 -25.57 13.12 22.21
N GLU C 51 -26.00 13.62 23.34
CA GLU C 51 -25.72 13.03 24.62
C GLU C 51 -26.31 11.66 24.79
N TYR C 52 -27.31 11.35 23.98
CA TYR C 52 -28.00 10.08 24.10
C TYR C 52 -28.19 9.33 22.84
N ILE C 53 -28.65 8.09 22.94
CA ILE C 53 -29.03 7.32 21.76
C ILE C 53 -30.46 6.91 21.98
N GLU C 54 -31.36 7.05 21.00
CA GLU C 54 -32.72 6.50 21.14
C GLU C 54 -32.72 5.13 20.39
N PRO C 55 -32.37 3.98 21.03
CA PRO C 55 -32.18 2.73 20.26
C PRO C 55 -33.45 2.23 19.59
N ILE C 56 -33.39 2.11 18.27
CA ILE C 56 -34.35 1.34 17.48
C ILE C 56 -33.98 -0.14 17.47
N GLU C 57 -32.73 -0.44 17.17
CA GLU C 57 -32.33 -1.82 16.92
C GLU C 57 -30.90 -2.07 17.41
N TYR C 58 -30.70 -3.25 17.97
CA TYR C 58 -29.39 -3.72 18.40
C TYR C 58 -28.96 -4.84 17.46
N VAL C 59 -27.74 -4.76 16.95
CA VAL C 59 -27.18 -5.83 16.13
C VAL C 59 -25.81 -6.16 16.68
N ASN C 60 -25.62 -7.42 17.06
CA ASN C 60 -24.37 -7.91 17.62
C ASN C 60 -23.80 -8.96 16.69
N PHE C 61 -22.53 -8.80 16.33
CA PHE C 61 -21.86 -9.72 15.43
C PHE C 61 -21.09 -10.76 16.21
N GLN C 62 -20.92 -11.92 15.58
CA GLN C 62 -20.03 -12.96 16.06
C GLN C 62 -18.67 -12.40 16.46
N GLU C 63 -18.30 -12.60 17.73
CA GLU C 63 -17.03 -12.13 18.28
C GLU C 63 -16.09 -13.31 18.41
N GLY C 64 -14.97 -13.26 17.69
CA GLY C 64 -14.00 -14.33 17.74
C GLY C 64 -14.43 -15.49 16.86
N PRO C 65 -13.45 -16.17 16.27
CA PRO C 65 -13.76 -17.32 15.42
C PRO C 65 -14.69 -18.30 16.12
N ILE C 66 -15.66 -18.83 15.36
CA ILE C 66 -16.68 -19.68 15.96
C ILE C 66 -16.06 -20.94 16.52
N LYS C 67 -15.22 -21.61 15.72
CA LYS C 67 -14.57 -22.84 16.14
C LYS C 67 -13.80 -22.68 17.45
N GLU C 68 -13.44 -21.45 17.82
CA GLU C 68 -12.77 -21.21 19.09
C GLU C 68 -13.67 -20.62 20.17
N TYR C 69 -14.68 -19.83 19.81
CA TYR C 69 -15.54 -19.18 20.81
C TYR C 69 -17.02 -19.52 20.72
N GLY C 70 -17.45 -20.28 19.71
CA GLY C 70 -18.85 -20.62 19.56
C GLY C 70 -19.69 -19.50 18.95
N ILE C 71 -20.92 -19.86 18.57
CA ILE C 71 -21.82 -18.92 17.91
C ILE C 71 -22.38 -17.94 18.94
N ASN C 72 -22.13 -16.65 18.75
CA ASN C 72 -22.60 -15.65 19.70
C ASN C 72 -23.02 -14.34 19.02
N GLY C 73 -23.37 -14.38 17.74
CA GLY C 73 -23.69 -13.18 17.01
C GLY C 73 -23.88 -13.50 15.55
N VAL C 74 -24.28 -12.47 14.79
CA VAL C 74 -24.55 -12.63 13.37
C VAL C 74 -23.28 -12.39 12.58
N ASN C 75 -23.30 -12.82 11.32
CA ASN C 75 -22.22 -12.60 10.38
C ASN C 75 -22.65 -11.59 9.32
N ASN C 76 -21.65 -10.94 8.72
CA ASN C 76 -21.88 -10.02 7.61
C ASN C 76 -22.85 -10.63 6.61
N GLU C 77 -22.59 -11.90 6.27
CA GLU C 77 -23.34 -12.58 5.24
C GLU C 77 -24.84 -12.62 5.57
N ASP C 78 -25.19 -12.76 6.86
CA ASP C 78 -26.60 -12.82 7.23
C ASP C 78 -27.30 -11.50 6.93
N LEU C 79 -26.67 -10.39 7.31
CA LEU C 79 -27.26 -9.08 7.07
C LEU C 79 -27.41 -8.83 5.57
N ILE C 80 -26.36 -9.14 4.81
CA ILE C 80 -26.42 -8.93 3.37
C ILE C 80 -27.54 -9.76 2.76
N LEU C 81 -27.74 -10.97 3.28
CA LEU C 81 -28.81 -11.81 2.74
C LEU C 81 -30.18 -11.22 3.04
N MET C 82 -30.36 -10.65 4.23
CA MET C 82 -31.60 -9.91 4.51
C MET C 82 -31.83 -8.82 3.48
N VAL C 83 -30.79 -8.04 3.20
CA VAL C 83 -30.98 -6.91 2.29
C VAL C 83 -31.28 -7.42 0.89
N ILE C 84 -30.63 -8.52 0.49
CA ILE C 84 -30.90 -9.10 -0.82
C ILE C 84 -32.34 -9.57 -0.91
N THR C 85 -32.79 -10.33 0.10
CA THR C 85 -34.16 -10.85 0.11
C THR C 85 -35.16 -9.72 -0.02
N ARG C 86 -34.94 -8.61 0.70
CA ARG C 86 -35.87 -7.50 0.62
C ARG C 86 -35.81 -6.79 -0.73
N LEU C 87 -34.61 -6.57 -1.28
CA LEU C 87 -34.53 -5.94 -2.59
C LEU C 87 -35.18 -6.82 -3.65
N GLN C 88 -34.99 -8.13 -3.57
CA GLN C 88 -35.64 -9.02 -4.52
C GLN C 88 -37.15 -8.94 -4.39
N ALA C 89 -37.64 -8.93 -3.15
CA ALA C 89 -39.07 -8.70 -2.90
C ALA C 89 -39.56 -7.42 -3.58
N PHE C 90 -38.82 -6.32 -3.43
CA PHE C 90 -39.19 -5.09 -4.14
C PHE C 90 -39.23 -5.30 -5.64
N GLN C 91 -38.27 -6.06 -6.19
CA GLN C 91 -38.22 -6.26 -7.63
C GLN C 91 -39.43 -7.03 -8.11
N ASP C 92 -39.92 -7.95 -7.29
CA ASP C 92 -41.17 -8.65 -7.54
C ASP C 92 -42.36 -7.87 -6.98
N SER C 93 -42.40 -6.58 -7.27
CA SER C 93 -43.47 -5.72 -6.80
C SER C 93 -43.77 -4.67 -7.86
N PRO C 94 -44.77 -3.79 -7.66
CA PRO C 94 -44.95 -2.67 -8.59
C PRO C 94 -43.76 -1.70 -8.66
N TYR C 95 -42.81 -1.79 -7.73
CA TYR C 95 -41.74 -0.81 -7.65
C TYR C 95 -40.40 -1.38 -8.11
N LYS C 96 -40.46 -2.47 -8.88
CA LYS C 96 -39.33 -2.97 -9.64
C LYS C 96 -38.63 -1.81 -10.35
N CYS C 97 -37.32 -1.77 -10.26
CA CYS C 97 -36.57 -0.67 -10.85
C CYS C 97 -35.13 -1.11 -11.06
N ARG C 98 -34.46 -0.41 -11.98
CA ARG C 98 -33.10 -0.79 -12.37
C ARG C 98 -32.10 -0.60 -11.24
N GLU C 99 -32.28 0.45 -10.44
CA GLU C 99 -31.37 0.69 -9.32
C GLU C 99 -31.37 -0.49 -8.35
N ASN C 100 -32.55 -1.03 -8.05
CA ASN C 100 -32.62 -2.18 -7.17
C ASN C 100 -31.92 -3.39 -7.79
N ALA C 101 -32.05 -3.57 -9.11
CA ALA C 101 -31.37 -4.68 -9.77
C ALA C 101 -29.86 -4.53 -9.67
N MET C 102 -29.35 -3.31 -9.88
CA MET C 102 -27.92 -3.08 -9.73
C MET C 102 -27.46 -3.35 -8.31
N ALA C 103 -28.27 -2.95 -7.31
CA ALA C 103 -27.85 -3.14 -5.93
C ALA C 103 -27.86 -4.62 -5.56
N ILE C 104 -28.83 -5.38 -6.05
CA ILE C 104 -28.82 -6.82 -5.84
C ILE C 104 -27.57 -7.43 -6.45
N THR C 105 -27.24 -7.00 -7.66
CA THR C 105 -26.04 -7.56 -8.29
C THR C 105 -24.81 -7.26 -7.44
N LYS C 106 -24.72 -6.03 -6.93
CA LYS C 106 -23.57 -5.69 -6.09
C LYS C 106 -23.52 -6.56 -4.84
N LEU C 107 -24.67 -6.74 -4.18
CA LEU C 107 -24.69 -7.51 -2.94
C LEU C 107 -24.38 -8.98 -3.19
N GLN C 108 -24.90 -9.55 -4.25
CA GLN C 108 -24.55 -10.92 -4.60
C GLN C 108 -23.06 -11.06 -4.90
N GLU C 109 -22.48 -10.09 -5.61
CA GLU C 109 -21.04 -10.16 -5.88
C GLU C 109 -20.23 -9.96 -4.61
N CYS C 110 -20.73 -9.17 -3.68
CA CYS C 110 -20.08 -9.07 -2.38
C CYS C 110 -20.09 -10.42 -1.67
N LEU C 111 -21.25 -11.10 -1.69
CA LEU C 111 -21.33 -12.42 -1.08
C LEU C 111 -20.40 -13.40 -1.78
N MET C 112 -20.22 -13.26 -3.09
CA MET C 112 -19.31 -14.17 -3.80
C MET C 112 -17.85 -13.89 -3.45
N TRP C 113 -17.47 -12.64 -3.25
CA TRP C 113 -16.09 -12.36 -2.89
C TRP C 113 -15.78 -12.84 -1.47
N LEU C 114 -16.68 -12.55 -0.52
CA LEU C 114 -16.52 -13.09 0.83
C LEU C 114 -16.53 -14.61 0.80
N GLY C 115 -17.31 -15.20 -0.11
CA GLY C 115 -17.38 -16.64 -0.18
C GLY C 115 -16.15 -17.25 -0.81
N LYS C 116 -15.52 -16.54 -1.76
CA LYS C 116 -14.22 -16.96 -2.25
C LYS C 116 -13.23 -17.01 -1.11
N ARG C 117 -13.24 -15.98 -0.25
CA ARG C 117 -12.37 -16.02 0.93
C ARG C 117 -12.67 -17.26 1.77
N THR C 118 -13.95 -17.52 2.02
CA THR C 118 -14.34 -18.65 2.85
C THR C 118 -13.95 -19.97 2.22
N LEU C 119 -14.12 -20.10 0.91
CA LEU C 119 -13.74 -21.34 0.23
C LEU C 119 -12.24 -21.57 0.32
N ASP C 120 -11.45 -20.53 0.05
CA ASP C 120 -10.00 -20.65 0.19
C ASP C 120 -9.62 -21.06 1.61
N ARG C 121 -10.34 -20.54 2.61
CA ARG C 121 -9.98 -20.91 3.98
C ARG C 121 -10.43 -22.32 4.30
N GLU C 122 -11.51 -22.78 3.65
CA GLU C 122 -11.91 -24.18 3.81
C GLU C 122 -10.83 -25.10 3.24
N VAL C 123 -10.35 -24.79 2.04
CA VAL C 123 -9.31 -25.58 1.41
C VAL C 123 -8.07 -25.65 2.30
N LYS C 124 -7.66 -24.52 2.88
CA LYS C 124 -6.54 -24.50 3.81
C LYS C 124 -6.93 -25.03 5.19
N GLY C 125 -8.20 -25.38 5.40
CA GLY C 125 -8.60 -25.93 6.68
C GLY C 125 -8.68 -24.94 7.83
N ILE C 126 -8.57 -23.65 7.56
CA ILE C 126 -8.49 -22.64 8.61
C ILE C 126 -9.78 -21.85 8.75
N GLU C 127 -10.84 -22.25 8.04
CA GLU C 127 -12.09 -21.51 8.14
C GLU C 127 -12.62 -21.56 9.56
N GLY C 128 -13.11 -20.42 10.04
CA GLY C 128 -13.65 -20.39 11.39
C GLY C 128 -12.61 -20.39 12.48
N THR C 129 -11.32 -20.30 12.13
CA THR C 129 -10.25 -20.14 13.11
C THR C 129 -9.75 -18.71 13.06
N SER C 130 -8.69 -18.43 13.81
CA SER C 130 -8.05 -17.12 13.77
C SER C 130 -6.77 -17.14 12.96
N GLU C 131 -6.44 -18.26 12.31
CA GLU C 131 -5.31 -18.24 11.40
C GLU C 131 -5.55 -17.26 10.26
N ILE C 132 -4.46 -16.80 9.70
CA ILE C 132 -4.46 -15.85 8.60
C ILE C 132 -4.39 -16.50 7.23
N SER D 1 -36.30 -20.51 28.45
CA SER D 1 -34.85 -20.35 28.57
C SER D 1 -34.11 -21.44 27.81
N SER D 2 -34.85 -22.22 27.02
CA SER D 2 -34.15 -23.13 26.12
C SER D 2 -33.52 -22.39 24.93
N GLY D 3 -33.63 -21.05 24.95
CA GLY D 3 -33.17 -20.21 23.86
C GLY D 3 -33.73 -20.71 22.54
N LEU D 4 -35.03 -20.92 22.49
CA LEU D 4 -35.61 -21.76 21.46
C LEU D 4 -37.09 -21.41 21.35
N VAL D 5 -37.56 -21.19 20.13
CA VAL D 5 -38.94 -20.76 19.92
C VAL D 5 -39.55 -21.63 18.82
N PRO D 6 -40.88 -21.71 18.76
CA PRO D 6 -41.51 -22.45 17.66
C PRO D 6 -41.27 -21.74 16.34
N ARG D 7 -40.93 -22.52 15.31
CA ARG D 7 -40.71 -21.90 14.01
C ARG D 7 -41.98 -21.25 13.48
N GLY D 8 -43.13 -21.83 13.79
CA GLY D 8 -44.39 -21.24 13.40
C GLY D 8 -44.48 -21.12 11.89
N SER D 9 -44.98 -19.97 11.44
CA SER D 9 -45.11 -19.70 10.02
C SER D 9 -43.91 -18.97 9.44
N HIS D 10 -42.87 -18.74 10.24
CA HIS D 10 -41.65 -18.12 9.74
C HIS D 10 -41.08 -18.92 8.56
N MET D 11 -40.61 -18.20 7.55
CA MET D 11 -39.98 -18.84 6.41
C MET D 11 -38.47 -18.79 6.56
N GLU D 12 -37.84 -19.89 6.22
CA GLU D 12 -36.38 -19.94 6.15
C GLU D 12 -35.92 -19.32 4.84
N ILE D 13 -35.03 -18.33 4.94
CA ILE D 13 -34.43 -17.72 3.75
C ILE D 13 -33.22 -18.56 3.35
N LYS D 14 -33.39 -19.40 2.33
CA LYS D 14 -32.36 -20.32 1.86
C LYS D 14 -31.95 -19.94 0.43
N ASN D 15 -30.68 -19.57 0.28
CA ASN D 15 -30.12 -18.92 -0.91
C ASN D 15 -28.82 -19.60 -1.28
N GLY D 16 -28.63 -19.89 -2.58
CA GLY D 16 -27.44 -20.62 -2.99
C GLY D 16 -26.13 -19.96 -2.60
N LEU D 17 -26.12 -18.63 -2.49
CA LEU D 17 -24.89 -17.95 -2.14
C LEU D 17 -24.55 -18.02 -0.66
N CYS D 18 -25.41 -18.62 0.16
CA CYS D 18 -25.19 -18.70 1.60
C CYS D 18 -25.06 -20.16 2.01
N THR D 19 -24.08 -20.45 2.86
CA THR D 19 -23.77 -21.84 3.18
C THR D 19 -24.60 -22.40 4.32
N GLN D 20 -25.14 -21.54 5.19
CA GLN D 20 -25.86 -21.98 6.38
C GLN D 20 -25.03 -22.92 7.23
N LYS D 21 -23.70 -22.75 7.18
CA LYS D 21 -22.83 -23.63 7.95
C LYS D 21 -23.02 -23.42 9.44
N TYR D 22 -23.20 -22.17 9.85
CA TYR D 22 -23.37 -21.83 11.26
C TYR D 22 -24.73 -21.23 11.56
N THR D 23 -25.22 -20.32 10.72
CA THR D 23 -26.43 -19.59 11.00
C THR D 23 -27.48 -19.90 9.94
N LYS D 24 -28.74 -19.72 10.31
CA LYS D 24 -29.86 -19.68 9.39
C LYS D 24 -30.56 -18.34 9.52
N VAL D 25 -31.12 -17.87 8.41
CA VAL D 25 -31.88 -16.64 8.39
C VAL D 25 -33.34 -16.96 8.09
N TYR D 26 -34.23 -16.48 8.94
CA TYR D 26 -35.66 -16.61 8.74
C TYR D 26 -36.26 -15.22 8.60
N ALA D 27 -37.43 -15.15 7.99
CA ALA D 27 -38.18 -13.92 7.91
C ALA D 27 -39.55 -14.41 8.22
N GLU D 28 -40.49 -13.50 8.23
CA GLU D 28 -41.86 -13.84 8.45
C GLU D 28 -42.57 -14.39 7.27
N ASP D 29 -43.74 -14.94 7.49
CA ASP D 29 -44.54 -15.53 6.47
C ASP D 29 -44.83 -14.57 5.40
N LYS D 30 -44.84 -15.07 4.19
CA LYS D 30 -45.11 -14.26 3.05
C LYS D 30 -46.49 -13.67 3.15
N GLU D 31 -47.41 -14.40 3.73
CA GLU D 31 -48.72 -13.89 3.99
C GLU D 31 -48.74 -12.70 4.91
N LYS D 32 -47.81 -12.60 5.82
CA LYS D 32 -47.70 -11.44 6.66
C LYS D 32 -46.79 -10.33 6.13
N TRP D 33 -46.25 -10.44 4.96
CA TRP D 33 -45.46 -9.39 4.44
C TRP D 33 -46.23 -8.15 4.17
N LYS D 34 -45.72 -7.05 4.63
CA LYS D 34 -46.38 -5.83 4.44
C LYS D 34 -45.64 -5.02 3.42
N PHE D 35 -46.37 -4.33 2.59
CA PHE D 35 -45.77 -3.47 1.60
C PHE D 35 -44.80 -4.13 0.69
N ASN D 36 -45.16 -5.29 0.20
CA ASN D 36 -44.37 -6.03 -0.74
C ASN D 36 -43.08 -6.64 -0.30
N ALA D 37 -42.74 -6.55 0.96
CA ALA D 37 -41.41 -6.98 1.41
C ALA D 37 -41.48 -7.58 2.81
N PRO D 38 -40.55 -8.46 3.15
CA PRO D 38 -40.41 -8.90 4.54
C PRO D 38 -39.68 -7.86 5.38
N HIS D 39 -40.03 -7.81 6.66
CA HIS D 39 -39.50 -6.79 7.56
C HIS D 39 -39.00 -7.31 8.90
N HIS D 40 -39.22 -8.58 9.23
CA HIS D 40 -38.93 -9.10 10.57
C HIS D 40 -38.08 -10.35 10.43
N PHE D 41 -36.76 -10.18 10.39
CA PHE D 41 -35.85 -11.29 10.22
C PHE D 41 -35.31 -11.79 11.55
N ILE D 42 -35.02 -13.06 11.59
CA ILE D 42 -34.37 -13.73 12.71
C ILE D 42 -33.12 -14.43 12.17
N VAL D 43 -32.02 -14.32 12.91
CA VAL D 43 -30.85 -15.12 12.67
C VAL D 43 -30.80 -16.13 13.80
N GLY D 44 -30.83 -17.43 13.44
CA GLY D 44 -30.80 -18.49 14.41
C GLY D 44 -29.64 -19.43 14.13
N LYS D 45 -29.45 -20.38 15.02
CA LYS D 45 -28.40 -21.35 14.83
C LYS D 45 -28.82 -22.42 13.90
N ALA D 46 -27.98 -22.75 12.96
CA ALA D 46 -28.34 -23.70 11.95
C ALA D 46 -28.62 -25.11 12.38
N ASP D 47 -27.88 -25.62 13.33
CA ASP D 47 -28.18 -26.92 13.85
C ASP D 47 -29.19 -26.67 14.89
N CYS D 48 -30.43 -26.67 14.48
CA CYS D 48 -31.52 -26.47 15.38
C CYS D 48 -32.41 -27.35 14.61
N GLU D 49 -33.42 -27.88 15.25
CA GLU D 49 -34.37 -28.65 14.50
C GLU D 49 -35.26 -27.74 13.69
N ASP D 50 -35.76 -28.22 12.58
CA ASP D 50 -36.54 -27.37 11.68
C ASP D 50 -37.84 -26.85 12.17
N GLU D 51 -38.35 -27.38 13.27
CA GLU D 51 -39.62 -26.95 13.76
C GLU D 51 -39.44 -25.89 14.75
N TYR D 52 -38.19 -25.54 15.00
CA TYR D 52 -37.89 -24.49 15.94
C TYR D 52 -36.82 -23.61 15.41
N ILE D 53 -36.66 -22.45 16.01
CA ILE D 53 -35.59 -21.57 15.65
C ILE D 53 -34.84 -21.34 16.94
N GLU D 54 -33.53 -21.43 16.91
CA GLU D 54 -32.74 -21.08 18.07
C GLU D 54 -32.23 -19.69 17.82
N PRO D 55 -32.91 -18.70 18.33
CA PRO D 55 -32.53 -17.35 17.97
C PRO D 55 -31.26 -16.69 18.43
N ILE D 56 -30.42 -16.28 17.49
CA ILE D 56 -29.26 -15.46 17.84
C ILE D 56 -29.61 -13.99 17.87
N GLU D 57 -30.38 -13.53 16.89
CA GLU D 57 -30.57 -12.10 16.72
C GLU D 57 -31.86 -11.83 15.97
N TYR D 58 -32.47 -10.68 16.25
CA TYR D 58 -33.65 -10.19 15.53
C TYR D 58 -33.30 -8.88 14.85
N VAL D 59 -33.74 -8.72 13.60
CA VAL D 59 -33.53 -7.48 12.86
C VAL D 59 -34.85 -7.09 12.23
N ASN D 60 -35.33 -5.89 12.56
CA ASN D 60 -36.62 -5.42 12.07
C ASN D 60 -36.40 -4.16 11.25
N PHE D 61 -37.01 -4.14 10.07
CA PHE D 61 -36.84 -3.06 9.12
C PHE D 61 -38.00 -2.09 9.21
N GLN D 62 -37.73 -0.83 8.85
CA GLN D 62 -38.79 0.17 8.83
C GLN D 62 -39.98 -0.36 8.06
N GLU D 63 -41.14 -0.35 8.70
CA GLU D 63 -42.34 -1.00 8.17
C GLU D 63 -43.48 0.00 8.11
N GLY D 64 -43.87 0.37 6.89
CA GLY D 64 -44.84 1.41 6.70
C GLY D 64 -44.17 2.76 6.68
N PRO D 65 -44.92 3.79 6.28
CA PRO D 65 -44.33 5.14 6.26
C PRO D 65 -44.08 5.59 7.69
N ILE D 66 -42.87 6.16 7.91
CA ILE D 66 -42.56 6.73 9.21
C ILE D 66 -43.63 7.75 9.57
N LYS D 67 -44.34 8.25 8.56
CA LYS D 67 -45.32 9.31 8.73
C LYS D 67 -46.50 8.90 9.61
N GLU D 68 -46.93 7.64 9.56
CA GLU D 68 -48.01 7.25 10.46
C GLU D 68 -47.64 6.18 11.48
N TYR D 69 -46.64 5.34 11.21
CA TYR D 69 -46.20 4.39 12.21
C TYR D 69 -44.94 4.82 12.95
N GLY D 70 -44.34 5.93 12.56
CA GLY D 70 -43.11 6.36 13.18
C GLY D 70 -41.92 5.53 12.72
N ILE D 71 -40.80 5.80 13.38
CA ILE D 71 -39.57 5.05 13.14
C ILE D 71 -39.67 3.75 13.91
N ASN D 72 -39.69 2.61 13.19
CA ASN D 72 -39.88 1.34 13.87
C ASN D 72 -38.97 0.22 13.38
N GLY D 73 -37.89 0.56 12.69
CA GLY D 73 -36.97 -0.46 12.21
C GLY D 73 -35.79 0.16 11.51
N VAL D 74 -34.87 -0.70 11.08
CA VAL D 74 -33.66 -0.26 10.39
C VAL D 74 -33.93 -0.15 8.90
N ASN D 75 -32.92 0.35 8.17
CA ASN D 75 -32.92 0.42 6.73
C ASN D 75 -31.80 -0.47 6.20
N ASN D 76 -31.96 -0.99 4.98
CA ASN D 76 -30.90 -1.73 4.33
C ASN D 76 -29.56 -1.01 4.42
N GLU D 77 -29.56 0.31 4.19
CA GLU D 77 -28.33 1.09 4.23
C GLU D 77 -27.65 1.00 5.60
N ASP D 78 -28.41 0.88 6.68
CA ASP D 78 -27.79 0.74 8.00
C ASP D 78 -27.00 -0.56 8.10
N LEU D 79 -27.60 -1.67 7.65
CA LEU D 79 -26.90 -2.95 7.73
C LEU D 79 -25.67 -2.96 6.82
N ILE D 80 -25.81 -2.45 5.60
CA ILE D 80 -24.67 -2.38 4.72
C ILE D 80 -23.59 -1.51 5.34
N LEU D 81 -23.97 -0.45 6.03
CA LEU D 81 -22.99 0.43 6.64
C LEU D 81 -22.21 -0.31 7.72
N MET D 82 -22.84 -1.14 8.51
CA MET D 82 -22.15 -1.92 9.49
C MET D 82 -21.14 -2.89 8.92
N VAL D 83 -21.47 -3.52 7.81
CA VAL D 83 -20.57 -4.45 7.17
C VAL D 83 -19.35 -3.78 6.56
N ILE D 84 -19.53 -2.65 5.94
CA ILE D 84 -18.43 -1.94 5.40
C ILE D 84 -17.49 -1.56 6.50
N THR D 85 -18.02 -1.12 7.61
CA THR D 85 -17.21 -0.72 8.72
C THR D 85 -16.38 -1.86 9.27
N ARG D 86 -16.97 -3.01 9.43
CA ARG D 86 -16.26 -4.14 9.91
C ARG D 86 -15.21 -4.65 8.99
N LEU D 87 -15.51 -4.66 7.71
CA LEU D 87 -14.58 -5.11 6.74
C LEU D 87 -13.42 -4.20 6.64
N GLN D 88 -13.67 -2.93 6.71
CA GLN D 88 -12.63 -1.96 6.68
C GLN D 88 -11.74 -2.10 7.88
N ALA D 89 -12.31 -2.44 9.00
CA ALA D 89 -11.51 -2.72 10.15
C ALA D 89 -10.60 -3.93 10.00
N PHE D 90 -11.06 -4.96 9.34
CA PHE D 90 -10.24 -6.09 9.07
C PHE D 90 -9.13 -5.77 8.10
N GLN D 91 -9.31 -4.78 7.27
CA GLN D 91 -8.33 -4.40 6.33
C GLN D 91 -7.27 -3.72 7.09
N ASP D 92 -7.64 -3.15 8.20
CA ASP D 92 -6.65 -2.54 9.09
C ASP D 92 -6.25 -3.53 10.19
N SER D 93 -5.79 -4.70 9.75
CA SER D 93 -5.45 -5.77 10.68
C SER D 93 -4.63 -6.81 9.94
N PRO D 94 -4.11 -7.83 10.62
CA PRO D 94 -3.43 -8.92 9.89
C PRO D 94 -4.35 -9.72 8.99
N TYR D 95 -5.66 -9.51 9.05
CA TYR D 95 -6.59 -10.25 8.22
C TYR D 95 -6.90 -9.55 6.89
N LYS D 96 -6.27 -8.42 6.63
CA LYS D 96 -6.32 -7.74 5.35
C LYS D 96 -6.16 -8.69 4.17
N CYS D 97 -7.10 -8.62 3.23
CA CYS D 97 -7.03 -9.49 2.06
C CYS D 97 -7.82 -8.84 0.93
N ARG D 98 -7.53 -9.29 -0.29
CA ARG D 98 -8.11 -8.70 -1.48
C ARG D 98 -9.61 -8.96 -1.58
N GLU D 99 -10.07 -10.13 -1.11
CA GLU D 99 -11.50 -10.42 -1.15
C GLU D 99 -12.29 -9.40 -0.33
N ASN D 100 -11.77 -9.01 0.83
CA ASN D 100 -12.45 -7.97 1.61
C ASN D 100 -12.48 -6.65 0.85
N ALA D 101 -11.41 -6.36 0.11
CA ALA D 101 -11.36 -5.11 -0.64
C ALA D 101 -12.44 -5.08 -1.70
N MET D 102 -12.56 -6.17 -2.47
CA MET D 102 -13.63 -6.26 -3.46
C MET D 102 -14.99 -6.17 -2.79
N ALA D 103 -15.16 -6.80 -1.63
CA ALA D 103 -16.47 -6.79 -1.01
C ALA D 103 -16.83 -5.39 -0.57
N ILE D 104 -15.85 -4.65 -0.03
CA ILE D 104 -16.09 -3.25 0.32
C ILE D 104 -16.53 -2.47 -0.90
N THR D 105 -15.80 -2.65 -2.02
CA THR D 105 -16.15 -1.93 -3.24
C THR D 105 -17.57 -2.23 -3.68
N LYS D 106 -17.94 -3.52 -3.72
CA LYS D 106 -19.30 -3.89 -4.08
C LYS D 106 -20.32 -3.25 -3.17
N LEU D 107 -20.03 -3.20 -1.86
CA LEU D 107 -21.02 -2.66 -0.93
C LEU D 107 -21.18 -1.17 -1.10
N GLN D 108 -20.06 -0.46 -1.33
CA GLN D 108 -20.14 0.97 -1.59
C GLN D 108 -20.95 1.23 -2.86
N GLU D 109 -20.65 0.49 -3.93
CA GLU D 109 -21.40 0.67 -5.17
C GLU D 109 -22.88 0.31 -4.97
N CYS D 110 -23.17 -0.64 -4.09
CA CYS D 110 -24.56 -0.94 -3.76
C CYS D 110 -25.23 0.27 -3.15
N LEU D 111 -24.56 0.90 -2.18
CA LEU D 111 -25.11 2.09 -1.54
C LEU D 111 -25.31 3.21 -2.55
N MET D 112 -24.39 3.32 -3.51
CA MET D 112 -24.49 4.33 -4.55
C MET D 112 -25.76 4.13 -5.38
N TRP D 113 -26.04 2.88 -5.79
CA TRP D 113 -27.22 2.62 -6.61
C TRP D 113 -28.52 2.85 -5.84
N LEU D 114 -28.59 2.38 -4.58
CA LEU D 114 -29.76 2.68 -3.77
C LEU D 114 -29.95 4.19 -3.59
N GLY D 115 -28.85 4.89 -3.37
CA GLY D 115 -28.91 6.33 -3.26
C GLY D 115 -29.40 6.98 -4.53
N LYS D 116 -29.02 6.41 -5.68
CA LYS D 116 -29.47 6.96 -6.96
C LYS D 116 -30.97 6.86 -7.08
N ARG D 117 -31.57 5.73 -6.67
CA ARG D 117 -33.02 5.69 -6.66
C ARG D 117 -33.57 6.88 -5.88
N THR D 118 -33.02 7.11 -4.68
CA THR D 118 -33.51 8.24 -3.87
C THR D 118 -33.30 9.59 -4.56
N LEU D 119 -32.10 9.86 -5.05
CA LEU D 119 -31.79 11.16 -5.66
C LEU D 119 -32.63 11.43 -6.90
N ASP D 120 -32.94 10.36 -7.64
CA ASP D 120 -33.83 10.49 -8.78
C ASP D 120 -35.22 10.87 -8.31
N ARG D 121 -35.72 10.21 -7.25
CA ARG D 121 -37.04 10.58 -6.73
C ARG D 121 -37.05 12.00 -6.16
N GLU D 122 -35.88 12.54 -5.78
CA GLU D 122 -35.76 13.96 -5.47
C GLU D 122 -35.97 14.82 -6.70
N VAL D 123 -35.13 14.63 -7.72
CA VAL D 123 -35.23 15.44 -8.93
C VAL D 123 -36.62 15.34 -9.55
N LYS D 124 -37.38 14.30 -9.22
CA LYS D 124 -38.77 14.12 -9.63
C LYS D 124 -39.78 14.64 -8.60
N GLY D 125 -39.34 14.93 -7.38
CA GLY D 125 -40.17 15.57 -6.37
C GLY D 125 -40.99 14.64 -5.50
N ILE D 126 -40.91 13.33 -5.70
CA ILE D 126 -41.83 12.39 -5.03
C ILE D 126 -41.13 11.64 -3.90
N GLU D 127 -40.13 12.26 -3.27
CA GLU D 127 -39.33 11.56 -2.28
C GLU D 127 -40.18 11.09 -1.10
N GLY D 128 -40.01 9.81 -0.74
CA GLY D 128 -40.67 9.22 0.41
C GLY D 128 -42.19 9.29 0.38
N THR D 129 -42.80 8.81 -0.71
CA THR D 129 -44.25 8.80 -0.82
C THR D 129 -44.83 7.41 -0.52
N GLY E 3 -24.07 39.05 -22.42
CA GLY E 3 -23.70 37.94 -21.55
C GLY E 3 -24.73 36.84 -21.39
N LEU E 4 -25.98 37.10 -21.78
CA LEU E 4 -27.00 36.07 -21.64
C LEU E 4 -27.57 35.76 -23.01
N VAL E 5 -28.27 34.63 -23.10
CA VAL E 5 -29.11 34.28 -24.24
C VAL E 5 -30.45 33.82 -23.66
N PRO E 6 -31.55 33.93 -24.39
CA PRO E 6 -32.83 33.44 -23.86
C PRO E 6 -32.85 31.92 -23.86
N ARG E 7 -33.43 31.34 -22.82
CA ARG E 7 -33.46 29.89 -22.74
C ARG E 7 -34.33 29.32 -23.86
N GLY E 8 -35.52 29.89 -24.05
CA GLY E 8 -36.33 29.50 -25.19
C GLY E 8 -36.82 28.08 -25.07
N SER E 9 -36.56 27.29 -26.12
CA SER E 9 -36.97 25.90 -26.18
C SER E 9 -35.93 24.95 -25.60
N HIS E 10 -34.76 25.44 -25.21
CA HIS E 10 -33.74 24.57 -24.63
C HIS E 10 -34.30 23.89 -23.38
N MET E 11 -34.00 22.61 -23.26
CA MET E 11 -34.40 21.80 -22.12
C MET E 11 -33.23 21.63 -21.16
N GLU E 12 -33.57 21.59 -19.88
CA GLU E 12 -32.57 21.47 -18.81
C GLU E 12 -32.40 20.00 -18.47
N ILE E 13 -31.17 19.52 -18.47
CA ILE E 13 -30.87 18.13 -18.20
C ILE E 13 -30.74 18.01 -16.68
N LYS E 14 -31.76 17.52 -15.98
CA LYS E 14 -31.59 17.25 -14.55
C LYS E 14 -31.29 15.79 -14.29
N ASN E 15 -30.13 15.51 -13.71
CA ASN E 15 -29.73 14.16 -13.36
C ASN E 15 -29.41 14.12 -11.87
N GLY E 16 -30.06 13.18 -11.16
CA GLY E 16 -29.85 13.04 -9.74
C GLY E 16 -28.41 12.82 -9.33
N LEU E 17 -27.62 12.17 -10.19
CA LEU E 17 -26.19 12.00 -9.93
C LEU E 17 -25.40 13.27 -10.22
N CYS E 18 -26.05 14.34 -10.65
CA CYS E 18 -25.37 15.57 -11.03
C CYS E 18 -25.79 16.68 -10.08
N THR E 19 -24.79 17.35 -9.48
CA THR E 19 -25.08 18.22 -8.35
C THR E 19 -25.78 19.50 -8.78
N GLN E 20 -25.44 20.03 -9.97
CA GLN E 20 -26.08 21.24 -10.48
C GLN E 20 -25.94 22.41 -9.48
N LYS E 21 -24.87 22.37 -8.67
CA LYS E 21 -24.61 23.38 -7.65
C LYS E 21 -24.14 24.69 -8.27
N TYR E 22 -23.30 24.62 -9.29
CA TYR E 22 -22.72 25.80 -9.90
C TYR E 22 -23.05 25.96 -11.38
N THR E 23 -23.32 24.87 -12.09
CA THR E 23 -23.66 24.91 -13.49
C THR E 23 -24.91 24.09 -13.76
N LYS E 24 -25.58 24.42 -14.85
CA LYS E 24 -26.63 23.59 -15.44
C LYS E 24 -26.24 23.21 -16.86
N VAL E 25 -26.75 22.07 -17.31
CA VAL E 25 -26.55 21.59 -18.66
C VAL E 25 -27.88 21.69 -19.39
N TYR E 26 -27.82 22.24 -20.57
CA TYR E 26 -28.98 22.42 -21.36
C TYR E 26 -28.80 21.79 -22.69
N ALA E 27 -29.89 21.40 -23.29
CA ALA E 27 -29.85 20.84 -24.62
C ALA E 27 -30.98 21.37 -25.38
N GLU E 28 -30.98 21.10 -26.65
CA GLU E 28 -32.06 21.47 -27.49
C GLU E 28 -33.32 20.74 -27.23
N ASP E 29 -34.40 21.30 -27.71
CA ASP E 29 -35.69 20.72 -27.55
C ASP E 29 -35.72 19.36 -28.15
N LYS E 30 -36.46 18.47 -27.51
CA LYS E 30 -36.60 17.13 -27.97
C LYS E 30 -37.25 17.06 -29.31
N GLU E 31 -38.13 18.01 -29.59
CA GLU E 31 -38.77 18.07 -30.87
C GLU E 31 -37.78 18.38 -31.95
N LYS E 32 -36.67 18.95 -31.59
CA LYS E 32 -35.64 19.18 -32.53
C LYS E 32 -34.53 18.18 -32.51
N TRP E 33 -34.61 17.11 -31.76
CA TRP E 33 -33.55 16.17 -31.83
C TRP E 33 -33.43 15.54 -33.17
N LYS E 34 -32.22 15.53 -33.68
CA LYS E 34 -31.98 14.92 -34.94
C LYS E 34 -31.28 13.59 -34.78
N PHE E 35 -31.73 12.60 -35.52
CA PHE E 35 -31.12 11.28 -35.49
C PHE E 35 -31.22 10.60 -34.14
N ASN E 36 -32.33 10.83 -33.43
CA ASN E 36 -32.68 10.18 -32.17
C ASN E 36 -31.98 10.75 -30.94
N ALA E 37 -31.19 11.83 -31.05
CA ALA E 37 -30.37 12.22 -29.92
C ALA E 37 -30.13 13.73 -29.94
N PRO E 38 -29.90 14.36 -28.79
CA PRO E 38 -29.43 15.73 -28.79
C PRO E 38 -27.98 15.82 -29.23
N HIS E 39 -27.64 16.92 -29.91
CA HIS E 39 -26.28 17.17 -30.40
C HIS E 39 -25.75 18.56 -30.08
N HIS E 40 -26.52 19.39 -29.39
CA HIS E 40 -26.18 20.79 -29.16
C HIS E 40 -26.45 21.10 -27.69
N PHE E 41 -25.41 21.03 -26.89
CA PHE E 41 -25.48 21.21 -25.44
C PHE E 41 -24.82 22.52 -25.06
N ILE E 42 -25.29 23.07 -23.95
CA ILE E 42 -24.73 24.28 -23.36
C ILE E 42 -24.51 24.01 -21.88
N VAL E 43 -23.35 24.37 -21.37
CA VAL E 43 -23.17 24.50 -19.92
C VAL E 43 -23.30 25.98 -19.59
N GLY E 44 -24.31 26.30 -18.78
CA GLY E 44 -24.55 27.65 -18.32
C GLY E 44 -24.44 27.73 -16.81
N LYS E 45 -24.36 28.97 -16.31
CA LYS E 45 -24.27 29.17 -14.87
C LYS E 45 -25.62 28.89 -14.23
N ALA E 46 -25.63 28.14 -13.15
CA ALA E 46 -26.86 27.81 -12.49
C ALA E 46 -27.54 29.03 -11.93
N ASP E 47 -26.80 30.10 -11.81
CA ASP E 47 -27.35 31.32 -11.26
C ASP E 47 -27.94 32.19 -12.33
N CYS E 48 -29.10 31.81 -12.82
CA CYS E 48 -29.75 32.55 -13.88
C CYS E 48 -31.20 32.26 -13.70
N GLU E 49 -32.05 33.10 -14.27
CA GLU E 49 -33.48 32.85 -14.25
C GLU E 49 -33.76 31.71 -15.17
N ASP E 50 -34.89 31.07 -15.04
CA ASP E 50 -35.24 30.03 -15.97
C ASP E 50 -35.34 30.66 -17.33
N GLU E 51 -35.81 31.88 -17.43
CA GLU E 51 -36.01 32.54 -18.68
C GLU E 51 -34.74 32.67 -19.50
N TYR E 52 -33.61 32.73 -18.83
CA TYR E 52 -32.36 32.90 -19.54
C TYR E 52 -31.34 31.82 -19.30
N ILE E 53 -30.34 31.73 -20.14
CA ILE E 53 -29.26 30.81 -19.90
C ILE E 53 -28.06 31.71 -19.92
N GLU E 54 -27.07 31.45 -19.08
CA GLU E 54 -25.80 32.19 -19.08
C GLU E 54 -24.69 31.25 -19.58
N PRO E 55 -24.49 31.14 -20.89
CA PRO E 55 -23.55 30.13 -21.40
C PRO E 55 -22.15 30.31 -20.86
N ILE E 56 -21.62 29.23 -20.27
CA ILE E 56 -20.19 29.09 -20.03
C ILE E 56 -19.52 28.43 -21.22
N GLU E 57 -20.19 27.45 -21.82
CA GLU E 57 -19.54 26.64 -22.83
C GLU E 57 -20.56 25.98 -23.73
N TYR E 58 -20.18 25.81 -24.99
CA TYR E 58 -21.01 25.14 -25.99
C TYR E 58 -20.33 23.82 -26.37
N VAL E 59 -21.09 22.73 -26.41
CA VAL E 59 -20.57 21.45 -26.83
C VAL E 59 -21.49 20.90 -27.91
N ASN E 60 -20.96 20.66 -29.10
CA ASN E 60 -21.79 20.23 -30.22
C ASN E 60 -21.30 18.88 -30.75
N PHE E 61 -22.23 17.94 -30.82
CA PHE E 61 -21.91 16.57 -31.20
C PHE E 61 -22.15 16.39 -32.68
N GLN E 62 -21.30 15.57 -33.31
CA GLN E 62 -21.46 15.23 -34.71
C GLN E 62 -22.85 14.69 -34.98
N GLU E 63 -23.61 15.36 -35.84
CA GLU E 63 -24.94 14.89 -36.21
C GLU E 63 -24.95 14.56 -37.68
N GLY E 64 -25.52 13.40 -38.00
CA GLY E 64 -25.50 12.88 -39.34
C GLY E 64 -24.26 12.06 -39.59
N PRO E 65 -24.32 11.13 -40.56
CA PRO E 65 -23.13 10.34 -40.88
C PRO E 65 -21.99 11.22 -41.37
N ILE E 66 -20.78 10.88 -40.94
CA ILE E 66 -19.61 11.72 -41.18
C ILE E 66 -19.39 11.91 -42.67
N LYS E 67 -19.59 10.84 -43.44
CA LYS E 67 -19.24 10.85 -44.86
C LYS E 67 -20.31 11.50 -45.72
N GLU E 68 -21.48 11.81 -45.17
CA GLU E 68 -22.50 12.58 -45.86
C GLU E 68 -22.58 14.04 -45.44
N TYR E 69 -22.22 14.37 -44.20
CA TYR E 69 -22.29 15.74 -43.72
C TYR E 69 -20.96 16.31 -43.27
N GLY E 70 -19.86 15.57 -43.40
CA GLY E 70 -18.57 16.05 -42.91
C GLY E 70 -18.50 16.07 -41.39
N ILE E 71 -17.33 16.41 -40.89
CA ILE E 71 -17.10 16.45 -39.45
C ILE E 71 -17.64 17.77 -38.91
N ASN E 72 -18.73 17.69 -38.14
CA ASN E 72 -19.41 18.89 -37.63
C ASN E 72 -19.55 18.89 -36.11
N GLY E 73 -18.82 18.03 -35.41
CA GLY E 73 -18.99 17.94 -33.96
C GLY E 73 -18.18 16.80 -33.39
N VAL E 74 -18.14 16.78 -32.05
CA VAL E 74 -17.34 15.82 -31.29
C VAL E 74 -18.10 14.52 -31.12
N ASN E 75 -17.37 13.48 -30.70
CA ASN E 75 -17.95 12.19 -30.35
C ASN E 75 -17.97 12.04 -28.83
N ASN E 76 -18.86 11.17 -28.36
CA ASN E 76 -18.89 10.80 -26.95
C ASN E 76 -17.48 10.44 -26.45
N GLU E 77 -16.74 9.67 -27.26
CA GLU E 77 -15.42 9.20 -26.89
C GLU E 77 -14.45 10.36 -26.68
N ASP E 78 -14.64 11.47 -27.40
CA ASP E 78 -13.78 12.64 -27.21
C ASP E 78 -13.89 13.19 -25.80
N LEU E 79 -15.12 13.47 -25.35
CA LEU E 79 -15.34 14.00 -24.02
C LEU E 79 -14.87 13.01 -22.96
N ILE E 80 -15.22 11.73 -23.13
CA ILE E 80 -14.76 10.73 -22.16
C ILE E 80 -13.24 10.73 -22.07
N LEU E 81 -12.57 10.88 -23.21
CA LEU E 81 -11.11 10.91 -23.22
C LEU E 81 -10.60 12.09 -22.43
N MET E 82 -11.23 13.25 -22.57
CA MET E 82 -10.76 14.40 -21.79
C MET E 82 -10.92 14.14 -20.30
N VAL E 83 -12.07 13.57 -19.90
CA VAL E 83 -12.29 13.35 -18.48
C VAL E 83 -11.28 12.36 -17.93
N ILE E 84 -10.99 11.30 -18.70
CA ILE E 84 -9.98 10.35 -18.27
C ILE E 84 -8.64 11.04 -18.11
N THR E 85 -8.26 11.84 -19.11
CA THR E 85 -6.96 12.52 -19.08
C THR E 85 -6.82 13.38 -17.83
N ARG E 86 -7.87 14.16 -17.53
CA ARG E 86 -7.78 15.06 -16.38
C ARG E 86 -7.79 14.29 -15.07
N LEU E 87 -8.55 13.18 -15.01
CA LEU E 87 -8.55 12.38 -13.79
C LEU E 87 -7.20 11.72 -13.57
N GLN E 88 -6.52 11.33 -14.65
CA GLN E 88 -5.19 10.76 -14.50
C GLN E 88 -4.20 11.84 -14.06
N ALA E 89 -4.35 13.06 -14.57
CA ALA E 89 -3.55 14.17 -14.04
C ALA E 89 -3.77 14.32 -12.54
N PHE E 90 -5.03 14.30 -12.10
CA PHE E 90 -5.30 14.38 -10.65
C PHE E 90 -4.62 13.24 -9.90
N GLN E 91 -4.64 12.03 -10.46
CA GLN E 91 -4.01 10.91 -9.78
C GLN E 91 -2.52 11.15 -9.62
N ASP E 92 -1.90 11.76 -10.62
CA ASP E 92 -0.48 12.15 -10.58
C ASP E 92 -0.31 13.53 -9.95
N SER E 93 -0.97 13.77 -8.82
CA SER E 93 -0.91 15.05 -8.15
C SER E 93 -1.15 14.82 -6.66
N PRO E 94 -1.10 15.87 -5.82
CA PRO E 94 -1.51 15.67 -4.42
C PRO E 94 -2.98 15.30 -4.26
N TYR E 95 -3.78 15.35 -5.33
CA TYR E 95 -5.21 15.15 -5.19
C TYR E 95 -5.63 13.71 -5.43
N LYS E 96 -4.66 12.83 -5.68
CA LYS E 96 -4.87 11.40 -5.86
C LYS E 96 -5.85 10.86 -4.81
N CYS E 97 -6.78 10.03 -5.24
CA CYS E 97 -7.70 9.38 -4.32
C CYS E 97 -8.28 8.15 -5.01
N ARG E 98 -8.88 7.28 -4.21
CA ARG E 98 -9.41 6.03 -4.73
C ARG E 98 -10.65 6.26 -5.58
N GLU E 99 -11.45 7.28 -5.24
CA GLU E 99 -12.63 7.58 -6.06
C GLU E 99 -12.23 7.89 -7.50
N ASN E 100 -11.12 8.61 -7.68
CA ASN E 100 -10.66 8.90 -9.03
C ASN E 100 -10.20 7.65 -9.75
N ALA E 101 -9.47 6.76 -9.06
CA ALA E 101 -9.03 5.51 -9.68
C ALA E 101 -10.23 4.69 -10.13
N MET E 102 -11.23 4.57 -9.25
CA MET E 102 -12.48 3.91 -9.59
C MET E 102 -13.09 4.53 -10.84
N ALA E 103 -13.22 5.86 -10.85
CA ALA E 103 -13.90 6.55 -11.96
C ALA E 103 -13.13 6.37 -13.26
N ILE E 104 -11.80 6.45 -13.21
CA ILE E 104 -10.99 6.20 -14.39
C ILE E 104 -11.24 4.80 -14.92
N THR E 105 -11.29 3.82 -14.02
CA THR E 105 -11.60 2.45 -14.43
C THR E 105 -12.95 2.40 -15.13
N LYS E 106 -13.97 3.02 -14.53
CA LYS E 106 -15.32 2.97 -15.09
C LYS E 106 -15.34 3.59 -16.49
N LEU E 107 -14.67 4.74 -16.66
CA LEU E 107 -14.65 5.42 -17.95
C LEU E 107 -13.90 4.62 -18.99
N GLN E 108 -12.84 3.91 -18.58
CA GLN E 108 -12.17 3.05 -19.54
C GLN E 108 -13.07 1.91 -19.96
N GLU E 109 -13.81 1.33 -19.02
CA GLU E 109 -14.73 0.25 -19.40
C GLU E 109 -15.87 0.76 -20.26
N CYS E 110 -16.28 2.02 -20.05
CA CYS E 110 -17.20 2.68 -20.99
C CYS E 110 -16.63 2.70 -22.40
N LEU E 111 -15.40 3.20 -22.55
CA LEU E 111 -14.78 3.22 -23.88
C LEU E 111 -14.73 1.81 -24.46
N MET E 112 -14.42 0.82 -23.62
CA MET E 112 -14.31 -0.55 -24.10
C MET E 112 -15.63 -1.06 -24.65
N TRP E 113 -16.74 -0.77 -23.95
CA TRP E 113 -18.04 -1.22 -24.43
C TRP E 113 -18.46 -0.52 -25.72
N LEU E 114 -18.25 0.81 -25.79
CA LEU E 114 -18.62 1.51 -27.02
C LEU E 114 -17.80 0.99 -28.20
N GLY E 115 -16.50 0.76 -27.97
CA GLY E 115 -15.67 0.21 -29.01
C GLY E 115 -16.09 -1.19 -29.42
N LYS E 116 -16.55 -1.99 -28.45
CA LYS E 116 -17.06 -3.32 -28.80
C LYS E 116 -18.19 -3.20 -29.79
N ARG E 117 -19.14 -2.31 -29.51
CA ARG E 117 -20.19 -2.06 -30.48
C ARG E 117 -19.64 -1.77 -31.87
N THR E 118 -18.64 -0.90 -31.96
CA THR E 118 -18.02 -0.67 -33.27
C THR E 118 -17.47 -1.96 -33.88
N LEU E 119 -16.57 -2.65 -33.15
CA LEU E 119 -15.85 -3.80 -33.69
C LEU E 119 -16.81 -4.90 -34.12
N ASP E 120 -17.89 -5.08 -33.36
CA ASP E 120 -18.93 -6.03 -33.73
C ASP E 120 -19.58 -5.64 -35.05
N ARG E 121 -19.95 -4.37 -35.18
CA ARG E 121 -20.58 -3.96 -36.43
C ARG E 121 -19.64 -4.12 -37.61
N GLU E 122 -18.34 -4.02 -37.38
CA GLU E 122 -17.39 -4.23 -38.47
C GLU E 122 -17.26 -5.70 -38.84
N VAL E 123 -17.20 -6.59 -37.84
CA VAL E 123 -17.32 -8.03 -38.13
C VAL E 123 -18.53 -8.32 -39.00
N LYS E 124 -19.68 -7.71 -38.68
CA LYS E 124 -20.86 -7.88 -39.53
C LYS E 124 -20.76 -7.12 -40.85
N GLY E 125 -19.71 -6.30 -41.02
CA GLY E 125 -19.52 -5.54 -42.23
C GLY E 125 -20.53 -4.43 -42.46
N ILE E 126 -21.15 -3.93 -41.41
CA ILE E 126 -22.26 -2.99 -41.53
C ILE E 126 -21.89 -1.61 -40.98
N GLU E 127 -20.60 -1.26 -40.95
CA GLU E 127 -20.17 -0.01 -40.34
C GLU E 127 -20.80 1.19 -41.04
N GLY E 128 -21.25 2.15 -40.22
CA GLY E 128 -21.78 3.40 -40.73
C GLY E 128 -22.92 3.27 -41.72
N THR E 129 -23.99 2.59 -41.31
CA THR E 129 -25.22 2.46 -42.08
C THR E 129 -26.38 2.64 -41.10
N SER E 130 -27.60 2.73 -41.63
CA SER E 130 -28.79 2.75 -40.79
C SER E 130 -29.17 1.28 -40.58
N GLU E 131 -28.45 0.64 -39.64
CA GLU E 131 -28.46 -0.81 -39.33
C GLU E 131 -27.53 -1.56 -40.26
N GLY F 3 -9.90 29.04 -40.30
CA GLY F 3 -9.74 27.61 -40.47
C GLY F 3 -8.79 26.97 -39.48
N LEU F 4 -7.54 26.81 -39.89
CA LEU F 4 -6.56 26.10 -39.08
C LEU F 4 -5.93 27.05 -38.05
N VAL F 5 -5.26 26.45 -37.06
CA VAL F 5 -4.45 27.17 -36.08
C VAL F 5 -3.15 26.38 -35.89
N PRO F 6 -2.09 27.04 -35.42
CA PRO F 6 -0.83 26.31 -35.24
C PRO F 6 -0.89 25.40 -34.02
N ARG F 7 -0.33 24.19 -34.16
CA ARG F 7 -0.28 23.28 -33.03
C ARG F 7 0.50 23.91 -31.89
N GLY F 8 1.79 24.17 -32.10
CA GLY F 8 2.57 24.85 -31.08
C GLY F 8 2.76 23.99 -29.85
N SER F 9 2.54 24.60 -28.67
CA SER F 9 2.72 23.91 -27.40
C SER F 9 1.58 22.96 -27.07
N HIS F 10 0.54 22.88 -27.91
CA HIS F 10 -0.56 21.97 -27.68
C HIS F 10 -0.08 20.53 -27.85
N MET F 11 -0.49 19.65 -26.95
CA MET F 11 -0.19 18.24 -27.12
C MET F 11 -1.43 17.47 -27.55
N GLU F 12 -1.19 16.40 -28.29
CA GLU F 12 -2.25 15.53 -28.79
C GLU F 12 -2.49 14.44 -27.76
N ILE F 13 -3.76 14.23 -27.42
CA ILE F 13 -4.16 13.27 -26.41
C ILE F 13 -4.60 12.00 -27.14
N LYS F 14 -3.72 11.01 -27.15
CA LYS F 14 -3.96 9.74 -27.80
C LYS F 14 -4.34 8.71 -26.73
N ASN F 15 -5.41 7.97 -26.97
CA ASN F 15 -5.73 6.83 -26.13
C ASN F 15 -5.93 5.61 -27.03
N GLY F 16 -5.26 4.50 -26.68
CA GLY F 16 -5.38 3.27 -27.44
C GLY F 16 -6.78 2.69 -27.45
N LEU F 17 -7.60 3.08 -26.48
CA LEU F 17 -9.02 2.78 -26.43
C LEU F 17 -9.85 3.69 -27.33
N CYS F 18 -9.22 4.69 -27.94
CA CYS F 18 -9.92 5.68 -28.76
C CYS F 18 -9.65 5.43 -30.23
N THR F 19 -10.72 5.30 -31.01
CA THR F 19 -10.62 4.96 -32.43
C THR F 19 -9.94 6.05 -33.25
N GLN F 20 -10.14 7.32 -32.90
CA GLN F 20 -9.32 8.42 -33.42
C GLN F 20 -9.32 8.46 -34.95
N LYS F 21 -10.46 8.15 -35.55
CA LYS F 21 -10.55 8.01 -37.00
C LYS F 21 -10.60 9.37 -37.70
N TYR F 22 -11.60 10.19 -37.38
CA TYR F 22 -11.79 11.48 -38.04
C TYR F 22 -11.40 12.67 -37.19
N THR F 23 -11.34 12.53 -35.87
CA THR F 23 -11.04 13.64 -34.98
C THR F 23 -9.82 13.32 -34.13
N LYS F 24 -9.17 14.39 -33.65
CA LYS F 24 -8.07 14.30 -32.71
C LYS F 24 -8.35 15.23 -31.54
N VAL F 25 -7.79 14.90 -30.38
CA VAL F 25 -7.98 15.68 -29.17
C VAL F 25 -6.65 16.32 -28.80
N TYR F 26 -6.69 17.57 -28.34
CA TYR F 26 -5.51 18.29 -27.89
C TYR F 26 -5.80 18.99 -26.58
N ALA F 27 -4.74 19.23 -25.82
CA ALA F 27 -4.83 20.07 -24.64
C ALA F 27 -3.57 20.93 -24.60
N GLU F 28 -3.58 21.93 -23.71
CA GLU F 28 -2.41 22.77 -23.53
C GLU F 28 -1.18 21.93 -23.16
N ASP F 29 0.01 22.48 -23.35
CA ASP F 29 1.24 21.82 -22.91
C ASP F 29 1.13 21.39 -21.45
N LYS F 30 1.82 20.28 -21.13
CA LYS F 30 1.82 19.81 -19.75
C LYS F 30 2.54 20.81 -18.83
N GLU F 31 3.61 21.46 -19.31
CA GLU F 31 4.18 22.57 -18.54
C GLU F 31 3.21 23.70 -18.28
N LYS F 32 2.16 23.86 -19.11
CA LYS F 32 1.25 24.98 -18.91
C LYS F 32 0.08 24.64 -17.98
N TRP F 33 0.03 23.43 -17.44
CA TRP F 33 -1.12 23.03 -16.63
C TRP F 33 -1.17 23.82 -15.33
N LYS F 34 -2.37 24.27 -14.99
CA LYS F 34 -2.61 24.89 -13.70
C LYS F 34 -3.44 23.94 -12.84
N PHE F 35 -3.18 23.96 -11.53
CA PHE F 35 -3.90 23.13 -10.57
C PHE F 35 -3.76 21.64 -10.90
N ASN F 36 -2.66 21.28 -11.56
CA ASN F 36 -2.22 19.91 -11.80
C ASN F 36 -2.97 19.19 -12.91
N ALA F 37 -3.69 19.90 -13.78
CA ALA F 37 -4.44 19.21 -14.82
C ALA F 37 -4.57 20.11 -16.03
N PRO F 38 -4.75 19.55 -17.23
CA PRO F 38 -5.09 20.38 -18.39
C PRO F 38 -6.52 20.87 -18.28
N HIS F 39 -6.76 22.07 -18.80
CA HIS F 39 -8.08 22.65 -18.72
C HIS F 39 -8.63 23.17 -20.04
N HIS F 40 -7.82 23.20 -21.09
CA HIS F 40 -8.23 23.82 -22.35
C HIS F 40 -8.01 22.80 -23.46
N PHE F 41 -9.10 22.14 -23.84
CA PHE F 41 -9.08 21.06 -24.82
C PHE F 41 -9.66 21.52 -26.14
N ILE F 42 -9.15 20.92 -27.20
CA ILE F 42 -9.52 21.22 -28.58
C ILE F 42 -9.74 19.90 -29.29
N VAL F 43 -10.95 19.66 -29.74
CA VAL F 43 -11.19 18.54 -30.65
C VAL F 43 -11.05 19.13 -32.05
N GLY F 44 -10.13 18.58 -32.85
CA GLY F 44 -9.89 19.07 -34.18
C GLY F 44 -10.03 17.96 -35.21
N LYS F 45 -9.92 18.31 -36.48
CA LYS F 45 -9.98 17.34 -37.55
C LYS F 45 -8.66 16.64 -37.69
N ALA F 46 -8.72 15.35 -37.93
CA ALA F 46 -7.51 14.59 -38.05
C ALA F 46 -6.65 14.84 -39.24
N ASP F 47 -7.24 14.96 -40.40
CA ASP F 47 -6.45 15.11 -41.60
C ASP F 47 -6.16 16.55 -41.64
N CYS F 48 -5.00 16.90 -41.13
CA CYS F 48 -4.64 18.26 -40.99
C CYS F 48 -3.18 18.08 -40.86
N GLU F 49 -2.45 19.16 -40.84
CA GLU F 49 -1.00 19.12 -40.72
C GLU F 49 -0.54 18.76 -39.34
N ASP F 50 0.72 18.37 -39.25
CA ASP F 50 1.28 18.09 -37.94
C ASP F 50 1.35 19.42 -37.21
N GLU F 51 1.62 20.49 -37.95
CA GLU F 51 1.79 21.80 -37.36
C GLU F 51 0.50 22.50 -37.22
N TYR F 52 -0.57 21.84 -37.61
CA TYR F 52 -1.86 22.44 -37.55
C TYR F 52 -2.96 21.67 -36.85
N ILE F 53 -3.84 22.39 -36.18
CA ILE F 53 -4.99 21.76 -35.57
C ILE F 53 -6.16 22.39 -36.30
N GLU F 54 -7.15 21.63 -36.77
CA GLU F 54 -8.34 22.23 -37.35
C GLU F 54 -9.47 22.17 -36.31
N PRO F 55 -9.64 23.19 -35.43
CA PRO F 55 -10.64 23.04 -34.36
C PRO F 55 -12.02 22.71 -34.91
N ILE F 56 -12.80 22.04 -34.09
CA ILE F 56 -14.17 21.64 -34.37
C ILE F 56 -14.94 22.14 -33.19
N GLU F 57 -14.25 22.18 -32.05
CA GLU F 57 -14.85 22.46 -30.76
C GLU F 57 -13.73 22.75 -29.78
N TYR F 58 -14.00 23.66 -28.85
CA TYR F 58 -13.14 23.93 -27.70
C TYR F 58 -13.92 23.59 -26.45
N VAL F 59 -13.24 22.95 -25.50
CA VAL F 59 -13.87 22.50 -24.26
C VAL F 59 -12.97 23.00 -23.14
N ASN F 60 -13.52 23.84 -22.25
CA ASN F 60 -12.73 24.53 -21.25
C ASN F 60 -13.22 24.15 -19.87
N PHE F 61 -12.32 23.61 -19.06
CA PHE F 61 -12.67 23.17 -17.72
C PHE F 61 -12.38 24.25 -16.71
N GLN F 62 -13.18 24.27 -15.64
CA GLN F 62 -12.95 25.16 -14.52
C GLN F 62 -11.51 25.12 -14.02
N GLU F 63 -10.80 26.24 -14.14
CA GLU F 63 -9.44 26.39 -13.61
C GLU F 63 -9.51 27.01 -12.22
N GLY F 64 -9.21 26.21 -11.20
CA GLY F 64 -9.11 26.73 -9.86
C GLY F 64 -10.44 26.89 -9.17
N PRO F 65 -10.41 27.24 -7.89
CA PRO F 65 -11.66 27.33 -7.12
C PRO F 65 -12.53 28.50 -7.56
N ILE F 66 -13.83 28.22 -7.65
CA ILE F 66 -14.81 29.24 -8.02
C ILE F 66 -14.73 30.43 -7.08
N LYS F 67 -14.48 30.14 -5.79
CA LYS F 67 -14.47 31.15 -4.74
C LYS F 67 -13.55 32.29 -5.10
N GLU F 68 -12.40 31.96 -5.67
CA GLU F 68 -11.36 32.91 -6.05
C GLU F 68 -11.36 33.25 -7.53
N TYR F 69 -11.62 32.26 -8.40
CA TYR F 69 -11.49 32.47 -9.84
C TYR F 69 -12.81 32.53 -10.57
N GLY F 70 -13.93 32.39 -9.87
CA GLY F 70 -15.24 32.49 -10.50
C GLY F 70 -15.58 31.32 -11.40
N ILE F 71 -16.84 31.23 -11.83
CA ILE F 71 -17.24 30.17 -12.74
C ILE F 71 -16.65 30.48 -14.12
N ASN F 72 -15.74 29.64 -14.58
CA ASN F 72 -15.02 29.93 -15.82
C ASN F 72 -14.84 28.72 -16.73
N GLY F 73 -15.52 27.61 -16.47
CA GLY F 73 -15.37 26.43 -17.31
C GLY F 73 -16.35 25.35 -16.89
N VAL F 74 -16.25 24.20 -17.57
CA VAL F 74 -17.12 23.07 -17.30
C VAL F 74 -16.43 22.07 -16.36
N ASN F 75 -17.24 21.21 -15.76
CA ASN F 75 -16.77 20.09 -14.96
C ASN F 75 -16.85 18.80 -15.77
N ASN F 76 -16.02 17.82 -15.38
CA ASN F 76 -16.14 16.46 -15.90
C ASN F 76 -17.58 15.93 -15.80
N GLU F 77 -18.22 16.17 -14.66
CA GLU F 77 -19.58 15.66 -14.46
C GLU F 77 -20.51 16.15 -15.57
N ASP F 78 -20.31 17.39 -16.04
CA ASP F 78 -21.17 17.94 -17.09
C ASP F 78 -21.01 17.17 -18.41
N LEU F 79 -19.76 16.96 -18.83
CA LEU F 79 -19.53 16.22 -20.06
C LEU F 79 -20.11 14.81 -19.97
N ILE F 80 -19.93 14.16 -18.83
CA ILE F 80 -20.45 12.81 -18.68
C ILE F 80 -21.97 12.83 -18.68
N LEU F 81 -22.59 13.86 -18.10
CA LEU F 81 -24.03 14.00 -18.20
C LEU F 81 -24.46 14.06 -19.66
N MET F 82 -23.74 14.84 -20.47
CA MET F 82 -24.04 14.92 -21.88
C MET F 82 -24.03 13.54 -22.52
N VAL F 83 -22.96 12.79 -22.29
CA VAL F 83 -22.83 11.50 -22.95
C VAL F 83 -23.93 10.55 -22.49
N ILE F 84 -24.20 10.53 -21.19
CA ILE F 84 -25.26 9.65 -20.67
C ILE F 84 -26.59 9.99 -21.33
N THR F 85 -26.90 11.28 -21.41
CA THR F 85 -28.12 11.73 -22.09
C THR F 85 -28.19 11.23 -23.52
N ARG F 86 -27.09 11.35 -24.26
CA ARG F 86 -27.10 10.89 -25.64
C ARG F 86 -27.30 9.37 -25.74
N LEU F 87 -26.57 8.60 -24.92
CA LEU F 87 -26.68 7.14 -25.02
C LEU F 87 -28.06 6.68 -24.56
N GLN F 88 -28.65 7.36 -23.57
CA GLN F 88 -30.01 7.03 -23.18
C GLN F 88 -30.99 7.37 -24.29
N ALA F 89 -30.72 8.43 -25.05
CA ALA F 89 -31.53 8.75 -26.22
C ALA F 89 -31.44 7.62 -27.24
N PHE F 90 -30.23 7.16 -27.55
CA PHE F 90 -30.07 6.01 -28.44
C PHE F 90 -30.84 4.80 -27.94
N GLN F 91 -30.95 4.63 -26.62
CA GLN F 91 -31.71 3.48 -26.13
C GLN F 91 -33.22 3.64 -26.36
N ASP F 92 -33.74 4.88 -26.41
CA ASP F 92 -35.00 5.16 -27.14
C ASP F 92 -34.77 5.34 -28.64
N SER F 93 -34.38 4.27 -29.29
CA SER F 93 -34.29 4.44 -30.73
C SER F 93 -34.30 3.05 -31.36
N PRO F 94 -34.33 2.98 -32.69
CA PRO F 94 -34.10 1.69 -33.35
C PRO F 94 -32.78 1.04 -32.95
N TYR F 95 -31.83 1.81 -32.44
CA TYR F 95 -30.46 1.33 -32.28
C TYR F 95 -30.13 0.99 -30.84
N LYS F 96 -31.15 0.70 -30.02
CA LYS F 96 -30.93 0.18 -28.68
C LYS F 96 -30.03 -1.05 -28.72
N CYS F 97 -28.97 -1.04 -27.91
CA CYS F 97 -28.09 -2.19 -27.82
C CYS F 97 -27.52 -2.33 -26.42
N ARG F 98 -27.14 -3.58 -26.12
CA ARG F 98 -26.57 -3.93 -24.82
C ARG F 98 -25.29 -3.17 -24.53
N GLU F 99 -24.49 -2.88 -25.56
CA GLU F 99 -23.25 -2.14 -25.37
C GLU F 99 -23.52 -0.73 -24.85
N ASN F 100 -24.51 -0.05 -25.43
CA ASN F 100 -24.91 1.25 -24.90
C ASN F 100 -25.37 1.14 -23.45
N ALA F 101 -26.14 0.10 -23.13
CA ALA F 101 -26.59 -0.07 -21.76
C ALA F 101 -25.42 -0.24 -20.80
N MET F 102 -24.43 -1.05 -21.20
CA MET F 102 -23.23 -1.16 -20.38
C MET F 102 -22.53 0.18 -20.24
N ALA F 103 -22.42 0.92 -21.34
CA ALA F 103 -21.71 2.19 -21.29
C ALA F 103 -22.40 3.16 -20.33
N ILE F 104 -23.73 3.22 -20.40
CA ILE F 104 -24.49 4.02 -19.45
C ILE F 104 -24.19 3.59 -18.02
N THR F 105 -24.20 2.26 -17.77
CA THR F 105 -23.96 1.79 -16.40
C THR F 105 -22.58 2.21 -15.90
N LYS F 106 -21.56 2.03 -16.73
CA LYS F 106 -20.23 2.48 -16.36
C LYS F 106 -20.20 3.99 -16.10
N LEU F 107 -20.87 4.78 -16.95
CA LEU F 107 -20.79 6.24 -16.80
C LEU F 107 -21.51 6.71 -15.55
N GLN F 108 -22.68 6.13 -15.28
CA GLN F 108 -23.39 6.44 -14.04
C GLN F 108 -22.55 6.06 -12.83
N GLU F 109 -21.88 4.91 -12.88
CA GLU F 109 -21.04 4.52 -11.75
C GLU F 109 -19.83 5.45 -11.62
N CYS F 110 -19.33 5.98 -12.73
CA CYS F 110 -18.28 6.98 -12.68
C CYS F 110 -18.77 8.23 -11.94
N LEU F 111 -19.93 8.75 -12.33
CA LEU F 111 -20.51 9.87 -11.60
C LEU F 111 -20.65 9.54 -10.12
N MET F 112 -21.05 8.31 -9.81
CA MET F 112 -21.23 7.90 -8.43
C MET F 112 -19.91 7.97 -7.64
N TRP F 113 -18.82 7.52 -8.26
CA TRP F 113 -17.55 7.55 -7.53
C TRP F 113 -17.03 8.97 -7.35
N LEU F 114 -17.16 9.80 -8.40
CA LEU F 114 -16.81 11.22 -8.27
C LEU F 114 -17.66 11.90 -7.19
N GLY F 115 -18.94 11.52 -7.11
CA GLY F 115 -19.84 12.10 -6.13
C GLY F 115 -19.59 11.60 -4.73
N LYS F 116 -19.05 10.38 -4.60
CA LYS F 116 -18.62 9.94 -3.28
C LYS F 116 -17.46 10.78 -2.80
N ARG F 117 -16.52 11.10 -3.69
CA ARG F 117 -15.47 12.04 -3.32
C ARG F 117 -16.06 13.36 -2.83
N THR F 118 -16.97 13.94 -3.63
CA THR F 118 -17.62 15.20 -3.23
C THR F 118 -18.35 15.09 -1.89
N LEU F 119 -19.12 14.01 -1.68
CA LEU F 119 -19.86 13.87 -0.42
C LEU F 119 -18.91 13.77 0.75
N ASP F 120 -17.79 13.07 0.57
CA ASP F 120 -16.79 13.00 1.63
C ASP F 120 -16.22 14.38 1.94
N ARG F 121 -15.94 15.17 0.89
CA ARG F 121 -15.38 16.50 1.13
C ARG F 121 -16.45 17.45 1.68
N GLU F 122 -17.72 17.06 1.58
CA GLU F 122 -18.83 17.82 2.18
C GLU F 122 -19.18 17.34 3.58
N VAL F 123 -18.65 16.18 4.01
CA VAL F 123 -18.58 15.92 5.45
C VAL F 123 -17.61 16.89 6.10
N LYS F 124 -16.56 17.29 5.38
CA LYS F 124 -15.53 18.19 5.88
C LYS F 124 -15.76 19.65 5.49
N GLY F 125 -16.81 19.95 4.73
CA GLY F 125 -17.10 21.31 4.31
C GLY F 125 -15.99 21.97 3.51
N ILE F 126 -15.22 21.19 2.76
CA ILE F 126 -14.09 21.70 1.98
C ILE F 126 -14.35 21.62 0.48
N GLU F 127 -15.61 21.50 0.08
CA GLU F 127 -15.95 21.26 -1.32
C GLU F 127 -15.80 22.54 -2.13
N GLY F 128 -15.30 22.40 -3.35
CA GLY F 128 -15.05 23.56 -4.21
C GLY F 128 -13.81 24.36 -3.86
N THR F 129 -13.10 24.00 -2.81
CA THR F 129 -11.88 24.66 -2.39
C THR F 129 -10.68 23.79 -2.74
N SER F 130 -9.48 24.36 -2.58
CA SER F 130 -8.23 23.71 -2.97
C SER F 130 -7.58 22.93 -1.83
N GLU F 131 -8.31 22.64 -0.76
CA GLU F 131 -7.75 22.00 0.42
C GLU F 131 -7.50 20.50 0.18
N GLY G 3 -0.01 38.71 25.36
CA GLY G 3 0.73 39.69 26.14
C GLY G 3 2.08 40.03 25.52
N LEU G 4 2.57 41.21 25.85
CA LEU G 4 3.97 41.53 25.65
C LEU G 4 4.69 41.43 26.99
N VAL G 5 5.87 40.81 26.97
CA VAL G 5 6.74 40.81 28.13
C VAL G 5 8.10 41.28 27.62
N PRO G 6 8.91 41.93 28.44
CA PRO G 6 10.22 42.36 27.96
C PRO G 6 11.07 41.16 27.56
N ARG G 7 11.90 41.38 26.52
CA ARG G 7 12.86 40.36 26.13
C ARG G 7 13.81 40.05 27.28
N GLY G 8 14.38 41.10 27.87
CA GLY G 8 15.17 40.92 29.08
C GLY G 8 16.39 40.04 28.87
N SER G 9 16.70 39.25 29.91
CA SER G 9 17.83 38.33 29.89
C SER G 9 17.51 37.02 29.17
N HIS G 10 16.32 36.87 28.62
CA HIS G 10 15.94 35.63 27.95
C HIS G 10 16.87 35.35 26.77
N MET G 11 17.19 34.08 26.60
CA MET G 11 17.98 33.64 25.46
C MET G 11 17.08 33.03 24.39
N GLU G 12 17.38 33.28 23.14
CA GLU G 12 16.58 32.76 22.07
C GLU G 12 17.12 31.41 21.65
N ILE G 13 16.23 30.47 21.41
CA ILE G 13 16.66 29.18 20.96
C ILE G 13 16.55 29.12 19.47
N LYS G 14 17.69 29.13 18.83
CA LYS G 14 17.71 29.12 17.42
C LYS G 14 18.42 27.92 16.83
N ASN G 15 17.76 27.10 16.03
CA ASN G 15 18.45 26.02 15.31
C ASN G 15 17.99 25.85 13.85
N GLY G 16 18.86 25.35 12.99
CA GLY G 16 18.55 25.27 11.59
C GLY G 16 17.38 24.44 11.26
N LEU G 17 17.21 23.34 11.94
CA LEU G 17 16.14 22.44 11.60
C LEU G 17 14.79 23.05 11.81
N CYS G 18 14.65 23.83 12.86
CA CYS G 18 13.40 24.53 13.15
C CYS G 18 13.28 25.86 12.38
N THR G 19 12.23 26.04 11.60
CA THR G 19 12.04 27.24 10.77
C THR G 19 11.86 28.69 11.30
N GLN G 20 11.13 28.93 12.41
CA GLN G 20 10.82 30.28 12.97
C GLN G 20 10.06 31.29 12.14
N LYS G 21 9.12 30.84 11.32
CA LYS G 21 8.30 31.77 10.58
C LYS G 21 7.34 32.57 11.39
N TYR G 22 6.61 31.92 12.27
CA TYR G 22 5.61 32.59 13.05
C TYR G 22 5.91 32.60 14.52
N THR G 23 6.69 31.65 14.98
CA THR G 23 6.96 31.52 16.37
C THR G 23 8.42 31.48 16.68
N LYS G 24 8.80 31.93 17.87
CA LYS G 24 10.16 31.85 18.32
C LYS G 24 10.14 31.22 19.69
N VAL G 25 11.21 30.57 20.07
CA VAL G 25 11.26 29.88 21.34
C VAL G 25 12.35 30.49 22.17
N TYR G 26 12.05 30.75 23.41
CA TYR G 26 12.99 31.35 24.29
C TYR G 26 13.09 30.61 25.62
N ALA G 27 14.19 30.77 26.35
CA ALA G 27 14.29 30.21 27.69
C ALA G 27 15.11 31.17 28.54
N GLU G 28 15.19 30.87 29.84
CA GLU G 28 15.88 31.75 30.77
C GLU G 28 17.36 31.88 30.42
N ASP G 29 17.93 33.02 30.81
CA ASP G 29 19.36 33.28 30.71
C ASP G 29 20.17 32.06 31.14
N LYS G 30 21.24 31.77 30.38
CA LYS G 30 22.07 30.63 30.71
C LYS G 30 22.72 30.78 32.07
N GLU G 31 23.09 32.02 32.44
CA GLU G 31 23.61 32.26 33.80
C GLU G 31 22.64 31.79 34.87
N LYS G 32 21.34 31.78 34.57
CA LYS G 32 20.30 31.51 35.55
C LYS G 32 19.82 30.08 35.47
N TRP G 33 20.49 29.23 34.68
CA TRP G 33 20.12 27.82 34.58
C TRP G 33 20.38 27.14 35.93
N LYS G 34 19.36 26.42 36.40
CA LYS G 34 19.47 25.54 37.57
C LYS G 34 19.68 24.11 37.10
N PHE G 35 20.57 23.39 37.81
CA PHE G 35 20.68 21.96 37.58
C PHE G 35 21.12 21.67 36.15
N ASN G 36 22.01 22.51 35.62
CA ASN G 36 22.70 22.34 34.33
C ASN G 36 21.81 22.59 33.11
N ALA G 37 20.53 22.88 33.29
CA ALA G 37 19.62 22.89 32.16
C ALA G 37 18.62 24.03 32.27
N PRO G 38 18.16 24.57 31.14
CA PRO G 38 17.04 25.51 31.18
C PRO G 38 15.76 24.79 31.59
N HIS G 39 14.91 25.52 32.31
CA HIS G 39 13.63 24.97 32.74
C HIS G 39 12.42 25.82 32.40
N HIS G 40 12.60 27.04 31.89
CA HIS G 40 11.49 27.97 31.69
C HIS G 40 11.51 28.44 30.24
N PHE G 41 10.66 27.86 29.42
CA PHE G 41 10.59 28.17 28.00
C PHE G 41 9.33 28.94 27.70
N ILE G 42 9.44 29.86 26.75
CA ILE G 42 8.30 30.58 26.19
C ILE G 42 8.30 30.32 24.70
N VAL G 43 7.15 29.95 24.16
CA VAL G 43 6.90 30.07 22.74
C VAL G 43 6.17 31.39 22.52
N GLY G 44 6.83 32.31 21.82
CA GLY G 44 6.29 33.62 21.55
C GLY G 44 6.17 33.87 20.06
N LYS G 45 5.48 34.92 19.68
CA LYS G 45 5.28 35.25 18.28
C LYS G 45 6.39 36.05 17.71
N ALA G 46 6.88 35.66 16.56
CA ALA G 46 7.99 36.31 15.93
C ALA G 46 7.78 37.74 15.53
N ASP G 47 6.58 38.08 15.11
CA ASP G 47 6.29 39.42 14.70
C ASP G 47 5.91 40.23 15.89
N CYS G 48 6.90 40.80 16.55
CA CYS G 48 6.67 41.57 17.75
C CYS G 48 7.86 42.47 17.77
N GLU G 49 7.80 43.51 18.58
CA GLU G 49 8.87 44.46 18.60
C GLU G 49 10.11 43.83 19.13
N ASP G 50 11.24 44.35 18.70
CA ASP G 50 12.49 43.71 19.04
C ASP G 50 12.87 43.56 20.50
N GLU G 51 12.40 44.47 21.34
CA GLU G 51 12.68 44.43 22.77
C GLU G 51 11.64 43.66 23.54
N TYR G 52 10.75 42.99 22.84
CA TYR G 52 9.67 42.31 23.48
C TYR G 52 9.47 40.86 23.10
N ILE G 53 8.65 40.17 23.83
CA ILE G 53 8.29 38.82 23.51
C ILE G 53 6.78 38.77 23.55
N GLU G 54 6.11 38.11 22.61
CA GLU G 54 4.68 37.95 22.62
C GLU G 54 4.32 36.47 22.93
N PRO G 55 4.19 36.02 24.21
CA PRO G 55 4.02 34.59 24.50
C PRO G 55 2.72 34.02 23.94
N ILE G 56 2.83 32.93 23.19
CA ILE G 56 1.70 32.04 22.93
C ILE G 56 1.57 31.05 24.07
N GLU G 57 2.71 30.61 24.58
CA GLU G 57 2.71 29.54 25.56
C GLU G 57 3.94 29.59 26.44
N TYR G 58 3.81 29.01 27.62
CA TYR G 58 4.93 28.83 28.54
C TYR G 58 4.99 27.35 28.91
N VAL G 59 6.19 26.85 29.08
CA VAL G 59 6.39 25.49 29.45
C VAL G 59 7.45 25.51 30.52
N ASN G 60 7.08 25.00 31.67
CA ASN G 60 8.01 24.92 32.77
C ASN G 60 8.34 23.51 33.14
N PHE G 61 9.61 23.21 33.18
CA PHE G 61 10.08 21.87 33.46
C PHE G 61 10.45 21.60 34.87
N GLN G 62 10.46 20.33 35.23
CA GLN G 62 10.78 19.94 36.54
C GLN G 62 12.12 20.42 36.92
N GLU G 63 12.18 21.14 38.01
CA GLU G 63 13.39 21.74 38.44
C GLU G 63 13.70 21.13 39.76
N GLY G 64 14.85 20.52 39.84
CA GLY G 64 15.20 19.85 41.04
C GLY G 64 14.91 18.41 40.93
N PRO G 65 15.88 17.59 41.31
CA PRO G 65 15.67 16.16 41.13
C PRO G 65 14.51 15.70 41.98
N ILE G 66 13.67 14.88 41.42
CA ILE G 66 12.43 14.50 42.07
C ILE G 66 12.51 13.99 43.48
N LYS G 67 13.39 13.07 43.74
CA LYS G 67 13.53 12.53 45.09
C LYS G 67 13.88 13.63 46.10
N GLU G 68 14.69 14.61 45.69
CA GLU G 68 15.07 15.68 46.60
C GLU G 68 14.10 16.86 46.57
N TYR G 69 13.52 17.20 45.40
CA TYR G 69 12.55 18.30 45.35
C TYR G 69 11.09 17.89 45.17
N GLY G 70 10.79 16.68 44.69
CA GLY G 70 9.38 16.40 44.42
C GLY G 70 8.96 16.82 43.03
N ILE G 71 7.79 17.47 42.90
CA ILE G 71 7.14 17.66 41.60
C ILE G 71 6.80 19.14 41.39
N ASN G 72 7.28 19.71 40.27
CA ASN G 72 7.09 21.13 40.04
C ASN G 72 7.11 21.53 38.56
N GLY G 73 7.03 20.58 37.63
CA GLY G 73 7.11 20.93 36.21
C GLY G 73 7.12 19.68 35.38
N VAL G 74 6.95 19.87 34.06
CA VAL G 74 6.82 18.76 33.12
C VAL G 74 8.16 18.09 32.88
N ASN G 75 8.11 16.93 32.24
CA ASN G 75 9.29 16.20 31.83
C ASN G 75 9.34 16.13 30.32
N ASN G 76 10.56 16.06 29.78
CA ASN G 76 10.77 15.87 28.35
C ASN G 76 9.82 14.83 27.78
N GLU G 77 9.72 13.69 28.48
CA GLU G 77 8.90 12.58 28.06
C GLU G 77 7.45 12.99 27.87
N ASP G 78 6.94 13.89 28.72
CA ASP G 78 5.54 14.32 28.62
C ASP G 78 5.29 15.05 27.31
N LEU G 79 6.16 16.01 26.98
CA LEU G 79 6.03 16.73 25.72
C LEU G 79 6.12 15.78 24.53
N ILE G 80 7.11 14.89 24.57
CA ILE G 80 7.30 13.96 23.46
C ILE G 80 6.07 13.08 23.30
N LEU G 81 5.43 12.75 24.43
CA LEU G 81 4.19 11.97 24.37
C LEU G 81 3.06 12.75 23.72
N MET G 82 2.93 14.04 24.05
CA MET G 82 1.90 14.83 23.37
C MET G 82 2.14 14.85 21.87
N VAL G 83 3.40 15.06 21.48
CA VAL G 83 3.69 15.17 20.06
C VAL G 83 3.39 13.86 19.34
N ILE G 84 3.75 12.73 19.94
CA ILE G 84 3.41 11.43 19.36
C ILE G 84 1.90 11.29 19.23
N THR G 85 1.15 11.66 20.27
CA THR G 85 -0.30 11.50 20.23
C THR G 85 -0.89 12.31 19.08
N ARG G 86 -0.38 13.53 18.89
CA ARG G 86 -0.88 14.37 17.81
C ARG G 86 -0.50 13.82 16.44
N LEU G 87 0.71 13.30 16.29
CA LEU G 87 1.11 12.76 14.98
C LEU G 87 0.33 11.48 14.66
N GLN G 88 0.09 10.65 15.68
CA GLN G 88 -0.75 9.47 15.48
C GLN G 88 -2.16 9.87 15.09
N ALA G 89 -2.70 10.93 15.71
CA ALA G 89 -4.01 11.42 15.29
C ALA G 89 -3.99 11.87 13.84
N PHE G 90 -2.94 12.60 13.44
CA PHE G 90 -2.79 12.99 12.04
C PHE G 90 -2.75 11.78 11.12
N GLN G 91 -2.15 10.67 11.55
CA GLN G 91 -2.09 9.49 10.70
C GLN G 91 -3.46 8.85 10.55
N ASP G 92 -4.33 9.02 11.54
CA ASP G 92 -5.71 8.56 11.46
C ASP G 92 -6.62 9.63 10.88
N SER G 93 -6.22 10.24 9.76
CA SER G 93 -6.91 11.39 9.23
C SER G 93 -6.48 11.57 7.78
N PRO G 94 -7.20 12.40 7.01
CA PRO G 94 -6.76 12.73 5.65
C PRO G 94 -5.32 13.20 5.59
N TYR G 95 -4.81 13.65 6.72
CA TYR G 95 -3.50 14.27 6.80
C TYR G 95 -2.36 13.25 6.90
N LYS G 96 -2.69 11.96 6.76
CA LYS G 96 -1.69 10.89 6.81
C LYS G 96 -0.57 11.13 5.80
N CYS G 97 0.66 10.78 6.18
CA CYS G 97 1.80 10.87 5.27
C CYS G 97 2.99 10.13 5.85
N ARG G 98 3.96 9.83 4.98
CA ARG G 98 5.14 9.07 5.39
C ARG G 98 6.01 9.86 6.36
N GLU G 99 6.11 11.18 6.15
CA GLU G 99 6.95 11.99 7.04
C GLU G 99 6.47 11.88 8.48
N ASN G 100 5.15 11.91 8.69
CA ASN G 100 4.63 11.76 10.05
C ASN G 100 4.98 10.39 10.61
N ALA G 101 4.90 9.34 9.80
CA ALA G 101 5.22 8.02 10.30
C ALA G 101 6.68 7.94 10.73
N MET G 102 7.59 8.48 9.91
CA MET G 102 8.99 8.53 10.29
C MET G 102 9.17 9.30 11.58
N ALA G 103 8.47 10.44 11.72
CA ALA G 103 8.65 11.27 12.91
C ALA G 103 8.13 10.55 14.16
N ILE G 104 7.01 9.84 14.04
CA ILE G 104 6.52 9.04 15.16
C ILE G 104 7.56 8.00 15.55
N THR G 105 8.12 7.30 14.57
CA THR G 105 9.12 6.27 14.87
C THR G 105 10.34 6.88 15.55
N LYS G 106 10.81 8.03 15.08
CA LYS G 106 11.94 8.68 15.74
C LYS G 106 11.59 9.06 17.17
N LEU G 107 10.37 9.54 17.40
CA LEU G 107 10.02 9.99 18.75
C LEU G 107 9.88 8.80 19.69
N GLN G 108 9.27 7.72 19.22
CA GLN G 108 9.21 6.51 20.03
C GLN G 108 10.62 6.03 20.37
N GLU G 109 11.54 6.06 19.40
CA GLU G 109 12.89 5.62 19.72
C GLU G 109 13.59 6.58 20.67
N CYS G 110 13.26 7.86 20.61
CA CYS G 110 13.77 8.80 21.60
C CYS G 110 13.30 8.39 22.98
N LEU G 111 12.01 8.09 23.12
CA LEU G 111 11.47 7.64 24.41
C LEU G 111 12.15 6.36 24.86
N MET G 112 12.48 5.47 23.91
CA MET G 112 13.12 4.20 24.26
C MET G 112 14.55 4.41 24.77
N TRP G 113 15.28 5.36 24.17
CA TRP G 113 16.64 5.63 24.66
C TRP G 113 16.60 6.31 26.04
N LEU G 114 15.73 7.31 26.20
CA LEU G 114 15.54 7.92 27.51
C LEU G 114 15.10 6.87 28.54
N GLY G 115 14.24 5.94 28.12
CA GLY G 115 13.82 4.89 29.01
C GLY G 115 14.94 3.95 29.37
N LYS G 116 15.85 3.68 28.42
CA LYS G 116 17.00 2.86 28.76
C LYS G 116 17.80 3.51 29.88
N ARG G 117 17.99 4.83 29.79
CA ARG G 117 18.67 5.51 30.89
C ARG G 117 17.92 5.32 32.20
N THR G 118 16.61 5.55 32.18
CA THR G 118 15.83 5.41 33.41
C THR G 118 15.94 3.99 33.98
N LEU G 119 15.81 2.98 33.16
CA LEU G 119 15.86 1.63 33.62
C LEU G 119 17.17 1.29 34.25
N ASP G 120 18.26 1.71 33.66
CA ASP G 120 19.56 1.43 34.18
C ASP G 120 19.71 2.08 35.51
N ARG G 121 19.22 3.29 35.62
CA ARG G 121 19.32 3.99 36.85
C ARG G 121 18.55 3.33 37.95
N GLU G 122 17.41 2.75 37.65
CA GLU G 122 16.64 1.97 38.62
C GLU G 122 17.33 0.72 39.05
N VAL G 123 18.05 0.09 38.15
CA VAL G 123 18.80 -1.06 38.52
C VAL G 123 19.83 -0.65 39.56
N LYS G 124 20.42 0.53 39.44
CA LYS G 124 21.36 1.00 40.42
C LYS G 124 20.74 1.69 41.59
N GLY G 125 19.44 1.90 41.56
CA GLY G 125 18.73 2.54 42.64
C GLY G 125 18.74 4.03 42.68
N ILE G 126 19.26 4.66 41.63
CA ILE G 126 19.42 6.11 41.62
C ILE G 126 18.42 6.98 40.87
N GLU G 127 17.31 6.45 40.43
CA GLU G 127 16.46 7.30 39.64
C GLU G 127 15.89 8.42 40.46
N GLY G 128 15.88 9.62 39.89
CA GLY G 128 15.31 10.74 40.57
C GLY G 128 16.33 11.39 41.43
N THR G 129 17.54 10.88 41.38
CA THR G 129 18.56 11.39 42.25
C THR G 129 19.61 12.10 41.50
N SER G 130 20.47 12.80 42.21
CA SER G 130 21.50 13.55 41.60
C SER G 130 22.71 12.68 41.50
N GLU G 131 22.53 11.43 41.85
CA GLU G 131 23.60 10.54 41.74
C GLU G 131 23.89 10.26 40.30
N ILE G 132 25.15 10.31 39.92
CA ILE G 132 25.59 10.07 38.55
C ILE G 132 25.65 8.57 38.26
N LEU H 4 -6.88 20.97 41.95
CA LEU H 4 -7.63 19.81 41.55
C LEU H 4 -8.80 20.22 40.74
N VAL H 5 -8.91 19.72 39.52
CA VAL H 5 -9.96 20.11 38.61
C VAL H 5 -10.63 18.86 38.14
N PRO H 6 -11.87 18.95 37.72
CA PRO H 6 -12.47 17.68 37.33
C PRO H 6 -11.93 17.12 36.01
N ARG H 7 -11.85 15.82 35.91
CA ARG H 7 -11.37 15.21 34.70
C ARG H 7 -12.27 15.51 33.55
N GLY H 8 -13.53 15.35 33.75
CA GLY H 8 -14.46 15.59 32.69
C GLY H 8 -14.30 14.75 31.48
N SER H 9 -14.30 15.41 30.34
CA SER H 9 -14.21 14.70 29.09
C SER H 9 -12.78 14.49 28.67
N HIS H 10 -11.86 15.00 29.44
CA HIS H 10 -10.50 14.83 29.13
C HIS H 10 -10.10 13.42 29.15
N MET H 11 -9.23 13.05 28.23
CA MET H 11 -8.78 11.69 28.12
C MET H 11 -7.40 11.55 28.63
N GLU H 12 -7.15 10.44 29.24
CA GLU H 12 -5.85 10.18 29.73
C GLU H 12 -5.07 9.55 28.64
N ILE H 13 -3.90 10.08 28.39
CA ILE H 13 -3.02 9.58 27.34
C ILE H 13 -2.15 8.49 27.98
N LYS H 14 -2.51 7.23 27.74
CA LYS H 14 -1.74 6.11 28.27
C LYS H 14 -0.99 5.43 27.13
N ASN H 15 0.32 5.28 27.32
CA ASN H 15 1.22 4.77 26.30
C ASN H 15 2.24 3.90 27.03
N GLY H 16 2.38 2.65 26.57
CA GLY H 16 3.32 1.73 27.21
C GLY H 16 4.74 2.28 27.28
N LEU H 17 5.08 3.23 26.43
CA LEU H 17 6.43 3.77 26.39
C LEU H 17 6.73 4.75 27.51
N CYS H 18 5.74 5.18 28.28
CA CYS H 18 5.98 6.16 29.33
C CYS H 18 5.33 5.70 30.63
N THR H 19 6.10 5.77 31.72
CA THR H 19 5.79 5.01 32.94
C THR H 19 4.57 5.55 33.69
N GLN H 20 4.31 6.86 33.59
CA GLN H 20 3.36 7.57 34.45
C GLN H 20 3.78 7.53 35.90
N LYS H 21 5.08 7.38 36.17
CA LYS H 21 5.55 7.29 37.54
C LYS H 21 5.16 8.52 38.35
N TYR H 22 5.54 9.70 37.87
CA TYR H 22 5.28 10.94 38.59
C TYR H 22 4.17 11.78 37.98
N THR H 23 4.01 11.77 36.66
CA THR H 23 3.05 12.61 35.98
C THR H 23 2.08 11.78 35.14
N LYS H 24 0.97 12.43 34.80
CA LYS H 24 -0.02 11.91 33.86
C LYS H 24 -0.30 12.99 32.83
N VAL H 25 -0.60 12.56 31.61
CA VAL H 25 -0.88 13.47 30.50
C VAL H 25 -2.33 13.27 30.08
N TYR H 26 -3.01 14.39 29.94
CA TYR H 26 -4.40 14.37 29.60
C TYR H 26 -4.64 15.27 28.45
N ALA H 27 -5.67 15.02 27.71
CA ALA H 27 -6.04 15.87 26.60
C ALA H 27 -7.50 15.87 26.51
N GLU H 28 -8.02 16.74 25.68
CA GLU H 28 -9.43 16.77 25.44
C GLU H 28 -10.00 15.57 24.75
N ASP H 29 -11.30 15.39 24.86
CA ASP H 29 -11.97 14.28 24.27
C ASP H 29 -11.84 14.22 22.80
N LYS H 30 -11.84 13.01 22.27
CA LYS H 30 -11.68 12.79 20.86
C LYS H 30 -12.80 13.46 20.09
N GLU H 31 -13.97 13.53 20.68
CA GLU H 31 -15.09 14.23 20.05
C GLU H 31 -14.88 15.70 19.87
N LYS H 32 -14.13 16.32 20.75
CA LYS H 32 -13.90 17.75 20.69
C LYS H 32 -12.69 18.13 19.87
N TRP H 33 -12.09 17.16 19.21
CA TRP H 33 -10.93 17.43 18.42
C TRP H 33 -11.18 18.17 17.15
N LYS H 34 -10.82 19.44 17.14
CA LYS H 34 -10.90 20.21 15.91
C LYS H 34 -9.69 19.87 15.04
N PHE H 35 -9.94 19.71 13.73
CA PHE H 35 -8.88 19.44 12.76
C PHE H 35 -8.13 18.13 13.06
N ASN H 36 -8.87 17.13 13.51
CA ASN H 36 -8.45 15.72 13.56
C ASN H 36 -7.44 15.35 14.63
N ALA H 37 -7.13 16.24 15.58
CA ALA H 37 -6.09 15.90 16.55
C ALA H 37 -6.32 16.70 17.82
N PRO H 38 -5.84 16.23 18.96
CA PRO H 38 -5.92 17.02 20.20
C PRO H 38 -5.06 18.27 20.12
N HIS H 39 -5.48 19.30 20.86
CA HIS H 39 -4.78 20.59 20.87
C HIS H 39 -4.58 21.20 22.25
N HIS H 40 -5.20 20.66 23.30
CA HIS H 40 -5.14 21.28 24.64
C HIS H 40 -4.84 20.20 25.67
N PHE H 41 -3.56 19.92 25.88
CA PHE H 41 -3.07 18.91 26.80
C PHE H 41 -2.87 19.51 28.18
N ILE H 42 -2.93 18.63 29.18
CA ILE H 42 -2.66 19.00 30.57
C ILE H 42 -1.68 17.96 31.11
N VAL H 43 -0.59 18.42 31.70
CA VAL H 43 0.26 17.56 32.52
C VAL H 43 -0.15 17.78 33.96
N GLY H 44 -0.45 16.67 34.65
CA GLY H 44 -0.80 16.69 36.05
C GLY H 44 -0.07 15.61 36.82
N LYS H 45 -0.33 15.52 38.11
CA LYS H 45 0.30 14.52 38.93
C LYS H 45 -0.35 13.17 38.90
N ALA H 46 0.43 12.13 38.83
CA ALA H 46 -0.09 10.76 38.74
C ALA H 46 -0.84 10.19 39.94
N ASP H 47 -0.37 10.45 41.14
CA ASP H 47 -1.11 9.99 42.29
C ASP H 47 -2.06 11.10 42.52
N CYS H 48 -3.26 10.90 42.04
CA CYS H 48 -4.25 11.91 42.14
C CYS H 48 -5.40 11.00 42.08
N GLU H 49 -6.57 11.49 42.43
CA GLU H 49 -7.74 10.66 42.29
C GLU H 49 -7.92 10.49 40.82
N ASP H 50 -8.32 9.31 40.40
CA ASP H 50 -8.44 9.04 38.98
C ASP H 50 -9.66 9.73 38.40
N GLU H 51 -10.49 10.28 39.25
CA GLU H 51 -11.64 11.03 38.79
C GLU H 51 -11.41 12.52 38.84
N TYR H 52 -10.19 12.91 39.15
CA TYR H 52 -9.85 14.33 39.24
C TYR H 52 -8.52 14.58 38.52
N ILE H 53 -8.27 15.82 38.10
CA ILE H 53 -6.97 16.14 37.50
C ILE H 53 -6.25 17.19 38.32
N GLU H 54 -5.01 16.93 38.70
CA GLU H 54 -4.23 17.94 39.41
C GLU H 54 -3.24 18.58 38.49
N PRO H 55 -3.56 19.74 37.97
CA PRO H 55 -2.66 20.30 36.97
C PRO H 55 -1.28 20.77 37.38
N ILE H 56 -0.31 20.69 36.46
CA ILE H 56 1.02 21.21 36.69
C ILE H 56 1.31 22.09 35.52
N GLU H 57 0.66 21.83 34.39
CA GLU H 57 1.08 22.57 33.20
C GLU H 57 0.06 22.34 32.10
N TYR H 58 -0.24 23.39 31.33
CA TYR H 58 -1.16 23.29 30.20
C TYR H 58 -0.38 23.54 28.91
N VAL H 59 -0.56 22.66 27.92
CA VAL H 59 0.06 22.82 26.62
C VAL H 59 -1.03 22.88 25.55
N ASN H 60 -0.99 23.91 24.72
CA ASN H 60 -2.03 24.19 23.74
C ASN H 60 -1.39 24.35 22.38
N PHE H 61 -1.85 23.56 21.42
CA PHE H 61 -1.25 23.51 20.10
C PHE H 61 -2.06 24.34 19.12
N GLN H 62 -1.37 24.92 18.14
CA GLN H 62 -2.00 25.71 17.11
C GLN H 62 -3.19 24.97 16.51
N GLU H 63 -4.38 25.51 16.70
CA GLU H 63 -5.64 24.91 16.26
C GLU H 63 -6.11 25.66 15.02
N GLY H 64 -6.18 24.96 13.89
CA GLY H 64 -6.58 25.58 12.64
C GLY H 64 -5.45 26.33 11.96
N PRO H 65 -5.63 26.66 10.68
CA PRO H 65 -4.58 27.38 9.96
C PRO H 65 -4.31 28.75 10.55
N ILE H 66 -3.03 29.13 10.54
CA ILE H 66 -2.60 30.42 11.09
C ILE H 66 -3.23 31.58 10.32
N LYS H 67 -3.53 31.39 9.03
CA LYS H 67 -4.04 32.50 8.22
C LYS H 67 -5.50 32.81 8.56
N GLU H 68 -6.30 31.79 8.79
CA GLU H 68 -7.72 31.98 9.06
C GLU H 68 -8.05 32.04 10.56
N TYR H 69 -7.13 31.64 11.44
CA TYR H 69 -7.40 31.65 12.87
C TYR H 69 -6.31 32.32 13.69
N GLY H 70 -5.24 32.81 13.06
CA GLY H 70 -4.16 33.42 13.81
C GLY H 70 -3.35 32.42 14.60
N ILE H 71 -2.23 32.88 15.17
CA ILE H 71 -1.37 32.03 15.99
C ILE H 71 -2.04 31.85 17.35
N ASN H 72 -2.43 30.61 17.67
CA ASN H 72 -3.15 30.35 18.93
C ASN H 72 -2.63 29.11 19.65
N GLY H 73 -1.36 28.76 19.46
CA GLY H 73 -0.84 27.57 20.11
C GLY H 73 0.54 27.27 19.58
N VAL H 74 1.19 26.30 20.23
CA VAL H 74 2.56 25.92 19.86
C VAL H 74 2.53 24.90 18.73
N ASN H 75 3.72 24.60 18.21
CA ASN H 75 3.90 23.53 17.24
C ASN H 75 4.67 22.39 17.90
N ASN H 76 4.45 21.17 17.39
CA ASN H 76 5.25 20.03 17.82
C ASN H 76 6.75 20.36 17.79
N GLU H 77 7.16 21.11 16.76
CA GLU H 77 8.57 21.43 16.58
C GLU H 77 9.11 22.26 17.73
N ASP H 78 8.29 23.12 18.32
CA ASP H 78 8.72 23.94 19.45
C ASP H 78 9.02 23.08 20.67
N LEU H 79 8.14 22.13 20.97
CA LEU H 79 8.36 21.26 22.11
C LEU H 79 9.60 20.40 21.90
N ILE H 80 9.74 19.85 20.70
CA ILE H 80 10.92 19.06 20.39
C ILE H 80 12.18 19.90 20.57
N LEU H 81 12.15 21.15 20.10
CA LEU H 81 13.31 22.02 20.27
C LEU H 81 13.65 22.22 21.74
N MET H 82 12.63 22.38 22.59
CA MET H 82 12.88 22.49 24.03
C MET H 82 13.61 21.26 24.56
N VAL H 83 13.10 20.08 24.21
CA VAL H 83 13.67 18.84 24.72
C VAL H 83 15.10 18.64 24.23
N ILE H 84 15.36 18.96 22.95
CA ILE H 84 16.71 18.88 22.41
C ILE H 84 17.63 19.82 23.17
N THR H 85 17.16 21.04 23.45
CA THR H 85 17.97 22.03 24.17
C THR H 85 18.34 21.52 25.55
N ARG H 86 17.38 20.97 26.27
CA ARG H 86 17.65 20.46 27.60
C ARG H 86 18.61 19.26 27.54
N LEU H 87 18.36 18.33 26.60
CA LEU H 87 19.22 17.15 26.51
C LEU H 87 20.65 17.54 26.18
N GLN H 88 20.83 18.56 25.33
CA GLN H 88 22.16 19.03 25.01
C GLN H 88 22.81 19.70 26.22
N ALA H 89 22.03 20.44 27.00
CA ALA H 89 22.55 20.98 28.24
C ALA H 89 23.06 19.87 29.16
N PHE H 90 22.24 18.83 29.36
CA PHE H 90 22.68 17.67 30.12
C PHE H 90 23.98 17.10 29.58
N GLN H 91 24.09 17.00 28.24
CA GLN H 91 25.33 16.47 27.66
C GLN H 91 26.51 17.35 27.99
N ASP H 92 26.27 18.65 28.16
CA ASP H 92 27.28 19.58 28.68
C ASP H 92 27.25 19.64 30.21
N SER H 93 27.24 18.49 30.87
CA SER H 93 27.20 18.44 32.33
C SER H 93 27.80 17.11 32.76
N PRO H 94 27.96 16.88 34.07
CA PRO H 94 28.38 15.56 34.53
C PRO H 94 27.40 14.45 34.18
N TYR H 95 26.18 14.79 33.79
CA TYR H 95 25.17 13.79 33.51
C TYR H 95 25.21 13.29 32.07
N LYS H 96 26.24 13.69 31.32
CA LYS H 96 26.46 13.23 29.96
C LYS H 96 26.36 11.72 29.88
N CYS H 97 25.62 11.21 28.89
CA CYS H 97 25.56 9.77 28.67
C CYS H 97 25.23 9.50 27.22
N ARG H 98 25.47 8.25 26.83
CA ARG H 98 25.18 7.80 25.46
C ARG H 98 23.67 7.79 25.19
N GLU H 99 22.85 7.48 26.20
CA GLU H 99 21.40 7.47 25.99
C GLU H 99 20.89 8.84 25.56
N ASN H 100 21.36 9.91 26.21
CA ASN H 100 20.96 11.25 25.81
C ASN H 100 21.43 11.55 24.40
N ALA H 101 22.64 11.11 24.05
CA ALA H 101 23.16 11.32 22.71
C ALA H 101 22.26 10.68 21.67
N MET H 102 21.88 9.42 21.91
CA MET H 102 20.96 8.73 21.01
C MET H 102 19.65 9.49 20.90
N ALA H 103 19.12 9.95 22.03
CA ALA H 103 17.83 10.63 22.03
C ALA H 103 17.91 11.94 21.26
N ILE H 104 19.00 12.69 21.42
CA ILE H 104 19.19 13.92 20.67
C ILE H 104 19.19 13.62 19.18
N THR H 105 19.89 12.58 18.76
CA THR H 105 19.91 12.23 17.34
C THR H 105 18.51 11.88 16.85
N LYS H 106 17.76 11.08 17.63
CA LYS H 106 16.39 10.75 17.23
C LYS H 106 15.52 11.99 17.12
N LEU H 107 15.68 12.96 18.03
CA LEU H 107 14.79 14.13 17.98
C LEU H 107 15.16 15.05 16.82
N GLN H 108 16.46 15.19 16.55
CA GLN H 108 16.88 15.94 15.38
C GLN H 108 16.36 15.31 14.10
N GLU H 109 16.36 13.97 14.02
CA GLU H 109 15.85 13.32 12.81
C GLU H 109 14.34 13.46 12.70
N CYS H 110 13.64 13.46 13.85
CA CYS H 110 12.23 13.83 13.88
C CYS H 110 11.99 15.21 13.28
N LEU H 111 12.79 16.18 13.70
CA LEU H 111 12.67 17.51 13.14
C LEU H 111 12.92 17.49 11.64
N MET H 112 13.90 16.70 11.18
CA MET H 112 14.21 16.63 9.75
C MET H 112 13.05 16.06 8.95
N TRP H 113 12.36 15.06 9.50
CA TRP H 113 11.25 14.46 8.75
C TRP H 113 10.03 15.39 8.72
N LEU H 114 9.69 16.01 9.85
CA LEU H 114 8.62 17.01 9.83
C LEU H 114 8.97 18.18 8.91
N GLY H 115 10.21 18.67 8.98
CA GLY H 115 10.65 19.71 8.06
C GLY H 115 10.55 19.28 6.61
N LYS H 116 10.84 18.01 6.33
CA LYS H 116 10.68 17.52 4.98
C LYS H 116 9.23 17.62 4.53
N ARG H 117 8.30 17.27 5.42
CA ARG H 117 6.89 17.47 5.06
C ARG H 117 6.65 18.91 4.64
N THR H 118 7.11 19.87 5.44
CA THR H 118 6.90 21.28 5.12
C THR H 118 7.48 21.66 3.76
N LEU H 119 8.75 21.33 3.52
CA LEU H 119 9.41 21.70 2.27
C LEU H 119 8.79 21.00 1.08
N ASP H 120 8.32 19.77 1.26
CA ASP H 120 7.63 19.05 0.21
C ASP H 120 6.34 19.78 -0.17
N ARG H 121 5.64 20.29 0.83
CA ARG H 121 4.49 21.16 0.55
C ARG H 121 4.90 22.37 -0.29
N GLU H 122 5.91 23.14 0.17
CA GLU H 122 6.40 24.27 -0.62
C GLU H 122 6.52 23.86 -2.08
N VAL H 123 7.29 22.80 -2.35
CA VAL H 123 7.59 22.42 -3.72
C VAL H 123 6.31 22.03 -4.46
N LYS H 124 5.33 21.45 -3.76
CA LYS H 124 4.06 21.09 -4.39
C LYS H 124 3.01 22.20 -4.32
N GLY H 125 3.37 23.36 -3.76
CA GLY H 125 2.48 24.52 -3.73
C GLY H 125 1.22 24.34 -2.90
N ILE H 126 1.33 23.72 -1.72
CA ILE H 126 0.17 23.33 -0.93
C ILE H 126 0.38 23.71 0.52
N GLU H 127 1.39 24.53 0.79
CA GLU H 127 1.99 24.58 2.12
C GLU H 127 1.16 25.38 3.11
N GLY H 128 1.13 24.89 4.36
CA GLY H 128 0.58 25.62 5.48
C GLY H 128 -0.93 25.58 5.65
N THR H 129 -1.67 25.03 4.68
CA THR H 129 -3.14 25.11 4.70
C THR H 129 -3.76 24.34 5.87
N SER I 1 25.17 31.77 -24.89
CA SER I 1 26.21 30.81 -25.19
C SER I 1 27.11 30.78 -24.03
N SER I 2 26.74 30.07 -22.99
CA SER I 2 27.62 29.87 -21.88
C SER I 2 27.65 28.39 -21.82
N GLY I 3 27.26 27.76 -22.90
CA GLY I 3 27.13 26.32 -22.86
C GLY I 3 25.71 26.00 -22.59
N LEU I 4 24.84 26.99 -22.64
CA LEU I 4 23.44 26.77 -22.48
C LEU I 4 22.91 25.91 -23.58
N VAL I 5 22.09 24.93 -23.24
CA VAL I 5 21.50 24.05 -24.20
C VAL I 5 20.02 24.08 -23.94
N PRO I 6 19.24 23.78 -24.96
CA PRO I 6 17.80 23.78 -24.80
C PRO I 6 17.34 22.77 -23.79
N ARG I 7 16.32 23.08 -22.99
CA ARG I 7 15.82 22.09 -22.07
C ARG I 7 15.24 20.94 -22.79
N GLY I 8 14.51 21.21 -23.86
CA GLY I 8 13.84 20.11 -24.52
C GLY I 8 12.72 19.54 -23.66
N SER I 9 12.56 18.23 -23.76
CA SER I 9 11.60 17.50 -22.95
C SER I 9 12.20 17.03 -21.62
N HIS I 10 13.42 17.47 -21.29
CA HIS I 10 14.03 17.12 -20.02
C HIS I 10 13.20 17.66 -18.86
N MET I 11 12.91 16.80 -17.89
CA MET I 11 12.22 17.20 -16.70
C MET I 11 13.21 17.66 -15.64
N GLU I 12 12.83 18.71 -14.93
CA GLU I 12 13.56 19.16 -13.76
C GLU I 12 13.15 18.31 -12.56
N ILE I 13 14.14 17.73 -11.88
CA ILE I 13 13.92 17.00 -10.64
C ILE I 13 13.85 18.03 -9.52
N LYS I 14 12.66 18.45 -9.14
CA LYS I 14 12.53 19.31 -7.95
C LYS I 14 11.93 18.53 -6.81
N ASN I 15 12.58 18.62 -5.66
CA ASN I 15 12.41 17.71 -4.54
C ASN I 15 12.60 18.53 -3.28
N GLY I 16 11.63 18.48 -2.37
CA GLY I 16 11.67 19.24 -1.14
C GLY I 16 12.99 19.18 -0.39
N LEU I 17 13.79 18.13 -0.62
CA LEU I 17 15.03 17.95 0.10
C LEU I 17 16.22 18.58 -0.61
N CYS I 18 16.04 19.18 -1.78
CA CYS I 18 17.12 19.84 -2.51
C CYS I 18 16.80 21.31 -2.74
N THR I 19 17.71 22.19 -2.35
CA THR I 19 17.46 23.62 -2.37
C THR I 19 17.51 24.23 -3.77
N GLN I 20 18.17 23.56 -4.72
CA GLN I 20 18.42 24.13 -6.04
C GLN I 20 19.11 25.49 -5.94
N LYS I 21 19.92 25.69 -4.89
CA LYS I 21 20.57 26.99 -4.71
C LYS I 21 21.62 27.22 -5.78
N TYR I 22 22.46 26.22 -6.02
CA TYR I 22 23.51 26.30 -7.02
C TYR I 22 23.23 25.47 -8.26
N THR I 23 22.69 24.28 -8.07
CA THR I 23 22.53 23.34 -9.16
C THR I 23 21.08 22.89 -9.24
N LYS I 24 20.68 22.50 -10.45
CA LYS I 24 19.45 21.76 -10.67
C LYS I 24 19.81 20.42 -11.30
N VAL I 25 19.01 19.41 -11.01
CA VAL I 25 19.14 18.11 -11.63
C VAL I 25 17.98 17.94 -12.60
N TYR I 26 18.27 17.38 -13.77
CA TYR I 26 17.27 17.09 -14.79
C TYR I 26 17.46 15.65 -15.22
N ALA I 27 16.38 15.04 -15.69
CA ALA I 27 16.48 13.75 -16.35
C ALA I 27 15.64 13.79 -17.61
N GLU I 28 15.64 12.70 -18.36
CA GLU I 28 14.75 12.64 -19.51
C GLU I 28 13.29 12.58 -19.05
N ASP I 29 12.40 12.85 -19.98
CA ASP I 29 10.97 12.89 -19.68
C ASP I 29 10.43 11.51 -19.32
N LYS I 30 9.46 11.47 -18.39
CA LYS I 30 8.83 10.19 -18.03
C LYS I 30 8.37 9.42 -19.24
N GLU I 31 7.88 10.14 -20.24
CA GLU I 31 7.35 9.67 -21.52
C GLU I 31 8.35 8.65 -22.06
N LYS I 32 9.63 8.93 -21.82
CA LYS I 32 10.77 8.29 -22.44
C LYS I 32 11.54 7.35 -21.51
N TRP I 33 11.17 7.25 -20.24
CA TRP I 33 11.89 6.36 -19.33
C TRP I 33 11.84 4.93 -19.84
N LYS I 34 12.98 4.29 -19.92
CA LYS I 34 13.04 2.87 -20.22
C LYS I 34 13.42 2.11 -18.97
N PHE I 35 12.89 0.89 -18.86
CA PHE I 35 13.13 0.03 -17.69
C PHE I 35 12.67 0.72 -16.41
N ASN I 36 11.56 1.45 -16.50
CA ASN I 36 10.79 2.01 -15.40
C ASN I 36 11.42 3.20 -14.70
N ALA I 37 12.54 3.73 -15.19
CA ALA I 37 13.23 4.76 -14.41
C ALA I 37 13.96 5.71 -15.35
N PRO I 38 14.28 6.91 -14.89
CA PRO I 38 15.20 7.76 -15.64
C PRO I 38 16.60 7.19 -15.61
N HIS I 39 17.33 7.42 -16.70
CA HIS I 39 18.71 6.97 -16.80
C HIS I 39 19.66 8.05 -17.27
N HIS I 40 19.18 9.16 -17.80
CA HIS I 40 20.03 10.15 -18.45
C HIS I 40 19.86 11.48 -17.74
N PHE I 41 20.71 11.71 -16.74
CA PHE I 41 20.62 12.85 -15.86
C PHE I 41 21.61 13.93 -16.28
N ILE I 42 21.25 15.18 -15.98
CA ILE I 42 22.10 16.34 -16.18
C ILE I 42 22.09 17.15 -14.90
N VAL I 43 23.27 17.56 -14.44
CA VAL I 43 23.41 18.58 -13.42
C VAL I 43 23.74 19.87 -14.15
N GLY I 44 22.82 20.84 -14.07
CA GLY I 44 23.00 22.14 -14.69
C GLY I 44 23.01 23.24 -13.67
N LYS I 45 23.53 24.42 -14.04
CA LYS I 45 23.58 25.53 -13.10
C LYS I 45 22.18 26.06 -12.83
N ALA I 46 21.94 26.46 -11.59
CA ALA I 46 20.58 26.81 -11.19
C ALA I 46 20.13 28.13 -11.80
N ASP I 47 21.03 29.10 -11.94
CA ASP I 47 20.68 30.46 -12.37
C ASP I 47 20.56 30.52 -13.89
N CYS I 48 19.62 29.75 -14.41
CA CYS I 48 19.38 29.62 -15.83
C CYS I 48 17.88 29.72 -16.08
N GLU I 49 17.51 30.14 -17.28
CA GLU I 49 16.09 30.25 -17.59
C GLU I 49 15.50 28.88 -17.90
N ASP I 50 14.24 28.70 -17.51
CA ASP I 50 13.63 27.37 -17.50
C ASP I 50 13.51 26.72 -18.86
N GLU I 51 13.71 27.48 -19.94
CA GLU I 51 13.73 26.88 -21.26
C GLU I 51 15.09 26.33 -21.64
N TYR I 52 16.10 26.56 -20.80
CA TYR I 52 17.46 26.10 -21.06
C TYR I 52 17.98 25.26 -19.89
N ILE I 53 19.08 24.58 -20.16
CA ILE I 53 19.91 23.94 -19.16
C ILE I 53 21.33 24.44 -19.37
N GLU I 54 22.06 24.67 -18.30
CA GLU I 54 23.46 25.04 -18.46
C GLU I 54 24.33 23.91 -17.92
N PRO I 55 24.57 22.86 -18.71
CA PRO I 55 25.10 21.61 -18.13
C PRO I 55 26.46 21.77 -17.47
N ILE I 56 26.54 21.30 -16.23
CA ILE I 56 27.81 21.05 -15.55
C ILE I 56 28.27 19.63 -15.79
N GLU I 57 27.34 18.69 -15.82
CA GLU I 57 27.74 17.29 -15.82
C GLU I 57 26.62 16.43 -16.35
N TYR I 58 26.99 15.36 -17.05
CA TYR I 58 26.06 14.34 -17.50
C TYR I 58 26.32 13.06 -16.74
N VAL I 59 25.26 12.39 -16.30
CA VAL I 59 25.38 11.09 -15.64
C VAL I 59 24.44 10.13 -16.33
N ASN I 60 24.97 9.03 -16.83
CA ASN I 60 24.20 8.06 -17.59
C ASN I 60 24.20 6.75 -16.83
N PHE I 61 23.01 6.27 -16.49
CA PHE I 61 22.88 5.08 -15.68
C PHE I 61 22.69 3.85 -16.54
N GLN I 62 23.15 2.72 -16.01
CA GLN I 62 22.97 1.42 -16.64
C GLN I 62 21.51 1.22 -17.06
N GLU I 63 21.26 1.17 -18.37
CA GLU I 63 19.93 0.91 -18.92
C GLU I 63 19.77 -0.57 -19.24
N GLY I 64 18.83 -1.21 -18.57
CA GLY I 64 18.57 -2.61 -18.78
C GLY I 64 19.44 -3.49 -17.92
N PRO I 65 18.89 -4.61 -17.47
CA PRO I 65 19.69 -5.57 -16.70
C PRO I 65 20.98 -5.92 -17.43
N ILE I 66 22.07 -5.95 -16.66
CA ILE I 66 23.41 -6.00 -17.24
C ILE I 66 23.61 -7.26 -18.06
N LYS I 67 23.13 -8.40 -17.56
CA LYS I 67 23.34 -9.67 -18.24
C LYS I 67 22.61 -9.75 -19.58
N GLU I 68 21.63 -8.87 -19.82
CA GLU I 68 20.87 -8.89 -21.05
C GLU I 68 21.20 -7.76 -22.02
N TYR I 69 21.78 -6.67 -21.53
CA TYR I 69 22.16 -5.55 -22.39
C TYR I 69 23.60 -5.10 -22.24
N GLY I 70 24.39 -5.79 -21.42
CA GLY I 70 25.78 -5.40 -21.24
C GLY I 70 25.92 -4.15 -20.38
N ILE I 71 27.18 -3.83 -20.11
CA ILE I 71 27.52 -2.68 -19.26
C ILE I 71 27.44 -1.41 -20.10
N ASN I 72 26.53 -0.48 -19.70
CA ASN I 72 26.34 0.73 -20.49
C ASN I 72 26.04 1.98 -19.65
N GLY I 73 26.36 1.97 -18.36
CA GLY I 73 26.06 3.11 -17.51
C GLY I 73 26.46 2.82 -16.09
N VAL I 74 26.44 3.87 -15.25
CA VAL I 74 26.81 3.75 -13.84
C VAL I 74 25.68 3.10 -13.06
N ASN I 75 25.98 2.69 -11.83
CA ASN I 75 24.96 2.19 -10.92
C ASN I 75 24.81 3.15 -9.75
N ASN I 76 23.63 3.11 -9.14
CA ASN I 76 23.41 3.81 -7.87
C ASN I 76 24.59 3.66 -6.94
N GLU I 77 25.04 2.41 -6.75
CA GLU I 77 26.09 2.10 -5.81
C GLU I 77 27.39 2.87 -6.12
N ASP I 78 27.70 3.08 -7.41
CA ASP I 78 28.91 3.81 -7.78
C ASP I 78 28.86 5.25 -7.31
N LEU I 79 27.73 5.92 -7.54
CA LEU I 79 27.57 7.30 -7.08
C LEU I 79 27.61 7.37 -5.55
N ILE I 80 26.97 6.41 -4.87
CA ILE I 80 27.03 6.39 -3.41
C ILE I 80 28.48 6.26 -2.95
N LEU I 81 29.23 5.36 -3.57
CA LEU I 81 30.62 5.15 -3.17
C LEU I 81 31.44 6.43 -3.32
N MET I 82 31.25 7.13 -4.44
CA MET I 82 31.81 8.46 -4.62
C MET I 82 31.54 9.39 -3.46
N VAL I 83 30.27 9.50 -3.08
CA VAL I 83 29.90 10.45 -2.03
C VAL I 83 30.50 10.03 -0.67
N ILE I 84 30.51 8.73 -0.39
CA ILE I 84 31.13 8.27 0.86
C ILE I 84 32.60 8.61 0.86
N THR I 85 33.29 8.39 -0.26
CA THR I 85 34.72 8.66 -0.30
C THR I 85 35.00 10.14 -0.07
N ARG I 86 34.17 11.01 -0.63
CA ARG I 86 34.38 12.44 -0.41
C ARG I 86 34.08 12.85 1.03
N LEU I 87 32.99 12.36 1.61
CA LEU I 87 32.68 12.74 2.98
C LEU I 87 33.74 12.23 3.94
N GLN I 88 34.28 11.04 3.68
CA GLN I 88 35.35 10.53 4.54
C GLN I 88 36.63 11.34 4.39
N ALA I 89 36.95 11.78 3.16
CA ALA I 89 38.06 12.70 2.99
C ALA I 89 37.82 13.99 3.78
N PHE I 90 36.59 14.51 3.74
CA PHE I 90 36.23 15.69 4.53
C PHE I 90 36.42 15.45 6.01
N GLN I 91 36.23 14.24 6.50
CA GLN I 91 36.37 13.95 7.90
C GLN I 91 37.80 13.95 8.38
N ASP I 92 38.75 13.89 7.46
CA ASP I 92 40.16 13.89 7.75
C ASP I 92 40.63 15.23 7.33
N SER I 93 39.80 16.20 7.53
CA SER I 93 40.10 17.51 7.13
C SER I 93 39.64 18.37 8.27
N PRO I 94 39.97 19.64 8.23
CA PRO I 94 39.48 20.58 9.21
C PRO I 94 37.98 20.75 9.21
N TYR I 95 37.28 20.26 8.21
CA TYR I 95 35.87 20.46 8.06
C TYR I 95 35.05 19.33 8.64
N LYS I 96 35.68 18.54 9.46
CA LYS I 96 35.02 17.44 10.11
C LYS I 96 33.81 17.80 10.94
N CYS I 97 32.75 17.04 10.75
CA CYS I 97 31.52 17.29 11.45
C CYS I 97 30.71 16.05 11.75
N ARG I 98 29.81 16.14 12.71
CA ARG I 98 28.90 15.09 13.04
C ARG I 98 27.95 14.79 11.93
N GLU I 99 27.52 15.80 11.23
CA GLU I 99 26.62 15.68 10.12
C GLU I 99 27.15 14.87 9.01
N ASN I 100 28.43 15.01 8.73
CA ASN I 100 29.08 14.19 7.75
C ASN I 100 29.13 12.76 8.15
N ALA I 101 29.38 12.50 9.41
CA ALA I 101 29.40 11.19 9.96
C ALA I 101 28.09 10.51 9.92
N MET I 102 27.06 11.24 10.21
CA MET I 102 25.74 10.75 10.11
C MET I 102 25.39 10.39 8.71
N ALA I 103 25.80 11.19 7.76
CA ALA I 103 25.60 10.92 6.38
C ALA I 103 26.38 9.76 5.86
N ILE I 104 27.62 9.61 6.30
CA ILE I 104 28.40 8.50 5.95
C ILE I 104 27.64 7.29 6.42
N THR I 105 27.15 7.35 7.65
CA THR I 105 26.46 6.20 8.19
C THR I 105 25.21 5.87 7.36
N LYS I 106 24.45 6.89 6.97
CA LYS I 106 23.25 6.63 6.19
C LYS I 106 23.62 5.99 4.87
N LEU I 107 24.64 6.51 4.22
CA LEU I 107 25.00 6.04 2.89
C LEU I 107 25.56 4.62 2.94
N GLN I 108 26.30 4.31 4.00
CA GLN I 108 26.73 2.92 4.20
C GLN I 108 25.53 2.01 4.41
N GLU I 109 24.55 2.44 5.21
CA GLU I 109 23.38 1.58 5.41
C GLU I 109 22.55 1.48 4.14
N CYS I 110 22.60 2.50 3.30
CA CYS I 110 21.98 2.41 1.99
C CYS I 110 22.63 1.32 1.16
N LEU I 111 23.97 1.31 1.13
CA LEU I 111 24.68 0.25 0.39
C LEU I 111 24.32 -1.12 0.96
N MET I 112 24.20 -1.24 2.28
CA MET I 112 23.90 -2.54 2.86
C MET I 112 22.48 -3.01 2.50
N TRP I 113 21.51 -2.09 2.41
CA TRP I 113 20.16 -2.51 2.03
C TRP I 113 20.10 -2.90 0.56
N LEU I 114 20.67 -2.06 -0.31
CA LEU I 114 20.73 -2.41 -1.72
C LEU I 114 21.48 -3.72 -1.90
N GLY I 115 22.50 -3.96 -1.08
CA GLY I 115 23.27 -5.18 -1.18
C GLY I 115 22.53 -6.38 -0.65
N LYS I 116 21.62 -6.18 0.32
CA LYS I 116 20.72 -7.26 0.69
C LYS I 116 19.87 -7.68 -0.51
N ARG I 117 19.34 -6.68 -1.25
CA ARG I 117 18.63 -7.02 -2.48
C ARG I 117 19.52 -7.82 -3.42
N THR I 118 20.76 -7.35 -3.62
CA THR I 118 21.67 -8.00 -4.56
C THR I 118 21.99 -9.43 -4.13
N LEU I 119 22.28 -9.61 -2.83
CA LEU I 119 22.60 -10.93 -2.29
C LEU I 119 21.41 -11.88 -2.41
N ASP I 120 20.21 -11.42 -2.05
CA ASP I 120 19.04 -12.26 -2.19
C ASP I 120 18.85 -12.66 -3.65
N ARG I 121 19.16 -11.76 -4.59
CA ARG I 121 18.96 -12.11 -5.99
C ARG I 121 20.04 -13.08 -6.47
N GLU I 122 21.25 -12.98 -5.90
CA GLU I 122 22.31 -13.92 -6.24
C GLU I 122 22.05 -15.30 -5.67
N VAL I 123 21.49 -15.38 -4.46
CA VAL I 123 21.05 -16.67 -3.93
C VAL I 123 20.06 -17.29 -4.91
N LYS I 124 19.09 -16.51 -5.39
CA LYS I 124 18.09 -17.01 -6.32
C LYS I 124 18.59 -17.11 -7.76
N GLY I 125 19.86 -16.79 -8.01
CA GLY I 125 20.35 -16.86 -9.37
C GLY I 125 19.71 -15.93 -10.37
N ILE I 126 19.10 -14.83 -9.93
CA ILE I 126 18.49 -13.87 -10.85
C ILE I 126 19.21 -12.52 -10.87
N GLU I 127 20.31 -12.36 -10.15
CA GLU I 127 20.99 -11.07 -10.11
C GLU I 127 21.36 -10.60 -11.52
N GLY I 128 21.09 -9.33 -11.80
CA GLY I 128 21.43 -8.78 -13.10
C GLY I 128 20.52 -9.22 -14.23
N THR I 129 19.48 -9.98 -13.95
CA THR I 129 18.47 -10.30 -14.95
C THR I 129 17.30 -9.34 -14.76
N SER I 130 16.29 -9.48 -15.61
CA SER I 130 15.07 -8.72 -15.42
C SER I 130 14.02 -9.47 -14.60
N GLU I 131 14.38 -10.62 -14.03
CA GLU I 131 13.44 -11.35 -13.19
C GLU I 131 13.17 -10.59 -11.90
N ILE I 132 11.94 -10.71 -11.40
CA ILE I 132 11.57 -9.97 -10.19
C ILE I 132 11.85 -10.79 -8.93
N SER J 2 39.01 -0.70 -27.22
CA SER J 2 38.58 0.69 -27.41
C SER J 2 37.91 1.28 -26.17
N GLY J 3 37.77 2.59 -26.16
CA GLY J 3 37.29 3.31 -24.99
C GLY J 3 38.24 3.20 -23.81
N LEU J 4 39.54 3.20 -24.06
CA LEU J 4 40.52 3.05 -23.00
C LEU J 4 41.24 4.37 -22.73
N VAL J 5 41.51 4.61 -21.46
CA VAL J 5 42.45 5.64 -21.04
C VAL J 5 43.52 4.91 -20.22
N PRO J 6 44.77 5.34 -20.24
CA PRO J 6 45.77 4.67 -19.40
C PRO J 6 45.37 4.84 -17.94
N ARG J 7 45.57 3.79 -17.15
CA ARG J 7 45.20 3.90 -15.74
C ARG J 7 45.92 5.06 -15.08
N GLY J 8 47.20 5.25 -15.39
CA GLY J 8 47.91 6.41 -14.93
C GLY J 8 48.10 6.37 -13.43
N SER J 9 47.95 7.53 -12.80
CA SER J 9 48.05 7.65 -11.36
C SER J 9 46.70 7.56 -10.64
N HIS J 10 45.63 7.21 -11.36
CA HIS J 10 44.33 7.13 -10.71
C HIS J 10 44.36 6.07 -9.61
N MET J 11 43.73 6.40 -8.49
CA MET J 11 43.58 5.45 -7.41
C MET J 11 42.23 4.74 -7.52
N GLU J 12 42.25 3.43 -7.35
CA GLU J 12 41.03 2.65 -7.33
C GLU J 12 40.37 2.82 -5.97
N ILE J 13 39.05 3.04 -5.97
CA ILE J 13 38.31 3.18 -4.74
C ILE J 13 37.82 1.79 -4.37
N LYS J 14 38.44 1.19 -3.39
CA LYS J 14 38.01 -0.12 -2.99
C LYS J 14 37.35 0.07 -1.62
N ASN J 15 36.27 -0.68 -1.37
CA ASN J 15 35.44 -0.56 -0.20
C ASN J 15 34.66 -1.86 -0.12
N GLY J 16 34.71 -2.52 1.04
CA GLY J 16 34.11 -3.82 1.18
C GLY J 16 32.63 -3.85 0.86
N LEU J 17 31.93 -2.74 1.03
CA LEU J 17 30.49 -2.70 0.75
C LEU J 17 30.20 -2.72 -0.74
N CYS J 18 31.20 -2.50 -1.58
CA CYS J 18 31.00 -2.39 -3.02
C CYS J 18 31.59 -3.62 -3.69
N THR J 19 30.80 -4.27 -4.53
CA THR J 19 31.18 -5.59 -5.00
C THR J 19 32.14 -5.53 -6.18
N GLN J 20 32.21 -4.40 -6.88
CA GLN J 20 33.18 -4.24 -7.96
C GLN J 20 33.00 -5.28 -9.06
N LYS J 21 31.78 -5.80 -9.17
CA LYS J 21 31.53 -6.93 -10.06
C LYS J 21 31.60 -6.51 -11.52
N TYR J 22 30.83 -5.50 -11.89
CA TYR J 22 30.81 -5.03 -13.26
C TYR J 22 31.62 -3.74 -13.49
N THR J 23 31.70 -2.87 -12.48
CA THR J 23 32.36 -1.57 -12.61
C THR J 23 33.40 -1.42 -11.50
N LYS J 24 34.42 -0.63 -11.79
CA LYS J 24 35.33 -0.13 -10.79
C LYS J 24 35.25 1.38 -10.76
N VAL J 25 35.38 1.96 -9.57
CA VAL J 25 35.38 3.41 -9.40
C VAL J 25 36.81 3.83 -9.14
N TYR J 26 37.22 4.91 -9.77
CA TYR J 26 38.53 5.50 -9.56
C TYR J 26 38.37 6.96 -9.23
N ALA J 27 39.42 7.50 -8.66
CA ALA J 27 39.46 8.92 -8.44
C ALA J 27 40.87 9.21 -8.74
N GLU J 28 41.24 10.45 -8.67
CA GLU J 28 42.60 10.86 -8.84
C GLU J 28 43.47 10.56 -7.67
N ASP J 29 44.76 10.59 -7.89
CA ASP J 29 45.72 10.32 -6.84
C ASP J 29 45.55 11.23 -5.66
N LYS J 30 45.76 10.70 -4.48
CA LYS J 30 45.58 11.46 -3.29
C LYS J 30 46.48 12.67 -3.18
N GLU J 31 47.72 12.56 -3.61
CA GLU J 31 48.58 13.71 -3.61
C GLU J 31 48.09 14.80 -4.53
N LYS J 32 47.36 14.44 -5.55
CA LYS J 32 46.79 15.40 -6.47
C LYS J 32 45.44 15.97 -6.03
N TRP J 33 44.93 15.55 -4.88
CA TRP J 33 43.68 16.11 -4.34
C TRP J 33 43.80 17.53 -3.96
N LYS J 34 42.77 18.27 -4.22
CA LYS J 34 42.77 19.63 -3.82
C LYS J 34 41.61 19.83 -2.90
N PHE J 35 41.71 20.79 -2.00
CA PHE J 35 40.66 21.12 -1.03
C PHE J 35 40.31 19.95 -0.12
N ASN J 36 41.30 19.12 0.17
CA ASN J 36 41.16 17.98 1.06
C ASN J 36 40.38 16.82 0.56
N ALA J 37 40.08 16.79 -0.71
CA ALA J 37 39.22 15.78 -1.20
C ALA J 37 39.32 15.37 -2.61
N PRO J 38 38.87 14.15 -2.91
CA PRO J 38 38.82 13.77 -4.29
C PRO J 38 37.73 14.48 -5.09
N HIS J 39 38.01 14.82 -6.33
CA HIS J 39 37.06 15.55 -7.18
C HIS J 39 36.80 15.03 -8.54
N HIS J 40 37.65 14.16 -9.06
CA HIS J 40 37.52 13.69 -10.43
C HIS J 40 37.40 12.18 -10.40
N PHE J 41 36.16 11.69 -10.47
CA PHE J 41 35.87 10.27 -10.39
C PHE J 41 35.56 9.72 -11.77
N ILE J 42 35.94 8.47 -11.98
CA ILE J 42 35.59 7.73 -13.18
C ILE J 42 34.96 6.41 -12.76
N VAL J 43 33.90 6.02 -13.44
CA VAL J 43 33.38 4.66 -13.38
C VAL J 43 33.82 3.98 -14.66
N GLY J 44 34.54 2.87 -14.52
CA GLY J 44 35.02 2.10 -15.64
C GLY J 44 34.59 0.66 -15.59
N LYS J 45 34.73 -0.04 -16.70
CA LYS J 45 34.41 -1.45 -16.75
C LYS J 45 35.47 -2.23 -16.06
N ALA J 46 35.07 -3.18 -15.25
CA ALA J 46 35.99 -3.99 -14.49
C ALA J 46 36.90 -4.89 -15.26
N ASP J 47 36.41 -5.46 -16.33
CA ASP J 47 37.25 -6.31 -17.13
C ASP J 47 37.86 -5.46 -18.18
N CYS J 48 39.06 -5.02 -17.89
CA CYS J 48 39.70 -4.11 -18.77
C CYS J 48 41.09 -4.61 -18.76
N GLU J 49 41.84 -4.25 -19.78
CA GLU J 49 43.22 -4.60 -19.86
C GLU J 49 43.89 -3.96 -18.68
N ASP J 50 44.97 -4.54 -18.22
CA ASP J 50 45.54 -4.10 -16.96
C ASP J 50 46.01 -2.69 -16.74
N GLU J 51 46.60 -2.07 -17.71
CA GLU J 51 47.15 -0.75 -17.47
C GLU J 51 46.15 0.27 -17.85
N TYR J 52 44.91 -0.14 -18.02
CA TYR J 52 43.89 0.74 -18.53
C TYR J 52 42.63 0.89 -17.75
N ILE J 53 41.86 1.93 -18.03
CA ILE J 53 40.55 2.11 -17.44
C ILE J 53 39.65 2.21 -18.65
N GLU J 54 38.51 1.55 -18.63
CA GLU J 54 37.53 1.67 -19.69
C GLU J 54 36.41 2.58 -19.14
N PRO J 55 36.46 3.93 -19.33
CA PRO J 55 35.48 4.79 -18.65
C PRO J 55 34.07 4.56 -19.14
N ILE J 56 33.17 4.27 -18.19
CA ILE J 56 31.75 4.34 -18.46
C ILE J 56 31.22 5.74 -18.22
N GLU J 57 31.81 6.45 -17.26
CA GLU J 57 31.31 7.77 -16.92
C GLU J 57 32.35 8.56 -16.14
N TYR J 58 32.31 9.88 -16.31
CA TYR J 58 33.12 10.83 -15.57
C TYR J 58 32.21 11.69 -14.71
N VAL J 59 32.59 11.90 -13.46
CA VAL J 59 31.86 12.78 -12.55
C VAL J 59 32.87 13.70 -11.89
N ASN J 60 32.71 15.00 -12.09
CA ASN J 60 33.62 15.97 -11.51
C ASN J 60 32.87 16.80 -10.49
N PHE J 61 33.38 16.82 -9.27
CA PHE J 61 32.70 17.56 -8.22
C PHE J 61 33.24 18.98 -8.14
N GLN J 62 32.41 19.85 -7.57
CA GLN J 62 32.79 21.21 -7.24
C GLN J 62 34.15 21.25 -6.55
N GLU J 63 35.12 21.92 -7.19
CA GLU J 63 36.42 22.21 -6.60
C GLU J 63 36.43 23.63 -6.05
N GLY J 64 36.78 23.77 -4.78
CA GLY J 64 36.83 25.07 -4.16
C GLY J 64 35.45 25.57 -3.82
N PRO J 65 35.37 26.45 -2.82
CA PRO J 65 34.07 26.96 -2.40
C PRO J 65 33.45 27.82 -3.50
N ILE J 66 32.13 27.70 -3.64
CA ILE J 66 31.46 28.23 -4.85
C ILE J 66 31.55 29.75 -4.88
N LYS J 67 31.56 30.39 -3.71
CA LYS J 67 31.61 31.85 -3.68
C LYS J 67 32.95 32.40 -4.15
N GLU J 68 34.02 31.60 -4.12
CA GLU J 68 35.33 32.08 -4.52
C GLU J 68 35.89 31.41 -5.78
N TYR J 69 35.26 30.36 -6.30
CA TYR J 69 35.61 29.81 -7.60
C TYR J 69 34.45 29.70 -8.56
N GLY J 70 33.23 29.95 -8.12
CA GLY J 70 32.06 29.74 -8.96
C GLY J 70 31.71 28.27 -9.11
N ILE J 71 30.56 28.04 -9.73
CA ILE J 71 30.03 26.69 -9.91
C ILE J 71 30.85 26.00 -11.00
N ASN J 72 31.60 24.95 -10.62
CA ASN J 72 32.46 24.23 -11.55
C ASN J 72 32.33 22.71 -11.45
N GLY J 73 31.29 22.21 -10.80
CA GLY J 73 31.18 20.78 -10.62
C GLY J 73 29.94 20.45 -9.80
N VAL J 74 29.64 19.15 -9.75
CA VAL J 74 28.45 18.68 -9.05
C VAL J 74 28.72 18.62 -7.56
N ASN J 75 27.65 18.54 -6.77
CA ASN J 75 27.74 18.32 -5.34
C ASN J 75 27.19 16.94 -4.99
N ASN J 76 27.66 16.40 -3.86
CA ASN J 76 27.13 15.15 -3.29
C ASN J 76 25.60 15.07 -3.39
N GLU J 77 24.94 16.16 -2.98
CA GLU J 77 23.48 16.21 -2.97
C GLU J 77 22.90 15.88 -4.34
N ASP J 78 23.54 16.34 -5.41
CA ASP J 78 22.99 16.10 -6.75
C ASP J 78 22.95 14.61 -7.08
N LEU J 79 24.07 13.90 -6.83
CA LEU J 79 24.08 12.47 -7.11
C LEU J 79 23.11 11.70 -6.22
N ILE J 80 23.03 12.09 -4.93
CA ILE J 80 22.11 11.38 -4.05
C ILE J 80 20.67 11.58 -4.50
N LEU J 81 20.34 12.81 -4.91
CA LEU J 81 19.03 13.09 -5.49
C LEU J 81 18.76 12.18 -6.67
N MET J 82 19.74 12.04 -7.56
CA MET J 82 19.58 11.16 -8.72
C MET J 82 19.18 9.75 -8.28
N VAL J 83 19.93 9.21 -7.33
CA VAL J 83 19.69 7.83 -6.90
C VAL J 83 18.32 7.71 -6.26
N ILE J 84 17.92 8.70 -5.45
CA ILE J 84 16.59 8.67 -4.84
C ILE J 84 15.52 8.65 -5.93
N THR J 85 15.66 9.51 -6.95
CA THR J 85 14.68 9.54 -8.03
C THR J 85 14.56 8.18 -8.69
N ARG J 86 15.70 7.56 -8.99
CA ARG J 86 15.67 6.26 -9.67
C ARG J 86 15.04 5.18 -8.78
N LEU J 87 15.41 5.14 -7.51
CA LEU J 87 14.86 4.15 -6.60
C LEU J 87 13.35 4.33 -6.43
N GLN J 88 12.89 5.57 -6.31
CA GLN J 88 11.46 5.81 -6.24
C GLN J 88 10.76 5.32 -7.50
N ALA J 89 11.39 5.54 -8.67
CA ALA J 89 10.84 5.02 -9.91
C ALA J 89 10.71 3.50 -9.85
N PHE J 90 11.77 2.81 -9.44
CA PHE J 90 11.69 1.36 -9.28
C PHE J 90 10.56 0.96 -8.34
N GLN J 91 10.37 1.71 -7.26
CA GLN J 91 9.27 1.40 -6.34
C GLN J 91 7.93 1.53 -7.05
N ASP J 92 7.86 2.40 -8.05
CA ASP J 92 6.69 2.50 -8.92
C ASP J 92 6.76 1.52 -10.10
N SER J 93 7.10 0.25 -9.86
CA SER J 93 7.27 -0.71 -10.96
C SER J 93 7.07 -2.11 -10.41
N PRO J 94 7.04 -3.13 -11.26
CA PRO J 94 7.01 -4.51 -10.74
C PRO J 94 8.17 -4.82 -9.80
N TYR J 95 9.20 -3.99 -9.77
CA TYR J 95 10.40 -4.28 -9.00
C TYR J 95 10.34 -3.68 -7.60
N LYS J 96 9.22 -3.07 -7.21
CA LYS J 96 8.98 -2.60 -5.85
C LYS J 96 9.48 -3.61 -4.83
N CYS J 97 10.24 -3.15 -3.85
CA CYS J 97 10.68 -4.06 -2.80
C CYS J 97 11.07 -3.27 -1.58
N ARG J 98 11.15 -3.98 -0.47
CA ARG J 98 11.42 -3.37 0.82
C ARG J 98 12.84 -2.83 0.90
N GLU J 99 13.81 -3.54 0.29
CA GLU J 99 15.18 -3.06 0.30
C GLU J 99 15.29 -1.68 -0.35
N ASN J 100 14.59 -1.47 -1.47
CA ASN J 100 14.61 -0.16 -2.11
C ASN J 100 13.99 0.90 -1.20
N ALA J 101 12.90 0.55 -0.49
CA ALA J 101 12.29 1.51 0.42
C ALA J 101 13.28 1.92 1.51
N MET J 102 13.97 0.92 2.11
CA MET J 102 15.00 1.23 3.10
C MET J 102 16.08 2.12 2.51
N ALA J 103 16.59 1.77 1.32
CA ALA J 103 17.65 2.57 0.73
C ALA J 103 17.19 4.01 0.51
N ILE J 104 15.95 4.18 0.05
CA ILE J 104 15.41 5.52 -0.16
C ILE J 104 15.38 6.29 1.16
N THR J 105 14.89 5.64 2.22
CA THR J 105 14.85 6.29 3.52
C THR J 105 16.24 6.72 3.97
N LYS J 106 17.22 5.82 3.80
CA LYS J 106 18.58 6.16 4.21
C LYS J 106 19.12 7.34 3.40
N LEU J 107 18.84 7.36 2.09
CA LEU J 107 19.34 8.45 1.25
C LEU J 107 18.67 9.77 1.62
N GLN J 108 17.37 9.74 1.91
CA GLN J 108 16.71 10.97 2.34
C GLN J 108 17.29 11.46 3.66
N GLU J 109 17.57 10.54 4.60
CA GLU J 109 18.16 10.98 5.86
C GLU J 109 19.58 11.49 5.68
N CYS J 110 20.32 10.91 4.71
CA CYS J 110 21.60 11.47 4.35
C CYS J 110 21.44 12.91 3.91
N LEU J 111 20.50 13.17 2.99
CA LEU J 111 20.27 14.53 2.52
C LEU J 111 19.86 15.46 3.66
N MET J 112 19.09 14.95 4.62
CA MET J 112 18.68 15.76 5.75
C MET J 112 19.88 16.16 6.62
N TRP J 113 20.79 15.22 6.89
CA TRP J 113 21.95 15.54 7.71
C TRP J 113 22.89 16.52 7.01
N LEU J 114 23.14 16.28 5.72
CA LEU J 114 23.93 17.22 4.93
C LEU J 114 23.28 18.60 4.94
N GLY J 115 21.96 18.65 4.75
CA GLY J 115 21.26 19.91 4.81
C GLY J 115 21.32 20.57 6.17
N LYS J 116 21.39 19.78 7.25
CA LYS J 116 21.56 20.37 8.56
C LYS J 116 22.87 21.14 8.64
N ARG J 117 23.94 20.53 8.12
CA ARG J 117 25.20 21.25 8.01
C ARG J 117 25.02 22.55 7.21
N THR J 118 24.29 22.48 6.10
CA THR J 118 24.11 23.65 5.24
C THR J 118 23.33 24.76 5.97
N LEU J 119 22.22 24.40 6.62
CA LEU J 119 21.42 25.33 7.39
C LEU J 119 22.26 26.02 8.46
N ASP J 120 22.98 25.24 9.25
CA ASP J 120 23.83 25.82 10.28
C ASP J 120 24.83 26.80 9.69
N ARG J 121 25.54 26.40 8.63
CA ARG J 121 26.53 27.28 8.05
C ARG J 121 25.88 28.55 7.45
N GLU J 122 24.62 28.46 7.03
CA GLU J 122 23.96 29.66 6.51
C GLU J 122 23.50 30.58 7.62
N VAL J 123 23.17 30.05 8.81
CA VAL J 123 22.98 30.93 9.96
C VAL J 123 24.22 31.79 10.18
N LYS J 124 25.39 31.17 10.05
CA LYS J 124 26.67 31.86 10.22
C LYS J 124 27.13 32.56 8.96
N GLY J 125 26.36 32.51 7.88
CA GLY J 125 26.73 33.19 6.66
C GLY J 125 28.05 32.73 6.07
N ILE J 126 28.50 31.52 6.42
CA ILE J 126 29.73 30.97 5.90
C ILE J 126 29.47 29.89 4.86
N GLU J 127 28.22 29.70 4.45
CA GLU J 127 27.92 28.72 3.43
C GLU J 127 28.54 29.14 2.11
N GLY J 128 29.19 28.19 1.44
CA GLY J 128 29.89 28.50 0.22
C GLY J 128 31.26 29.10 0.41
N THR J 129 31.72 29.23 1.65
CA THR J 129 33.05 29.74 1.94
C THR J 129 33.96 28.59 2.32
N SER J 130 35.23 28.94 2.55
CA SER J 130 36.19 28.03 3.13
C SER J 130 36.28 28.14 4.65
N GLU J 131 35.46 29.00 5.25
CA GLU J 131 35.47 29.12 6.70
C GLU J 131 34.98 27.85 7.36
N ILE J 132 35.52 27.58 8.54
CA ILE J 132 35.12 26.44 9.34
C ILE J 132 33.94 26.88 10.18
N GLY K 3 30.19 -37.67 13.52
CA GLY K 3 29.17 -37.10 14.37
C GLY K 3 28.10 -36.32 13.61
N LEU K 4 27.36 -37.03 12.76
CA LEU K 4 26.31 -36.42 11.96
C LEU K 4 24.94 -36.96 12.36
N VAL K 5 23.91 -36.25 11.90
CA VAL K 5 22.52 -36.71 11.97
C VAL K 5 21.90 -36.50 10.60
N PRO K 6 20.85 -37.25 10.27
CA PRO K 6 20.20 -37.05 8.97
C PRO K 6 19.51 -35.70 8.94
N ARG K 7 19.59 -35.01 7.80
CA ARG K 7 18.90 -33.73 7.71
C ARG K 7 17.39 -33.92 7.90
N GLY K 8 16.82 -34.94 7.26
CA GLY K 8 15.43 -35.27 7.54
C GLY K 8 14.51 -34.13 7.20
N SER K 9 13.59 -33.84 8.11
CA SER K 9 12.62 -32.81 7.88
C SER K 9 13.21 -31.45 8.08
N HIS K 10 14.39 -31.39 8.64
CA HIS K 10 14.93 -30.12 8.94
C HIS K 10 15.13 -29.24 7.77
N MET K 11 14.80 -27.96 7.96
CA MET K 11 14.92 -27.01 6.91
C MET K 11 16.06 -26.07 7.15
N GLU K 12 16.78 -25.79 6.11
CA GLU K 12 17.89 -24.92 6.21
C GLU K 12 17.43 -23.52 6.03
N ILE K 13 17.86 -22.66 6.93
CA ILE K 13 17.52 -21.30 6.86
C ILE K 13 18.64 -20.74 6.07
N LYS K 14 18.33 -20.28 4.88
CA LYS K 14 19.32 -19.73 4.03
C LYS K 14 18.87 -18.33 3.73
N ASN K 15 19.71 -17.36 4.02
CA ASN K 15 19.38 -15.96 3.81
C ASN K 15 20.54 -15.28 3.14
N GLY K 16 20.28 -14.27 2.38
CA GLY K 16 21.34 -13.51 1.78
C GLY K 16 22.21 -12.87 2.80
N LEU K 17 21.63 -12.45 3.89
CA LEU K 17 22.38 -11.83 4.94
C LEU K 17 23.37 -12.72 5.65
N CYS K 18 23.25 -14.03 5.52
CA CYS K 18 24.25 -14.90 6.10
C CYS K 18 25.07 -15.52 4.98
N THR K 19 26.39 -15.57 5.17
CA THR K 19 27.28 -16.08 4.14
C THR K 19 27.30 -17.60 4.10
N GLN K 20 27.08 -18.25 5.26
CA GLN K 20 27.22 -19.69 5.41
C GLN K 20 28.66 -20.17 5.23
N LYS K 21 29.62 -19.27 5.44
CA LYS K 21 31.03 -19.63 5.26
C LYS K 21 31.43 -20.82 6.13
N TYR K 22 31.12 -20.74 7.43
CA TYR K 22 31.45 -21.81 8.38
C TYR K 22 30.24 -22.58 8.89
N THR K 23 29.14 -21.90 9.15
CA THR K 23 28.00 -22.47 9.84
C THR K 23 26.76 -22.46 8.96
N LYS K 24 25.82 -23.34 9.28
CA LYS K 24 24.48 -23.37 8.68
C LYS K 24 23.45 -23.52 9.78
N VAL K 25 22.36 -22.78 9.69
CA VAL K 25 21.27 -22.86 10.66
C VAL K 25 20.14 -23.70 10.06
N TYR K 26 19.54 -24.54 10.89
CA TYR K 26 18.43 -25.39 10.51
C TYR K 26 17.32 -25.22 11.52
N ALA K 27 16.10 -25.49 11.10
CA ALA K 27 14.98 -25.58 12.04
C ALA K 27 14.09 -26.72 11.61
N GLU K 28 13.09 -27.02 12.44
CA GLU K 28 12.11 -28.04 12.08
C GLU K 28 11.32 -27.59 10.86
N ASP K 29 10.77 -28.55 10.14
CA ASP K 29 10.05 -28.22 8.91
C ASP K 29 8.81 -27.37 9.19
N LYS K 30 8.45 -26.45 8.25
CA LYS K 30 7.31 -25.56 8.43
C LYS K 30 6.05 -26.33 8.77
N GLU K 31 5.85 -27.50 8.16
CA GLU K 31 4.67 -28.28 8.46
C GLU K 31 4.61 -28.68 9.93
N LYS K 32 5.76 -28.70 10.62
CA LYS K 32 5.80 -29.10 12.01
C LYS K 32 5.80 -27.92 12.98
N TRP K 33 5.76 -26.70 12.47
CA TRP K 33 5.80 -25.53 13.33
C TRP K 33 4.60 -25.49 14.26
N LYS K 34 4.86 -25.22 15.52
CA LYS K 34 3.80 -24.92 16.44
C LYS K 34 3.74 -23.42 16.65
N PHE K 35 2.52 -22.93 16.91
CA PHE K 35 2.29 -21.51 17.22
C PHE K 35 2.94 -20.60 16.17
N ASN K 36 2.87 -21.04 14.91
CA ASN K 36 3.22 -20.22 13.76
C ASN K 36 4.70 -19.92 13.64
N ALA K 37 5.58 -20.63 14.34
CA ALA K 37 6.99 -20.27 14.32
C ALA K 37 7.83 -21.51 14.43
N PRO K 38 9.06 -21.51 13.89
CA PRO K 38 10.01 -22.56 14.23
C PRO K 38 10.47 -22.38 15.67
N HIS K 39 10.69 -23.49 16.36
CA HIS K 39 11.15 -23.42 17.73
C HIS K 39 12.35 -24.29 18.04
N HIS K 40 12.84 -25.07 17.08
CA HIS K 40 13.90 -26.06 17.33
C HIS K 40 15.01 -25.88 16.31
N PHE K 41 15.94 -24.98 16.60
CA PHE K 41 17.02 -24.68 15.68
C PHE K 41 18.27 -25.50 15.99
N ILE K 42 19.08 -25.68 14.96
CA ILE K 42 20.36 -26.38 15.04
C ILE K 42 21.38 -25.56 14.27
N VAL K 43 22.48 -25.22 14.90
CA VAL K 43 23.64 -24.72 14.18
C VAL K 43 24.53 -25.92 13.90
N GLY K 44 24.78 -26.19 12.61
CA GLY K 44 25.69 -27.24 12.22
C GLY K 44 26.78 -26.67 11.31
N LYS K 45 27.79 -27.50 11.08
CA LYS K 45 28.88 -27.09 10.19
C LYS K 45 28.40 -27.04 8.76
N ALA K 46 28.81 -25.99 8.05
CA ALA K 46 28.38 -25.80 6.67
C ALA K 46 28.92 -26.90 5.76
N ASP K 47 30.11 -27.42 6.05
CA ASP K 47 30.69 -28.46 5.22
C ASP K 47 30.13 -29.82 5.58
N CYS K 48 28.84 -30.00 5.34
CA CYS K 48 28.21 -31.26 5.59
C CYS K 48 27.35 -31.47 4.39
N GLU K 49 27.15 -32.71 4.00
CA GLU K 49 26.40 -32.97 2.79
C GLU K 49 24.97 -32.53 3.01
N ASP K 50 24.26 -32.22 1.94
CA ASP K 50 22.91 -31.74 2.07
C ASP K 50 22.00 -32.69 2.77
N GLU K 51 22.26 -33.98 2.78
CA GLU K 51 21.33 -34.86 3.44
C GLU K 51 21.78 -35.07 4.84
N TYR K 52 22.79 -34.31 5.24
CA TYR K 52 23.32 -34.44 6.59
C TYR K 52 23.50 -33.18 7.40
N ILE K 53 23.37 -33.30 8.70
CA ILE K 53 23.63 -32.15 9.56
C ILE K 53 24.80 -32.47 10.50
N GLU K 54 25.76 -31.56 10.66
CA GLU K 54 26.89 -31.73 11.57
C GLU K 54 26.58 -30.81 12.80
N PRO K 55 25.71 -31.22 13.76
CA PRO K 55 25.27 -30.29 14.81
C PRO K 55 26.43 -29.75 15.64
N ILE K 56 26.53 -28.42 15.69
CA ILE K 56 27.33 -27.75 16.71
C ILE K 56 26.48 -27.46 17.94
N GLU K 57 25.22 -27.10 17.75
CA GLU K 57 24.44 -26.56 18.86
C GLU K 57 22.96 -26.68 18.58
N TYR K 58 22.15 -26.86 19.59
CA TYR K 58 20.74 -26.92 19.42
C TYR K 58 20.16 -25.80 20.23
N VAL K 59 19.24 -25.03 19.66
CA VAL K 59 18.55 -23.98 20.44
C VAL K 59 17.07 -24.17 20.46
N ASN K 60 16.52 -24.29 21.66
CA ASN K 60 15.10 -24.47 21.82
C ASN K 60 14.46 -23.24 22.30
N PHE K 61 13.42 -22.84 21.62
CA PHE K 61 12.73 -21.63 21.95
C PHE K 61 11.42 -21.95 22.60
N GLN K 62 10.93 -21.02 23.38
CA GLN K 62 9.70 -21.22 24.08
C GLN K 62 8.54 -21.52 23.18
N GLU K 63 7.90 -22.64 23.43
CA GLU K 63 6.81 -23.04 22.62
C GLU K 63 5.60 -22.90 23.42
N GLY K 64 4.76 -22.00 22.98
CA GLY K 64 3.57 -21.76 23.71
C GLY K 64 3.68 -20.65 24.67
N PRO K 65 2.56 -20.05 24.94
CA PRO K 65 2.55 -18.99 25.92
C PRO K 65 2.93 -19.56 27.27
N ILE K 66 3.78 -18.87 28.01
CA ILE K 66 4.31 -19.41 29.24
C ILE K 66 3.26 -19.67 30.26
N LYS K 67 2.31 -18.77 30.33
CA LYS K 67 1.27 -18.92 31.31
C LYS K 67 0.47 -20.19 31.13
N GLU K 68 0.40 -20.68 29.92
CA GLU K 68 -0.37 -21.87 29.65
C GLU K 68 0.46 -23.14 29.41
N TYR K 69 1.65 -23.02 28.83
CA TYR K 69 2.48 -24.18 28.55
C TYR K 69 3.72 -24.27 29.42
N GLY K 70 3.98 -23.27 30.24
CA GLY K 70 5.13 -23.29 31.12
C GLY K 70 6.43 -22.98 30.40
N ILE K 71 7.44 -22.62 31.20
CA ILE K 71 8.74 -22.29 30.66
C ILE K 71 9.37 -23.54 30.05
N ASN K 72 9.68 -23.50 28.77
CA ASN K 72 10.22 -24.68 28.10
C ASN K 72 11.22 -24.34 27.01
N GLY K 73 11.78 -23.13 27.01
CA GLY K 73 12.72 -22.76 25.97
C GLY K 73 13.15 -21.31 26.16
N VAL K 74 14.05 -20.88 25.28
CA VAL K 74 14.58 -19.53 25.36
C VAL K 74 13.66 -18.52 24.70
N ASN K 75 13.95 -17.25 24.90
CA ASN K 75 13.29 -16.16 24.21
C ASN K 75 14.30 -15.44 23.31
N ASN K 76 13.79 -14.92 22.19
CA ASN K 76 14.56 -14.05 21.29
C ASN K 76 15.44 -13.09 22.10
N GLU K 77 14.87 -12.52 23.16
CA GLU K 77 15.59 -11.52 23.94
C GLU K 77 16.82 -12.11 24.61
N ASP K 78 16.74 -13.37 25.08
CA ASP K 78 17.90 -13.97 25.74
C ASP K 78 19.10 -14.07 24.81
N LEU K 79 18.86 -14.53 23.57
CA LEU K 79 19.94 -14.64 22.60
C LEU K 79 20.46 -13.28 22.19
N ILE K 80 19.55 -12.31 22.03
CA ILE K 80 20.03 -10.97 21.67
C ILE K 80 20.91 -10.42 22.79
N LEU K 81 20.52 -10.70 24.04
CA LEU K 81 21.33 -10.30 25.19
C LEU K 81 22.73 -10.91 25.13
N MET K 82 22.82 -12.21 24.81
CA MET K 82 24.16 -12.82 24.70
C MET K 82 25.00 -12.13 23.63
N VAL K 83 24.40 -11.87 22.46
CA VAL K 83 25.19 -11.25 21.40
C VAL K 83 25.65 -9.85 21.83
N ILE K 84 24.76 -9.11 22.49
CA ILE K 84 25.12 -7.77 22.96
C ILE K 84 26.30 -7.86 23.92
N THR K 85 26.22 -8.81 24.85
CA THR K 85 27.25 -8.93 25.88
C THR K 85 28.59 -9.22 25.23
N ARG K 86 28.62 -10.18 24.31
CA ARG K 86 29.87 -10.53 23.66
C ARG K 86 30.40 -9.38 22.83
N LEU K 87 29.52 -8.64 22.15
CA LEU K 87 29.98 -7.52 21.33
C LEU K 87 30.56 -6.41 22.20
N GLN K 88 29.94 -6.14 23.35
CA GLN K 88 30.50 -5.17 24.28
C GLN K 88 31.84 -5.64 24.83
N ALA K 89 31.99 -6.96 25.05
CA ALA K 89 33.29 -7.50 25.44
C ALA K 89 34.33 -7.27 24.36
N PHE K 90 33.98 -7.49 23.09
CA PHE K 90 34.88 -7.21 21.98
C PHE K 90 35.25 -5.73 21.92
N GLN K 91 34.29 -4.84 22.22
CA GLN K 91 34.59 -3.41 22.19
C GLN K 91 35.56 -3.03 23.29
N ASP K 92 35.64 -3.83 24.35
CA ASP K 92 36.63 -3.69 25.40
C ASP K 92 37.85 -4.57 25.13
N SER K 93 38.43 -4.45 23.96
CA SER K 93 39.52 -5.33 23.53
C SER K 93 40.21 -4.66 22.36
N PRO K 94 41.37 -5.18 21.94
CA PRO K 94 42.01 -4.65 20.72
C PRO K 94 41.12 -4.72 19.48
N TYR K 95 40.05 -5.50 19.52
CA TYR K 95 39.21 -5.68 18.35
C TYR K 95 38.10 -4.65 18.24
N LYS K 96 38.05 -3.70 19.18
CA LYS K 96 37.18 -2.54 19.12
C LYS K 96 37.05 -2.01 17.70
N CYS K 97 35.81 -1.84 17.24
CA CYS K 97 35.59 -1.22 15.94
C CYS K 97 34.19 -0.63 15.87
N ARG K 98 34.04 0.33 14.96
CA ARG K 98 32.77 0.99 14.76
C ARG K 98 31.66 0.02 14.33
N GLU K 99 32.00 -1.04 13.59
CA GLU K 99 30.96 -1.97 13.13
C GLU K 99 30.29 -2.65 14.31
N ASN K 100 31.10 -3.14 15.27
CA ASN K 100 30.54 -3.69 16.51
C ASN K 100 29.68 -2.66 17.23
N ALA K 101 30.13 -1.39 17.26
CA ALA K 101 29.37 -0.35 17.94
C ALA K 101 27.99 -0.17 17.31
N MET K 102 27.95 -0.07 15.98
CA MET K 102 26.68 0.04 15.28
C MET K 102 25.80 -1.17 15.56
N ALA K 103 26.40 -2.36 15.55
CA ALA K 103 25.63 -3.58 15.78
C ALA K 103 25.04 -3.58 17.17
N ILE K 104 25.80 -3.12 18.17
CA ILE K 104 25.29 -3.02 19.52
C ILE K 104 24.09 -2.10 19.56
N THR K 105 24.22 -0.92 18.95
CA THR K 105 23.12 0.02 18.91
C THR K 105 21.87 -0.61 18.28
N LYS K 106 22.04 -1.27 17.13
CA LYS K 106 20.91 -1.93 16.47
C LYS K 106 20.26 -2.97 17.38
N LEU K 107 21.07 -3.78 18.07
CA LEU K 107 20.50 -4.85 18.89
C LEU K 107 19.80 -4.30 20.12
N GLN K 108 20.38 -3.27 20.74
CA GLN K 108 19.72 -2.61 21.86
C GLN K 108 18.39 -2.03 21.43
N GLU K 109 18.35 -1.43 20.23
CA GLU K 109 17.11 -0.87 19.71
C GLU K 109 16.09 -1.96 19.40
N CYS K 110 16.57 -3.11 18.93
CA CYS K 110 15.67 -4.26 18.75
C CYS K 110 15.05 -4.68 20.07
N LEU K 111 15.84 -4.70 21.14
CA LEU K 111 15.27 -5.04 22.45
C LEU K 111 14.27 -3.99 22.87
N MET K 112 14.54 -2.73 22.56
CA MET K 112 13.60 -1.65 22.85
C MET K 112 12.25 -1.88 22.16
N TRP K 113 12.29 -2.25 20.88
CA TRP K 113 11.04 -2.45 20.13
C TRP K 113 10.29 -3.67 20.62
N LEU K 114 11.00 -4.79 20.83
CA LEU K 114 10.36 -5.97 21.38
C LEU K 114 9.77 -5.67 22.75
N GLY K 115 10.51 -4.91 23.58
CA GLY K 115 10.02 -4.57 24.89
C GLY K 115 8.85 -3.63 24.86
N LYS K 116 8.75 -2.78 23.83
CA LYS K 116 7.55 -1.99 23.65
C LYS K 116 6.35 -2.88 23.44
N ARG K 117 6.48 -3.87 22.56
CA ARG K 117 5.39 -4.82 22.43
C ARG K 117 5.05 -5.42 23.78
N THR K 118 6.07 -5.77 24.57
CA THR K 118 5.86 -6.40 25.87
C THR K 118 5.16 -5.46 26.86
N LEU K 119 5.55 -4.19 26.89
CA LEU K 119 4.91 -3.23 27.77
C LEU K 119 3.46 -2.99 27.38
N ASP K 120 3.19 -2.87 26.07
CA ASP K 120 1.80 -2.77 25.60
C ASP K 120 0.99 -3.97 26.04
N ARG K 121 1.55 -5.17 25.90
CA ARG K 121 0.80 -6.38 26.26
C ARG K 121 0.60 -6.49 27.76
N GLU K 122 1.54 -5.94 28.56
CA GLU K 122 1.36 -5.97 30.00
C GLU K 122 0.30 -4.95 30.44
N VAL K 123 0.28 -3.77 29.81
CA VAL K 123 -0.78 -2.81 30.08
C VAL K 123 -2.15 -3.43 29.78
N LYS K 124 -2.26 -4.15 28.66
CA LYS K 124 -3.50 -4.83 28.30
C LYS K 124 -3.72 -6.14 29.08
N GLY K 125 -2.80 -6.51 29.96
CA GLY K 125 -2.95 -7.73 30.73
C GLY K 125 -2.84 -9.02 29.97
N ILE K 126 -2.30 -9.03 28.75
CA ILE K 126 -2.27 -10.23 27.92
C ILE K 126 -0.85 -10.76 27.74
N GLU K 127 0.12 -10.26 28.50
CA GLU K 127 1.48 -10.75 28.37
C GLU K 127 1.54 -12.23 28.70
N GLY K 128 2.35 -12.97 27.96
CA GLY K 128 2.48 -14.38 28.21
C GLY K 128 1.25 -15.20 27.89
N THR K 129 0.23 -14.59 27.31
CA THR K 129 -0.98 -15.26 26.89
C THR K 129 -1.02 -15.35 25.37
N SER K 130 -1.91 -16.19 24.87
CA SER K 130 -2.09 -16.33 23.44
C SER K 130 -3.02 -15.30 22.85
N GLU K 131 -3.72 -14.54 23.68
CA GLU K 131 -4.53 -13.44 23.15
C GLU K 131 -3.67 -12.48 22.34
N ILE K 132 -4.16 -12.14 21.15
CA ILE K 132 -3.60 -11.11 20.29
C ILE K 132 -3.88 -9.73 20.85
N SER L 1 14.73 -30.02 44.02
CA SER L 1 13.99 -30.08 42.75
C SER L 1 14.88 -30.52 41.59
N SER L 2 14.29 -30.69 40.41
CA SER L 2 14.94 -31.33 39.28
C SER L 2 15.64 -30.32 38.36
N GLY L 3 16.67 -30.80 37.67
CA GLY L 3 17.31 -30.03 36.62
C GLY L 3 18.10 -28.82 37.09
N LEU L 4 18.76 -28.92 38.23
CA LEU L 4 19.51 -27.80 38.81
C LEU L 4 21.00 -27.98 38.57
N VAL L 5 21.71 -26.87 38.50
CA VAL L 5 23.17 -26.85 38.60
C VAL L 5 23.55 -25.76 39.60
N PRO L 6 24.68 -25.87 40.29
CA PRO L 6 25.09 -24.81 41.21
C PRO L 6 25.34 -23.50 40.47
N ARG L 7 25.10 -22.39 41.17
CA ARG L 7 25.41 -21.07 40.62
C ARG L 7 26.91 -20.92 40.40
N GLY L 8 27.72 -21.41 41.34
CA GLY L 8 29.15 -21.49 41.13
C GLY L 8 29.76 -20.13 40.83
N SER L 9 30.71 -20.13 39.89
CA SER L 9 31.35 -18.91 39.44
C SER L 9 30.61 -18.24 38.28
N HIS L 10 29.42 -18.72 37.91
CA HIS L 10 28.70 -18.14 36.79
C HIS L 10 28.29 -16.70 37.11
N MET L 11 28.52 -15.81 36.16
CA MET L 11 28.11 -14.42 36.30
C MET L 11 26.76 -14.20 35.63
N GLU L 12 25.93 -13.41 36.28
CA GLU L 12 24.58 -13.12 35.80
C GLU L 12 24.66 -11.94 34.84
N ILE L 13 24.24 -12.15 33.61
CA ILE L 13 24.10 -11.05 32.65
C ILE L 13 22.79 -10.35 32.97
N LYS L 14 22.89 -9.15 33.52
CA LYS L 14 21.72 -8.47 34.08
C LYS L 14 21.71 -7.09 33.44
N ASN L 15 20.71 -6.85 32.60
CA ASN L 15 20.75 -5.73 31.67
C ASN L 15 19.43 -4.97 31.74
N GLY L 16 19.53 -3.63 31.79
CA GLY L 16 18.34 -2.80 31.96
C GLY L 16 17.30 -3.01 30.88
N LEU L 17 17.71 -3.38 29.67
CA LEU L 17 16.75 -3.67 28.63
C LEU L 17 16.07 -5.02 28.79
N CYS L 18 16.50 -5.83 29.76
CA CYS L 18 16.05 -7.20 29.91
C CYS L 18 15.38 -7.36 31.27
N THR L 19 14.11 -7.79 31.27
CA THR L 19 13.32 -7.82 32.49
C THR L 19 13.65 -9.03 33.38
N GLN L 20 14.18 -10.10 32.79
CA GLN L 20 14.42 -11.39 33.47
C GLN L 20 13.19 -11.79 34.30
N LYS L 21 12.01 -11.71 33.66
CA LYS L 21 10.74 -12.01 34.31
C LYS L 21 10.52 -13.52 34.39
N TYR L 22 10.93 -14.26 33.37
CA TYR L 22 10.89 -15.71 33.38
C TYR L 22 12.26 -16.36 33.31
N THR L 23 13.23 -15.74 32.64
CA THR L 23 14.51 -16.34 32.36
C THR L 23 15.63 -15.40 32.78
N LYS L 24 16.73 -15.99 33.23
CA LYS L 24 17.97 -15.27 33.45
C LYS L 24 19.06 -15.84 32.55
N VAL L 25 20.01 -14.99 32.19
CA VAL L 25 21.14 -15.37 31.35
C VAL L 25 22.39 -15.30 32.21
N TYR L 26 23.24 -16.32 32.10
CA TYR L 26 24.53 -16.34 32.78
C TYR L 26 25.62 -16.68 31.78
N ALA L 27 26.83 -16.27 32.10
CA ALA L 27 28.02 -16.63 31.35
C ALA L 27 29.09 -17.08 32.34
N GLU L 28 30.15 -17.69 31.81
CA GLU L 28 31.25 -18.03 32.68
C GLU L 28 31.84 -16.77 33.32
N ASP L 29 32.46 -16.97 34.47
CA ASP L 29 33.10 -15.89 35.20
C ASP L 29 34.05 -15.10 34.30
N LYS L 30 34.10 -13.78 34.52
CA LYS L 30 34.94 -12.91 33.70
C LYS L 30 36.40 -13.38 33.68
N GLU L 31 36.90 -13.84 34.83
CA GLU L 31 38.28 -14.35 34.88
C GLU L 31 38.47 -15.54 33.96
N LYS L 32 37.42 -16.33 33.74
CA LYS L 32 37.52 -17.51 32.90
C LYS L 32 37.33 -17.19 31.41
N TRP L 33 37.15 -15.93 31.05
CA TRP L 33 36.94 -15.59 29.64
C TRP L 33 38.22 -15.85 28.85
N LYS L 34 38.10 -16.64 27.79
CA LYS L 34 39.18 -16.80 26.85
C LYS L 34 38.88 -15.92 25.63
N PHE L 35 39.94 -15.35 25.04
CA PHE L 35 39.84 -14.56 23.81
C PHE L 35 39.03 -13.27 24.00
N ASN L 36 39.03 -12.73 25.22
CA ASN L 36 38.46 -11.41 25.52
C ASN L 36 36.94 -11.37 25.52
N ALA L 37 36.26 -12.52 25.60
CA ALA L 37 34.81 -12.52 25.57
C ALA L 37 34.27 -13.72 26.34
N PRO L 38 33.04 -13.63 26.85
CA PRO L 38 32.39 -14.84 27.37
C PRO L 38 31.97 -15.76 26.24
N HIS L 39 32.07 -17.07 26.47
CA HIS L 39 31.76 -18.03 25.44
C HIS L 39 30.73 -19.08 25.84
N HIS L 40 30.39 -19.22 27.12
CA HIS L 40 29.59 -20.33 27.62
C HIS L 40 28.38 -19.77 28.35
N PHE L 41 27.26 -19.66 27.65
CA PHE L 41 26.07 -19.00 28.17
C PHE L 41 25.01 -20.03 28.55
N ILE L 42 24.27 -19.72 29.60
CA ILE L 42 23.13 -20.51 30.05
C ILE L 42 21.92 -19.61 30.16
N VAL L 43 20.79 -20.08 29.65
CA VAL L 43 19.48 -19.54 30.00
C VAL L 43 18.88 -20.46 31.03
N GLY L 44 18.49 -19.88 32.17
CA GLY L 44 17.87 -20.65 33.24
C GLY L 44 16.59 -19.98 33.70
N LYS L 45 15.75 -20.78 34.36
CA LYS L 45 14.50 -20.26 34.93
C LYS L 45 14.81 -19.30 36.06
N ALA L 46 14.19 -18.12 36.03
CA ALA L 46 14.48 -17.10 37.01
C ALA L 46 14.00 -17.50 38.41
N ASP L 47 12.90 -18.19 38.50
CA ASP L 47 12.43 -18.59 39.78
C ASP L 47 13.08 -19.85 40.15
N CYS L 48 14.32 -19.75 40.58
CA CYS L 48 14.97 -20.96 41.05
C CYS L 48 15.51 -20.79 42.41
N GLU L 49 15.82 -21.91 43.03
CA GLU L 49 16.37 -21.87 44.35
C GLU L 49 17.66 -21.10 44.37
N ASP L 50 17.89 -20.42 45.47
CA ASP L 50 19.06 -19.61 45.57
C ASP L 50 20.33 -20.38 45.49
N GLU L 51 21.33 -19.83 44.82
CA GLU L 51 22.62 -20.48 44.60
C GLU L 51 22.59 -21.56 43.54
N TYR L 52 21.53 -21.58 42.77
CA TYR L 52 21.38 -22.59 41.76
C TYR L 52 20.99 -21.99 40.45
N ILE L 53 21.16 -22.72 39.35
CA ILE L 53 20.71 -22.29 38.05
C ILE L 53 19.80 -23.39 37.59
N GLU L 54 18.67 -23.07 36.97
CA GLU L 54 17.77 -24.07 36.41
C GLU L 54 17.93 -23.97 34.89
N PRO L 55 18.98 -24.58 34.27
CA PRO L 55 19.20 -24.35 32.85
C PRO L 55 18.03 -24.83 32.00
N ILE L 56 17.51 -23.91 31.21
CA ILE L 56 16.64 -24.23 30.09
C ILE L 56 17.46 -24.52 28.85
N GLU L 57 18.55 -23.79 28.65
CA GLU L 57 19.31 -23.93 27.41
C GLU L 57 20.76 -23.55 27.63
N TYR L 58 21.65 -24.26 26.93
CA TYR L 58 23.06 -23.93 26.91
C TYR L 58 23.41 -23.47 25.51
N VAL L 59 24.28 -22.51 25.40
CA VAL L 59 24.71 -21.99 24.13
C VAL L 59 26.18 -21.71 24.21
N ASN L 60 26.94 -22.46 23.45
CA ASN L 60 28.35 -22.27 23.47
C ASN L 60 28.87 -21.69 22.22
N PHE L 61 29.57 -20.59 22.36
CA PHE L 61 30.10 -19.89 21.25
C PHE L 61 31.48 -20.28 20.85
N GLN L 62 31.80 -19.96 19.64
CA GLN L 62 33.08 -20.27 19.12
C GLN L 62 34.20 -19.64 19.86
N GLU L 63 35.12 -20.46 20.35
CA GLU L 63 36.24 -19.99 21.06
C GLU L 63 37.38 -20.13 20.15
N GLY L 64 37.98 -19.02 19.82
CA GLY L 64 39.10 -19.03 18.96
C GLY L 64 38.81 -18.67 17.56
N PRO L 65 39.69 -17.88 16.95
CA PRO L 65 39.54 -17.51 15.55
C PRO L 65 39.54 -18.75 14.72
N ILE L 66 38.62 -18.88 13.79
CA ILE L 66 38.41 -20.13 13.09
C ILE L 66 39.56 -20.59 12.28
N LYS L 67 40.20 -19.66 11.62
CA LYS L 67 41.27 -20.02 10.72
C LYS L 67 42.39 -20.69 11.47
N GLU L 68 42.66 -20.21 12.67
CA GLU L 68 43.68 -20.83 13.48
C GLU L 68 43.22 -21.89 14.45
N TYR L 69 41.92 -22.17 14.57
CA TYR L 69 41.43 -23.08 15.61
C TYR L 69 40.40 -24.11 15.19
N GLY L 70 39.63 -23.87 14.15
CA GLY L 70 38.54 -24.68 13.66
C GLY L 70 37.20 -24.16 14.13
N ILE L 71 36.17 -24.98 13.89
CA ILE L 71 34.78 -24.61 14.15
C ILE L 71 34.31 -25.41 15.36
N ASN L 72 34.18 -24.73 16.50
CA ASN L 72 33.86 -25.39 17.76
C ASN L 72 32.69 -24.74 18.50
N GLY L 73 32.00 -23.78 17.89
CA GLY L 73 30.88 -23.14 18.55
C GLY L 73 30.09 -22.30 17.56
N VAL L 74 29.01 -21.71 18.06
CA VAL L 74 28.15 -20.86 17.23
C VAL L 74 28.72 -19.45 17.17
N ASN L 75 28.26 -18.68 16.20
CA ASN L 75 28.60 -17.28 16.10
C ASN L 75 27.37 -16.42 16.33
N ASN L 76 27.61 -15.14 16.64
CA ASN L 76 26.53 -14.18 16.83
C ASN L 76 25.52 -14.23 15.70
N GLU L 77 26.03 -14.27 14.47
CA GLU L 77 25.17 -14.24 13.30
C GLU L 77 24.16 -15.37 13.32
N ASP L 78 24.56 -16.54 13.83
CA ASP L 78 23.64 -17.67 13.90
C ASP L 78 22.40 -17.34 14.75
N LEU L 79 22.62 -16.78 15.94
CA LEU L 79 21.49 -16.52 16.81
C LEU L 79 20.64 -15.37 16.28
N ILE L 80 21.28 -14.31 15.77
CA ILE L 80 20.50 -13.23 15.15
C ILE L 80 19.65 -13.78 14.01
N LEU L 81 20.19 -14.73 13.25
CA LEU L 81 19.43 -15.31 12.14
C LEU L 81 18.23 -16.09 12.65
N MET L 82 18.41 -16.84 13.74
CA MET L 82 17.29 -17.53 14.36
C MET L 82 16.20 -16.55 14.75
N VAL L 83 16.60 -15.45 15.40
CA VAL L 83 15.62 -14.48 15.89
C VAL L 83 14.86 -13.86 14.71
N ILE L 84 15.58 -13.47 13.66
CA ILE L 84 14.95 -12.91 12.48
C ILE L 84 13.96 -13.89 11.89
N THR L 85 14.34 -15.18 11.83
CA THR L 85 13.47 -16.17 11.23
C THR L 85 12.18 -16.32 12.01
N ARG L 86 12.29 -16.39 13.34
CA ARG L 86 11.09 -16.54 14.17
C ARG L 86 10.21 -15.30 14.09
N LEU L 87 10.81 -14.12 14.12
CA LEU L 87 10.02 -12.89 14.03
C LEU L 87 9.31 -12.79 12.67
N GLN L 88 9.96 -13.24 11.60
CA GLN L 88 9.32 -13.21 10.30
C GLN L 88 8.16 -14.19 10.25
N ALA L 89 8.30 -15.35 10.89
CA ALA L 89 7.15 -16.24 11.02
C ALA L 89 6.02 -15.56 11.80
N PHE L 90 6.37 -14.80 12.83
CA PHE L 90 5.33 -14.14 13.62
C PHE L 90 4.58 -13.10 12.81
N GLN L 91 5.29 -12.37 11.95
CA GLN L 91 4.66 -11.42 11.05
C GLN L 91 3.72 -12.12 10.07
N ASP L 92 3.89 -13.42 9.87
CA ASP L 92 3.02 -14.22 9.04
C ASP L 92 1.99 -14.97 9.89
N SER L 93 1.32 -14.27 10.80
CA SER L 93 0.45 -14.91 11.77
C SER L 93 -0.45 -13.84 12.38
N PRO L 94 -1.49 -14.21 13.16
CA PRO L 94 -2.33 -13.18 13.77
C PRO L 94 -1.57 -12.24 14.67
N TYR L 95 -0.32 -12.54 14.98
CA TYR L 95 0.49 -11.75 15.89
C TYR L 95 1.33 -10.71 15.16
N LYS L 96 1.13 -10.58 13.85
CA LYS L 96 1.83 -9.56 13.09
C LYS L 96 1.65 -8.21 13.79
N CYS L 97 2.73 -7.44 13.86
CA CYS L 97 2.65 -6.16 14.55
C CYS L 97 3.86 -5.32 14.21
N ARG L 98 3.68 -4.01 14.33
CA ARG L 98 4.69 -3.05 13.92
C ARG L 98 6.00 -3.23 14.70
N GLU L 99 5.90 -3.54 16.00
CA GLU L 99 7.11 -3.69 16.81
C GLU L 99 7.99 -4.82 16.29
N ASN L 100 7.39 -5.95 15.91
CA ASN L 100 8.17 -7.02 15.29
C ASN L 100 8.87 -6.53 14.03
N ALA L 101 8.15 -5.77 13.19
CA ALA L 101 8.74 -5.27 11.96
C ALA L 101 9.96 -4.40 12.26
N MET L 102 9.86 -3.55 13.28
CA MET L 102 11.00 -2.71 13.63
C MET L 102 12.15 -3.59 14.14
N ALA L 103 11.83 -4.57 14.98
CA ALA L 103 12.89 -5.42 15.53
C ALA L 103 13.58 -6.19 14.41
N ILE L 104 12.82 -6.66 13.43
CA ILE L 104 13.39 -7.35 12.28
C ILE L 104 14.32 -6.43 11.52
N THR L 105 13.88 -5.20 11.27
CA THR L 105 14.75 -4.24 10.59
C THR L 105 16.04 -4.04 11.37
N LYS L 106 15.94 -3.90 12.70
CA LYS L 106 17.13 -3.69 13.50
C LYS L 106 18.07 -4.88 13.43
N LEU L 107 17.53 -6.10 13.49
CA LEU L 107 18.38 -7.29 13.47
C LEU L 107 19.06 -7.45 12.12
N GLN L 108 18.32 -7.22 11.04
CA GLN L 108 18.95 -7.22 9.73
C GLN L 108 20.05 -6.17 9.65
N GLU L 109 19.82 -4.98 10.22
CA GLU L 109 20.87 -3.96 10.12
C GLU L 109 22.09 -4.35 10.96
N CYS L 110 21.86 -5.00 12.09
CA CYS L 110 22.95 -5.56 12.87
C CYS L 110 23.77 -6.56 12.03
N LEU L 111 23.07 -7.46 11.31
CA LEU L 111 23.79 -8.39 10.45
C LEU L 111 24.57 -7.65 9.38
N MET L 112 23.99 -6.60 8.81
CA MET L 112 24.68 -5.83 7.79
C MET L 112 25.95 -5.19 8.36
N TRP L 113 25.92 -4.74 9.62
CA TRP L 113 27.08 -4.05 10.19
C TRP L 113 28.19 -5.04 10.56
N LEU L 114 27.83 -6.13 11.24
CA LEU L 114 28.78 -7.22 11.44
C LEU L 114 29.37 -7.67 10.10
N GLY L 115 28.51 -7.76 9.07
CA GLY L 115 28.99 -8.21 7.78
C GLY L 115 29.91 -7.23 7.10
N LYS L 116 29.68 -5.92 7.31
CA LYS L 116 30.64 -4.96 6.80
C LYS L 116 31.99 -5.16 7.43
N ARG L 117 32.10 -5.62 8.67
CA ARG L 117 33.42 -5.86 9.23
C ARG L 117 34.08 -7.05 8.59
N THR L 118 33.33 -8.10 8.38
CA THR L 118 33.84 -9.28 7.78
C THR L 118 34.36 -9.01 6.38
N LEU L 119 33.67 -8.23 5.60
CA LEU L 119 34.08 -7.86 4.28
C LEU L 119 35.32 -7.04 4.22
N ASP L 120 35.43 -6.07 5.10
CA ASP L 120 36.62 -5.26 5.18
C ASP L 120 37.78 -6.13 5.59
N ARG L 121 37.57 -7.06 6.49
CA ARG L 121 38.61 -7.97 6.88
C ARG L 121 39.00 -8.87 5.72
N GLU L 122 38.04 -9.27 4.92
CA GLU L 122 38.31 -10.09 3.75
C GLU L 122 39.08 -9.38 2.68
N VAL L 123 38.83 -8.10 2.49
CA VAL L 123 39.62 -7.35 1.54
C VAL L 123 41.04 -7.35 2.05
N LYS L 124 41.22 -7.20 3.34
CA LYS L 124 42.53 -7.28 3.94
C LYS L 124 43.12 -8.68 3.96
N GLY L 125 42.30 -9.71 3.95
CA GLY L 125 42.80 -11.06 4.03
C GLY L 125 42.85 -11.59 5.43
N ILE L 126 42.40 -10.81 6.39
CA ILE L 126 42.51 -11.20 7.79
C ILE L 126 41.35 -11.88 8.48
N GLU L 127 40.30 -12.20 7.76
CA GLU L 127 39.13 -12.75 8.43
C GLU L 127 39.46 -14.08 8.97
N GLY L 128 39.03 -14.35 10.17
CA GLY L 128 39.24 -15.64 10.77
C GLY L 128 40.53 -15.67 11.50
N THR L 129 41.24 -14.58 11.48
CA THR L 129 42.50 -14.56 12.14
C THR L 129 42.46 -13.72 13.36
N SER L 130 43.60 -13.61 13.99
CA SER L 130 43.71 -12.76 15.18
C SER L 130 44.20 -11.36 14.83
N GLU L 131 44.45 -11.08 13.55
CA GLU L 131 45.07 -9.82 13.18
C GLU L 131 44.03 -8.70 13.21
N ILE L 132 44.25 -7.74 14.09
CA ILE L 132 43.48 -6.50 14.17
C ILE L 132 43.29 -5.83 12.80
#